data_2JRS
#
_entry.id   2JRS
#
_entity_poly.entity_id   1
_entity_poly.type   'polypeptide(L)'
_entity_poly.pdbx_seq_one_letter_code
;MGHHHHHHSHMAAAMANNLQKGSAGPMRLYVGSLHFNITEDMLRGIFEPFGRIESIQLMMDSETGRSKGYGFITFSDSEC
AKKALEQLNGFELAGRPMKVGHVTERTD
;
_entity_poly.pdbx_strand_id   A
#
# COMPACT_ATOMS: atom_id res chain seq x y z
N MET A 1 26.42 -20.02 -3.48
CA MET A 1 27.75 -20.04 -2.80
C MET A 1 28.09 -18.66 -2.21
N GLY A 2 28.36 -17.68 -3.08
CA GLY A 2 28.60 -16.32 -2.62
C GLY A 2 27.31 -15.53 -2.45
N HIS A 3 27.30 -14.28 -2.93
CA HIS A 3 26.11 -13.42 -2.88
C HIS A 3 25.63 -13.16 -1.43
N HIS A 4 26.17 -12.11 -0.83
CA HIS A 4 25.87 -11.77 0.57
C HIS A 4 24.44 -11.26 0.76
N HIS A 5 23.70 -11.88 1.66
CA HIS A 5 22.34 -11.44 2.02
C HIS A 5 22.31 -10.95 3.47
N HIS A 6 22.16 -9.65 3.66
CA HIS A 6 22.19 -9.05 5.00
C HIS A 6 21.54 -7.65 5.01
N HIS A 7 20.37 -7.54 5.64
CA HIS A 7 19.66 -6.27 5.74
C HIS A 7 19.46 -5.85 7.21
N HIS A 8 20.05 -6.62 8.13
CA HIS A 8 20.01 -6.31 9.56
C HIS A 8 20.63 -4.94 9.84
N SER A 9 21.44 -4.47 8.91
CA SER A 9 21.99 -3.11 8.97
C SER A 9 20.87 -2.08 8.73
N HIS A 10 20.36 -1.51 9.82
CA HIS A 10 19.26 -0.55 9.76
C HIS A 10 19.60 0.65 8.84
N MET A 11 19.15 0.56 7.58
CA MET A 11 19.37 1.61 6.58
C MET A 11 20.86 1.71 6.15
N ALA A 12 21.13 2.65 5.23
CA ALA A 12 22.48 2.88 4.68
C ALA A 12 22.93 1.75 3.72
N ALA A 13 22.85 0.50 4.16
CA ALA A 13 23.24 -0.65 3.33
C ALA A 13 22.46 -0.72 2.01
N ALA A 14 21.18 -0.33 2.04
CA ALA A 14 20.34 -0.32 0.84
C ALA A 14 20.77 0.77 -0.15
N MET A 15 20.70 2.03 0.29
CA MET A 15 21.14 3.15 -0.55
C MET A 15 22.64 3.41 -0.36
N ALA A 16 23.46 2.68 -1.12
CA ALA A 16 24.92 2.78 -1.03
C ALA A 16 25.55 3.23 -2.36
N ASN A 17 24.90 2.89 -3.47
CA ASN A 17 25.40 3.26 -4.80
C ASN A 17 25.06 4.72 -5.13
N ASN A 18 26.07 5.51 -5.50
CA ASN A 18 25.89 6.94 -5.77
C ASN A 18 24.94 7.22 -6.94
N LEU A 19 24.82 6.26 -7.87
CA LEU A 19 23.93 6.42 -9.03
C LEU A 19 22.57 5.76 -8.79
N GLN A 20 22.50 4.86 -7.81
CA GLN A 20 21.28 4.11 -7.47
C GLN A 20 20.77 3.32 -8.69
N LYS A 21 21.25 2.07 -8.82
CA LYS A 21 21.01 1.25 -10.02
C LYS A 21 19.51 0.99 -10.26
N GLY A 22 18.74 0.84 -9.20
CA GLY A 22 17.31 0.60 -9.32
C GLY A 22 16.49 1.24 -8.20
N SER A 23 15.27 0.77 -8.00
CA SER A 23 14.36 1.29 -6.96
C SER A 23 13.89 2.72 -7.29
N ALA A 24 13.30 3.39 -6.29
CA ALA A 24 12.86 4.80 -6.40
C ALA A 24 11.61 4.99 -7.30
N GLY A 25 11.22 3.95 -8.04
CA GLY A 25 10.04 4.06 -8.92
C GLY A 25 8.71 3.83 -8.18
N PRO A 26 8.12 2.62 -8.29
CA PRO A 26 6.88 2.27 -7.58
C PRO A 26 7.10 1.96 -6.09
N MET A 27 6.02 1.98 -5.31
CA MET A 27 6.09 1.75 -3.87
C MET A 27 4.81 1.07 -3.34
N ARG A 28 4.98 0.14 -2.39
CA ARG A 28 3.83 -0.59 -1.82
C ARG A 28 3.66 -0.28 -0.33
N LEU A 29 2.45 0.10 0.07
CA LEU A 29 2.14 0.48 1.45
C LEU A 29 1.39 -0.63 2.21
N TYR A 30 1.61 -0.70 3.52
CA TYR A 30 0.91 -1.65 4.39
C TYR A 30 -0.13 -0.92 5.25
N VAL A 31 -1.42 -1.11 4.92
CA VAL A 31 -2.51 -0.42 5.64
C VAL A 31 -3.27 -1.38 6.56
N GLY A 32 -3.38 -1.03 7.84
CA GLY A 32 -4.08 -1.87 8.82
C GLY A 32 -5.16 -1.13 9.61
N SER A 33 -6.41 -1.24 9.17
CA SER A 33 -7.56 -0.65 9.90
C SER A 33 -8.90 -1.25 9.40
N LEU A 34 -8.83 -2.33 8.63
CA LEU A 34 -10.01 -2.88 7.95
C LEU A 34 -10.83 -3.79 8.87
N HIS A 35 -11.67 -3.23 9.73
CA HIS A 35 -12.48 -4.06 10.64
C HIS A 35 -13.72 -4.65 9.95
N PHE A 36 -13.48 -5.62 9.06
CA PHE A 36 -14.54 -6.41 8.42
C PHE A 36 -15.53 -5.57 7.56
N ASN A 37 -15.25 -4.29 7.31
CA ASN A 37 -16.20 -3.47 6.54
C ASN A 37 -15.52 -2.46 5.60
N ILE A 38 -14.20 -2.30 5.71
CA ILE A 38 -13.47 -1.36 4.85
C ILE A 38 -12.99 -2.07 3.57
N THR A 39 -13.55 -1.67 2.43
CA THR A 39 -13.28 -2.34 1.15
C THR A 39 -12.18 -1.65 0.34
N GLU A 40 -11.76 -2.32 -0.73
CA GLU A 40 -10.75 -1.80 -1.67
C GLU A 40 -11.13 -0.39 -2.19
N ASP A 41 -12.40 -0.24 -2.55
CA ASP A 41 -12.90 1.02 -3.12
C ASP A 41 -12.82 2.19 -2.12
N MET A 42 -13.12 1.91 -0.84
CA MET A 42 -13.05 2.93 0.20
C MET A 42 -11.61 3.46 0.35
N LEU A 43 -10.68 2.52 0.54
CA LEU A 43 -9.26 2.84 0.63
C LEU A 43 -8.79 3.62 -0.60
N ARG A 44 -9.03 3.06 -1.78
CA ARG A 44 -8.63 3.69 -3.04
C ARG A 44 -9.19 5.12 -3.16
N GLY A 45 -10.47 5.28 -2.81
CA GLY A 45 -11.11 6.60 -2.87
C GLY A 45 -10.45 7.64 -1.99
N ILE A 46 -9.85 7.20 -0.88
CA ILE A 46 -9.12 8.11 0.02
C ILE A 46 -7.67 8.36 -0.46
N PHE A 47 -7.05 7.35 -1.06
CA PHE A 47 -5.63 7.42 -1.47
C PHE A 47 -5.43 8.07 -2.85
N GLU A 48 -6.38 7.90 -3.78
CA GLU A 48 -6.24 8.45 -5.15
C GLU A 48 -6.14 10.00 -5.18
N PRO A 49 -6.85 10.75 -4.31
CA PRO A 49 -6.64 12.20 -4.16
C PRO A 49 -5.15 12.60 -4.09
N PHE A 50 -4.31 11.67 -3.62
CA PHE A 50 -2.85 11.86 -3.62
C PHE A 50 -2.25 11.58 -5.00
N GLY A 51 -2.65 10.45 -5.60
CA GLY A 51 -2.14 10.08 -6.92
C GLY A 51 -3.01 9.04 -7.62
N ARG A 52 -2.57 7.78 -7.61
CA ARG A 52 -3.30 6.70 -8.26
C ARG A 52 -2.79 5.33 -7.79
N ILE A 53 -3.69 4.35 -7.69
CA ILE A 53 -3.32 2.99 -7.24
C ILE A 53 -3.36 1.99 -8.40
N GLU A 54 -2.29 1.20 -8.55
CA GLU A 54 -2.22 0.18 -9.60
C GLU A 54 -2.99 -1.08 -9.21
N SER A 55 -2.74 -1.58 -8.00
CA SER A 55 -3.44 -2.78 -7.50
C SER A 55 -3.56 -2.76 -5.97
N ILE A 56 -4.68 -3.27 -5.46
CA ILE A 56 -4.91 -3.36 -4.01
C ILE A 56 -5.03 -4.83 -3.57
N GLN A 57 -4.08 -5.27 -2.75
CA GLN A 57 -4.06 -6.65 -2.24
C GLN A 57 -4.39 -6.69 -0.74
N LEU A 58 -5.60 -7.13 -0.41
CA LEU A 58 -6.04 -7.16 0.99
C LEU A 58 -5.87 -8.55 1.59
N MET A 59 -5.57 -8.62 2.88
CA MET A 59 -5.41 -9.90 3.58
C MET A 59 -6.73 -10.31 4.24
N MET A 60 -7.35 -11.35 3.71
CA MET A 60 -8.68 -11.77 4.18
C MET A 60 -8.72 -13.26 4.51
N ASP A 61 -9.46 -13.61 5.55
CA ASP A 61 -9.61 -15.01 5.96
C ASP A 61 -10.39 -15.81 4.90
N SER A 62 -9.66 -16.37 3.92
CA SER A 62 -10.28 -17.25 2.92
C SER A 62 -10.96 -18.46 3.58
N GLU A 63 -10.63 -18.67 4.87
CA GLU A 63 -11.22 -19.74 5.67
C GLU A 63 -12.75 -19.58 5.79
N THR A 64 -13.20 -18.33 5.97
CA THR A 64 -14.64 -18.06 6.17
C THR A 64 -15.13 -16.90 5.27
N GLY A 65 -14.21 -16.23 4.59
CA GLY A 65 -14.56 -15.13 3.71
C GLY A 65 -14.73 -13.79 4.44
N ARG A 66 -13.73 -13.40 5.22
CA ARG A 66 -13.77 -12.12 5.96
C ARG A 66 -12.43 -11.38 5.88
N SER A 67 -12.43 -10.08 6.16
CA SER A 67 -11.18 -9.28 6.14
C SER A 67 -10.42 -9.38 7.47
N LYS A 68 -9.13 -9.71 7.41
CA LYS A 68 -8.32 -9.88 8.63
C LYS A 68 -8.03 -8.54 9.32
N GLY A 69 -7.93 -7.46 8.54
CA GLY A 69 -7.72 -6.14 9.12
C GLY A 69 -6.64 -5.31 8.42
N TYR A 70 -5.81 -5.96 7.60
CA TYR A 70 -4.69 -5.27 6.94
C TYR A 70 -4.55 -5.68 5.47
N GLY A 71 -4.04 -4.76 4.64
CA GLY A 71 -3.80 -5.03 3.23
C GLY A 71 -2.65 -4.22 2.64
N PHE A 72 -2.07 -4.69 1.54
CA PHE A 72 -0.99 -3.99 0.85
C PHE A 72 -1.51 -3.25 -0.41
N ILE A 73 -1.24 -1.94 -0.48
CA ILE A 73 -1.66 -1.12 -1.62
C ILE A 73 -0.45 -0.66 -2.45
N THR A 74 -0.45 -0.98 -3.74
CA THR A 74 0.69 -0.67 -4.61
C THR A 74 0.47 0.60 -5.46
N PHE A 75 1.34 1.59 -5.26
CA PHE A 75 1.35 2.82 -6.07
C PHE A 75 2.44 2.79 -7.15
N SER A 76 2.18 3.49 -8.25
CA SER A 76 3.18 3.62 -9.33
C SER A 76 4.24 4.68 -8.97
N ASP A 77 3.84 5.67 -8.17
CA ASP A 77 4.74 6.75 -7.77
C ASP A 77 5.15 6.62 -6.28
N SER A 78 6.45 6.43 -6.04
CA SER A 78 6.99 6.26 -4.67
C SER A 78 6.70 7.49 -3.79
N GLU A 79 7.08 8.67 -4.28
CA GLU A 79 6.89 9.93 -3.52
C GLU A 79 5.41 10.11 -3.12
N CYS A 80 4.51 9.85 -4.05
CA CYS A 80 3.06 9.94 -3.80
C CYS A 80 2.62 8.94 -2.72
N ALA A 81 3.09 7.70 -2.82
CA ALA A 81 2.81 6.67 -1.82
C ALA A 81 3.34 7.07 -0.44
N LYS A 82 4.57 7.59 -0.41
CA LYS A 82 5.20 8.07 0.82
C LYS A 82 4.39 9.22 1.44
N LYS A 83 3.86 10.09 0.58
CA LYS A 83 3.01 11.20 1.01
C LYS A 83 1.70 10.67 1.62
N ALA A 84 1.05 9.73 0.94
CA ALA A 84 -0.16 9.09 1.45
C ALA A 84 0.09 8.47 2.82
N LEU A 85 1.18 7.71 2.93
CA LEU A 85 1.62 7.15 4.22
C LEU A 85 1.79 8.26 5.26
N GLU A 86 2.54 9.29 4.89
CA GLU A 86 2.92 10.37 5.80
C GLU A 86 1.72 11.16 6.36
N GLN A 87 0.65 11.28 5.57
CA GLN A 87 -0.55 12.01 6.00
C GLN A 87 -1.62 11.09 6.61
N LEU A 88 -1.77 9.89 6.06
CA LEU A 88 -2.87 8.99 6.46
C LEU A 88 -2.52 8.10 7.67
N ASN A 89 -1.23 7.92 7.94
CA ASN A 89 -0.82 7.15 9.12
C ASN A 89 -1.28 7.84 10.41
N GLY A 90 -2.32 7.29 11.03
CA GLY A 90 -2.90 7.88 12.25
C GLY A 90 -4.30 8.43 12.02
N PHE A 91 -4.74 8.47 10.76
CA PHE A 91 -6.08 8.96 10.40
C PHE A 91 -7.19 8.01 10.88
N GLU A 92 -8.21 8.57 11.55
CA GLU A 92 -9.37 7.78 11.98
C GLU A 92 -10.46 7.75 10.90
N LEU A 93 -10.56 6.62 10.21
CA LEU A 93 -11.60 6.45 9.17
C LEU A 93 -12.91 5.91 9.77
N ALA A 94 -12.87 4.67 10.21
CA ALA A 94 -14.05 4.01 10.78
C ALA A 94 -14.02 4.05 12.32
N GLY A 95 -13.71 5.22 12.88
CA GLY A 95 -13.58 5.33 14.34
C GLY A 95 -12.36 4.59 14.88
N ARG A 96 -11.37 4.43 14.02
CA ARG A 96 -10.16 3.66 14.33
C ARG A 96 -8.97 4.21 13.52
N PRO A 97 -7.81 4.42 14.18
CA PRO A 97 -6.60 4.94 13.52
C PRO A 97 -6.15 4.11 12.29
N MET A 98 -5.51 4.78 11.35
CA MET A 98 -5.04 4.16 10.11
C MET A 98 -3.54 3.81 10.21
N LYS A 99 -3.23 2.52 10.32
CA LYS A 99 -1.83 2.09 10.42
C LYS A 99 -1.22 1.85 9.03
N VAL A 100 -0.45 2.83 8.55
CA VAL A 100 0.18 2.74 7.23
C VAL A 100 1.72 2.75 7.33
N GLY A 101 2.34 1.60 7.09
CA GLY A 101 3.80 1.51 7.11
C GLY A 101 4.40 1.04 5.78
N HIS A 102 5.65 1.39 5.51
CA HIS A 102 6.30 1.02 4.23
C HIS A 102 6.84 -0.43 4.24
N VAL A 103 6.01 -1.36 4.72
CA VAL A 103 6.30 -2.80 4.68
C VAL A 103 7.63 -3.19 5.39
N THR A 104 8.75 -2.97 4.72
CA THR A 104 10.06 -3.42 5.21
C THR A 104 10.74 -2.38 6.12
N GLU A 105 11.19 -2.84 7.29
CA GLU A 105 11.96 -2.01 8.23
C GLU A 105 13.06 -2.84 8.93
N ARG A 106 12.66 -3.98 9.48
CA ARG A 106 13.58 -4.86 10.22
C ARG A 106 13.45 -6.32 9.74
N THR A 107 13.46 -6.51 8.42
CA THR A 107 13.29 -7.85 7.82
C THR A 107 14.32 -8.87 8.31
N ASP A 108 15.60 -8.62 8.00
CA ASP A 108 16.70 -9.53 8.37
C ASP A 108 17.02 -9.44 9.87
N MET A 1 3.59 -18.63 -14.52
CA MET A 1 3.86 -19.07 -13.12
C MET A 1 2.56 -19.45 -12.39
N GLY A 2 1.57 -18.55 -12.46
CA GLY A 2 0.28 -18.81 -11.83
C GLY A 2 0.35 -18.91 -10.32
N HIS A 3 1.20 -18.07 -9.70
CA HIS A 3 1.45 -18.11 -8.25
C HIS A 3 2.08 -19.44 -7.81
N HIS A 4 2.69 -19.46 -6.62
CA HIS A 4 3.26 -20.69 -6.07
C HIS A 4 3.02 -20.78 -4.55
N HIS A 5 1.86 -20.31 -4.12
CA HIS A 5 1.52 -20.27 -2.69
C HIS A 5 1.21 -21.68 -2.15
N HIS A 6 2.24 -22.50 -2.02
CA HIS A 6 2.10 -23.87 -1.51
C HIS A 6 3.17 -24.18 -0.45
N HIS A 7 3.71 -23.11 0.18
CA HIS A 7 4.73 -23.19 1.25
C HIS A 7 5.99 -24.00 0.87
N HIS A 8 7.15 -23.41 1.13
CA HIS A 8 8.44 -24.10 0.92
C HIS A 8 9.55 -23.44 1.77
N SER A 9 10.79 -23.85 1.54
CA SER A 9 11.95 -23.34 2.32
C SER A 9 12.01 -21.81 2.36
N HIS A 10 11.86 -21.24 3.56
CA HIS A 10 11.98 -19.80 3.76
C HIS A 10 13.31 -19.45 4.44
N MET A 11 13.70 -18.17 4.36
CA MET A 11 14.91 -17.66 5.03
C MET A 11 16.21 -18.21 4.41
N ALA A 12 16.08 -19.04 3.37
CA ALA A 12 17.24 -19.59 2.67
C ALA A 12 17.79 -18.61 1.63
N ALA A 13 19.03 -18.18 1.83
CA ALA A 13 19.70 -17.21 0.94
C ALA A 13 19.04 -15.80 0.98
N ALA A 14 19.84 -14.79 1.28
CA ALA A 14 19.35 -13.41 1.32
C ALA A 14 20.45 -12.39 0.93
N MET A 15 21.52 -12.89 0.30
CA MET A 15 22.68 -12.05 -0.05
C MET A 15 22.44 -11.25 -1.33
N ALA A 16 22.83 -9.97 -1.31
CA ALA A 16 22.65 -9.07 -2.46
C ALA A 16 21.17 -8.88 -2.82
N ASN A 17 20.48 -8.05 -2.04
CA ASN A 17 19.03 -7.85 -2.21
C ASN A 17 18.72 -6.80 -3.29
N ASN A 18 18.90 -7.19 -4.56
CA ASN A 18 18.57 -6.30 -5.69
C ASN A 18 17.06 -6.28 -5.98
N LEU A 19 16.26 -6.18 -4.92
CA LEU A 19 14.80 -6.14 -5.05
C LEU A 19 14.31 -4.75 -5.49
N GLN A 20 15.18 -3.77 -5.33
CA GLN A 20 14.85 -2.38 -5.69
C GLN A 20 15.32 -2.04 -7.12
N LYS A 21 14.40 -2.08 -8.07
CA LYS A 21 14.70 -1.70 -9.46
C LYS A 21 15.00 -0.19 -9.54
N GLY A 22 14.17 0.60 -8.85
CA GLY A 22 14.38 2.04 -8.78
C GLY A 22 13.69 2.64 -7.54
N SER A 23 14.32 3.64 -6.94
CA SER A 23 13.77 4.28 -5.73
C SER A 23 12.50 5.08 -6.06
N ALA A 24 12.32 5.39 -7.33
CA ALA A 24 11.07 6.00 -7.82
C ALA A 24 10.32 5.04 -8.75
N GLY A 25 9.29 4.38 -8.21
CA GLY A 25 8.50 3.44 -8.99
C GLY A 25 7.32 2.88 -8.21
N PRO A 26 6.70 1.79 -8.69
CA PRO A 26 5.54 1.16 -8.01
C PRO A 26 5.85 0.73 -6.56
N MET A 27 5.40 1.53 -5.59
CA MET A 27 5.67 1.27 -4.16
C MET A 27 4.42 0.69 -3.46
N ARG A 28 4.66 -0.20 -2.50
CA ARG A 28 3.58 -0.89 -1.78
C ARG A 28 3.54 -0.49 -0.30
N LEU A 29 2.37 -0.07 0.18
CA LEU A 29 2.17 0.32 1.58
C LEU A 29 1.41 -0.77 2.36
N TYR A 30 1.70 -0.86 3.65
CA TYR A 30 1.01 -1.77 4.55
C TYR A 30 -0.01 -1.01 5.43
N VAL A 31 -1.29 -1.22 5.17
CA VAL A 31 -2.36 -0.56 5.94
C VAL A 31 -3.11 -1.57 6.83
N GLY A 32 -2.90 -1.50 8.14
CA GLY A 32 -3.54 -2.45 9.06
C GLY A 32 -4.41 -1.80 10.12
N SER A 33 -5.68 -1.59 9.80
CA SER A 33 -6.66 -0.99 10.72
C SER A 33 -8.10 -1.22 10.24
N LEU A 34 -8.32 -2.29 9.46
CA LEU A 34 -9.63 -2.55 8.85
C LEU A 34 -10.55 -3.32 9.80
N HIS A 35 -11.85 -3.01 9.77
CA HIS A 35 -12.84 -3.70 10.62
C HIS A 35 -13.75 -4.64 9.80
N PHE A 36 -13.14 -5.46 8.96
CA PHE A 36 -13.85 -6.49 8.18
C PHE A 36 -14.90 -5.90 7.20
N ASN A 37 -14.91 -4.59 7.04
CA ASN A 37 -15.90 -3.94 6.16
C ASN A 37 -15.29 -2.74 5.40
N ILE A 38 -14.02 -2.88 4.99
CA ILE A 38 -13.34 -1.84 4.21
C ILE A 38 -12.76 -2.44 2.91
N THR A 39 -13.39 -2.14 1.78
CA THR A 39 -12.98 -2.69 0.49
C THR A 39 -11.99 -1.77 -0.25
N GLU A 40 -11.50 -2.26 -1.40
CA GLU A 40 -10.56 -1.50 -2.24
C GLU A 40 -11.12 -0.11 -2.57
N ASP A 41 -12.43 -0.04 -2.76
CA ASP A 41 -13.13 1.20 -3.12
C ASP A 41 -12.87 2.32 -2.11
N MET A 42 -13.09 2.02 -0.82
CA MET A 42 -12.90 3.01 0.25
C MET A 42 -11.43 3.41 0.37
N LEU A 43 -10.55 2.40 0.40
CA LEU A 43 -9.11 2.62 0.46
C LEU A 43 -8.63 3.50 -0.70
N ARG A 44 -9.12 3.22 -1.90
CA ARG A 44 -8.74 3.99 -3.09
C ARG A 44 -9.21 5.44 -2.99
N GLY A 45 -10.46 5.62 -2.57
CA GLY A 45 -11.01 6.97 -2.41
C GLY A 45 -10.21 7.85 -1.47
N ILE A 46 -9.60 7.24 -0.46
CA ILE A 46 -8.77 7.97 0.51
C ILE A 46 -7.31 8.14 0.04
N PHE A 47 -6.72 7.06 -0.49
CA PHE A 47 -5.29 7.03 -0.83
C PHE A 47 -4.96 7.61 -2.23
N GLU A 48 -5.76 7.25 -3.24
CA GLU A 48 -5.44 7.61 -4.65
C GLU A 48 -5.35 9.13 -4.89
N PRO A 49 -6.17 9.98 -4.22
CA PRO A 49 -6.00 11.44 -4.29
C PRO A 49 -4.54 11.91 -4.20
N PHE A 50 -3.70 11.13 -3.50
CA PHE A 50 -2.27 11.46 -3.36
C PHE A 50 -1.46 11.00 -4.58
N GLY A 51 -1.91 9.91 -5.20
CA GLY A 51 -1.22 9.34 -6.34
C GLY A 51 -1.99 8.16 -6.95
N ARG A 52 -2.10 8.14 -8.27
CA ARG A 52 -2.79 7.07 -9.00
C ARG A 52 -2.35 5.67 -8.53
N ILE A 53 -3.32 4.85 -8.13
CA ILE A 53 -3.02 3.52 -7.59
C ILE A 53 -3.10 2.43 -8.67
N GLU A 54 -2.11 1.55 -8.68
CA GLU A 54 -2.02 0.47 -9.66
C GLU A 54 -2.86 -0.75 -9.24
N SER A 55 -2.65 -1.22 -8.02
CA SER A 55 -3.36 -2.41 -7.52
C SER A 55 -3.55 -2.35 -6.00
N ILE A 56 -4.76 -2.63 -5.54
CA ILE A 56 -5.07 -2.70 -4.11
C ILE A 56 -5.32 -4.14 -3.67
N GLN A 57 -4.36 -4.71 -2.93
CA GLN A 57 -4.45 -6.10 -2.48
C GLN A 57 -4.86 -6.18 -1.01
N LEU A 58 -5.99 -6.81 -0.73
CA LEU A 58 -6.42 -7.04 0.66
C LEU A 58 -6.06 -8.46 1.10
N MET A 59 -5.60 -8.59 2.34
CA MET A 59 -5.10 -9.86 2.84
C MET A 59 -6.20 -10.66 3.55
N MET A 60 -6.77 -11.63 2.83
CA MET A 60 -7.81 -12.50 3.37
C MET A 60 -7.21 -13.70 4.12
N ASP A 61 -8.07 -14.59 4.60
CA ASP A 61 -7.64 -15.79 5.32
C ASP A 61 -7.18 -16.89 4.35
N SER A 62 -7.50 -16.72 3.06
CA SER A 62 -7.19 -17.69 2.00
C SER A 62 -7.83 -19.07 2.27
N GLU A 63 -8.82 -19.08 3.16
CA GLU A 63 -9.47 -20.32 3.60
C GLU A 63 -10.96 -20.31 3.25
N THR A 64 -11.69 -19.35 3.81
CA THR A 64 -13.14 -19.21 3.56
C THR A 64 -13.45 -17.95 2.77
N GLY A 65 -12.62 -16.92 2.94
CA GLY A 65 -12.85 -15.64 2.28
C GLY A 65 -13.09 -14.50 3.27
N ARG A 66 -12.36 -14.53 4.38
CA ARG A 66 -12.52 -13.52 5.45
C ARG A 66 -11.29 -12.60 5.52
N SER A 67 -11.46 -11.43 6.11
CA SER A 67 -10.40 -10.42 6.16
C SER A 67 -9.56 -10.55 7.45
N LYS A 68 -8.23 -10.60 7.29
CA LYS A 68 -7.32 -10.66 8.44
C LYS A 68 -7.26 -9.31 9.18
N GLY A 69 -7.54 -8.22 8.47
CA GLY A 69 -7.57 -6.89 9.10
C GLY A 69 -6.64 -5.87 8.44
N TYR A 70 -5.82 -6.30 7.48
CA TYR A 70 -4.89 -5.38 6.80
C TYR A 70 -4.82 -5.63 5.28
N GLY A 71 -4.35 -4.61 4.56
CA GLY A 71 -4.24 -4.68 3.11
C GLY A 71 -2.98 -3.97 2.58
N PHE A 72 -2.48 -4.44 1.43
CA PHE A 72 -1.31 -3.85 0.77
C PHE A 72 -1.71 -3.03 -0.46
N ILE A 73 -1.48 -1.72 -0.43
CA ILE A 73 -1.84 -0.83 -1.55
C ILE A 73 -0.59 -0.41 -2.34
N THR A 74 -0.63 -0.59 -3.66
CA THR A 74 0.51 -0.23 -4.54
C THR A 74 0.22 1.02 -5.40
N PHE A 75 1.05 2.04 -5.23
CA PHE A 75 0.95 3.28 -6.01
C PHE A 75 1.95 3.26 -7.18
N SER A 76 1.64 3.95 -8.27
CA SER A 76 2.51 3.96 -9.45
C SER A 76 3.82 4.72 -9.19
N ASP A 77 3.87 5.46 -8.08
CA ASP A 77 5.07 6.21 -7.71
C ASP A 77 5.41 6.02 -6.22
N SER A 78 6.70 6.16 -5.90
CA SER A 78 7.19 5.94 -4.54
C SER A 78 6.78 7.06 -3.57
N GLU A 79 7.05 8.31 -3.94
CA GLU A 79 6.73 9.45 -3.07
C GLU A 79 5.23 9.76 -3.04
N CYS A 80 4.51 9.34 -4.08
CA CYS A 80 3.03 9.40 -4.05
C CYS A 80 2.50 8.53 -2.90
N ALA A 81 3.09 7.34 -2.75
CA ALA A 81 2.77 6.45 -1.64
C ALA A 81 3.23 7.05 -0.30
N LYS A 82 4.47 7.54 -0.27
CA LYS A 82 5.03 8.19 0.93
C LYS A 82 4.11 9.32 1.45
N LYS A 83 3.67 10.18 0.53
CA LYS A 83 2.79 11.31 0.87
C LYS A 83 1.46 10.81 1.48
N ALA A 84 0.88 9.78 0.87
CA ALA A 84 -0.32 9.14 1.41
C ALA A 84 -0.07 8.59 2.82
N LEU A 85 1.11 8.01 3.01
CA LEU A 85 1.50 7.44 4.31
C LEU A 85 1.53 8.52 5.39
N GLU A 86 2.35 9.54 5.17
CA GLU A 86 2.58 10.60 6.18
C GLU A 86 1.29 11.37 6.55
N GLN A 87 0.31 11.45 5.64
CA GLN A 87 -0.96 12.14 5.93
C GLN A 87 -2.01 11.20 6.52
N LEU A 88 -2.03 9.94 6.07
CA LEU A 88 -3.08 9.00 6.47
C LEU A 88 -2.67 8.08 7.63
N ASN A 89 -1.39 8.02 7.93
CA ASN A 89 -0.89 7.18 9.04
C ASN A 89 -1.31 7.76 10.39
N GLY A 90 -2.55 7.49 10.76
CA GLY A 90 -3.16 8.06 11.97
C GLY A 90 -4.56 8.62 11.70
N PHE A 91 -4.97 8.59 10.44
CA PHE A 91 -6.29 9.11 10.01
C PHE A 91 -7.44 8.39 10.72
N GLU A 92 -8.47 9.15 11.10
CA GLU A 92 -9.67 8.59 11.75
C GLU A 92 -10.55 7.84 10.75
N LEU A 93 -10.23 6.56 10.51
CA LEU A 93 -11.03 5.71 9.63
C LEU A 93 -12.13 4.98 10.42
N ALA A 94 -13.39 5.28 10.11
CA ALA A 94 -14.54 4.64 10.79
C ALA A 94 -14.54 4.88 12.31
N GLY A 95 -13.76 5.87 12.75
CA GLY A 95 -13.65 6.17 14.18
C GLY A 95 -12.42 5.55 14.82
N ARG A 96 -11.50 5.06 14.00
CA ARG A 96 -10.25 4.45 14.47
C ARG A 96 -9.04 4.99 13.69
N PRO A 97 -7.92 5.27 14.38
CA PRO A 97 -6.67 5.69 13.73
C PRO A 97 -6.14 4.63 12.77
N MET A 98 -5.79 5.05 11.54
CA MET A 98 -5.37 4.10 10.50
C MET A 98 -3.84 4.01 10.42
N LYS A 99 -3.32 2.81 10.65
CA LYS A 99 -1.87 2.57 10.68
C LYS A 99 -1.33 2.23 9.27
N VAL A 100 -0.66 3.21 8.67
CA VAL A 100 -0.04 3.05 7.35
C VAL A 100 1.49 3.07 7.44
N GLY A 101 2.11 1.91 7.17
CA GLY A 101 3.57 1.83 7.18
C GLY A 101 4.11 1.09 5.96
N HIS A 102 5.32 1.43 5.53
CA HIS A 102 5.91 0.76 4.35
C HIS A 102 6.21 -0.73 4.65
N VAL A 103 6.02 -1.58 3.66
CA VAL A 103 6.24 -3.03 3.82
C VAL A 103 7.73 -3.36 4.03
N THR A 104 7.99 -4.40 4.82
CA THR A 104 9.35 -4.93 5.01
C THR A 104 9.81 -5.71 3.77
N GLU A 105 11.13 -5.71 3.52
CA GLU A 105 11.68 -6.38 2.33
C GLU A 105 11.26 -7.86 2.24
N ARG A 106 11.41 -8.61 3.32
CA ARG A 106 10.98 -10.02 3.33
C ARG A 106 9.47 -10.14 3.60
N THR A 107 8.67 -10.00 2.54
CA THR A 107 7.21 -10.20 2.62
C THR A 107 6.81 -11.63 2.24
N ASP A 108 7.61 -12.25 1.38
CA ASP A 108 7.36 -13.62 0.86
C ASP A 108 6.09 -13.68 -0.02
N MET A 1 -12.38 22.35 -19.35
CA MET A 1 -12.60 23.81 -19.28
C MET A 1 -12.64 24.29 -17.82
N GLY A 2 -12.88 25.58 -17.60
CA GLY A 2 -13.02 26.10 -16.25
C GLY A 2 -12.84 27.62 -16.15
N HIS A 3 -13.45 28.21 -15.13
CA HIS A 3 -13.38 29.65 -14.91
C HIS A 3 -12.15 30.02 -14.05
N HIS A 4 -11.66 29.05 -13.28
CA HIS A 4 -10.48 29.25 -12.42
C HIS A 4 -9.93 27.88 -11.95
N HIS A 5 -8.69 27.58 -12.32
CA HIS A 5 -8.08 26.27 -11.98
C HIS A 5 -6.97 26.42 -10.90
N HIS A 6 -6.94 25.50 -9.93
CA HIS A 6 -5.84 25.47 -8.96
C HIS A 6 -4.57 24.89 -9.60
N HIS A 7 -3.41 25.43 -9.23
CA HIS A 7 -2.17 25.15 -9.95
C HIS A 7 -1.48 23.85 -9.50
N HIS A 8 -1.71 22.78 -10.27
CA HIS A 8 -0.88 21.58 -10.22
C HIS A 8 -0.19 21.38 -11.58
N SER A 9 -0.83 21.87 -12.63
CA SER A 9 -0.25 21.89 -13.99
C SER A 9 1.09 22.64 -14.00
N HIS A 10 2.15 21.97 -14.48
CA HIS A 10 3.52 22.52 -14.51
C HIS A 10 4.15 22.60 -13.11
N MET A 11 3.38 23.04 -12.12
CA MET A 11 3.90 23.23 -10.76
C MET A 11 4.23 21.90 -10.07
N ALA A 12 5.37 21.32 -10.43
CA ALA A 12 5.90 20.14 -9.74
C ALA A 12 7.09 20.52 -8.86
N ALA A 13 6.80 21.15 -7.73
CA ALA A 13 7.82 21.73 -6.84
C ALA A 13 8.60 22.87 -7.53
N ALA A 14 9.43 22.50 -8.51
CA ALA A 14 10.22 23.46 -9.29
C ALA A 14 11.01 22.75 -10.39
N MET A 15 11.73 23.52 -11.22
CA MET A 15 12.56 22.94 -12.29
C MET A 15 13.63 22.00 -11.72
N ALA A 16 14.01 20.99 -12.52
CA ALA A 16 15.01 19.99 -12.10
C ALA A 16 14.48 19.09 -10.97
N ASN A 17 14.03 17.89 -11.34
CA ASN A 17 13.56 16.90 -10.37
C ASN A 17 14.10 15.49 -10.70
N ASN A 18 14.95 14.96 -9.82
CA ASN A 18 15.68 13.71 -10.07
C ASN A 18 16.72 13.86 -11.20
N LEU A 19 17.90 13.28 -11.00
CA LEU A 19 18.98 13.34 -11.99
C LEU A 19 19.52 11.93 -12.31
N GLN A 20 18.95 10.92 -11.67
CA GLN A 20 19.41 9.53 -11.80
C GLN A 20 18.43 8.69 -12.63
N LYS A 21 18.96 7.66 -13.28
CA LYS A 21 18.15 6.78 -14.14
C LYS A 21 17.46 5.67 -13.33
N GLY A 22 16.15 5.53 -13.51
CA GLY A 22 15.38 4.54 -12.74
C GLY A 22 14.72 5.13 -11.50
N SER A 23 13.40 5.26 -11.54
CA SER A 23 12.64 5.82 -10.41
C SER A 23 12.20 4.73 -9.42
N ALA A 24 12.91 3.59 -9.44
CA ALA A 24 12.62 2.44 -8.55
C ALA A 24 11.34 1.69 -8.96
N GLY A 25 10.33 2.40 -9.45
CA GLY A 25 9.08 1.77 -9.86
C GLY A 25 7.95 2.00 -8.85
N PRO A 26 6.78 1.38 -9.08
CA PRO A 26 5.64 1.43 -8.15
C PRO A 26 6.01 1.06 -6.70
N MET A 27 5.60 1.90 -5.75
CA MET A 27 5.87 1.69 -4.32
C MET A 27 4.64 1.12 -3.59
N ARG A 28 4.84 0.12 -2.75
CA ARG A 28 3.75 -0.55 -2.05
C ARG A 28 3.69 -0.17 -0.56
N LEU A 29 2.48 0.13 -0.07
CA LEU A 29 2.29 0.51 1.34
C LEU A 29 1.46 -0.54 2.09
N TYR A 30 1.75 -0.69 3.38
CA TYR A 30 1.00 -1.56 4.28
C TYR A 30 -0.08 -0.76 5.03
N VAL A 31 -1.34 -1.19 4.89
CA VAL A 31 -2.47 -0.52 5.56
C VAL A 31 -3.16 -1.44 6.57
N GLY A 32 -3.24 -1.00 7.82
CA GLY A 32 -3.83 -1.82 8.88
C GLY A 32 -4.98 -1.13 9.61
N SER A 33 -6.21 -1.43 9.19
CA SER A 33 -7.42 -0.87 9.85
C SER A 33 -8.71 -1.47 9.27
N LEU A 34 -8.60 -2.57 8.53
CA LEU A 34 -9.74 -3.13 7.82
C LEU A 34 -10.61 -4.00 8.75
N HIS A 35 -11.51 -3.37 9.52
CA HIS A 35 -12.33 -4.12 10.49
C HIS A 35 -13.50 -4.87 9.81
N PHE A 36 -13.15 -5.85 8.97
CA PHE A 36 -14.14 -6.72 8.30
C PHE A 36 -15.20 -5.93 7.47
N ASN A 37 -15.00 -4.64 7.29
CA ASN A 37 -16.00 -3.81 6.59
C ASN A 37 -15.36 -2.77 5.65
N ILE A 38 -14.04 -2.76 5.55
CA ILE A 38 -13.34 -1.79 4.69
C ILE A 38 -12.86 -2.46 3.40
N THR A 39 -13.36 -1.99 2.25
CA THR A 39 -13.05 -2.62 0.96
C THR A 39 -12.04 -1.79 0.15
N GLU A 40 -11.65 -2.33 -1.01
CA GLU A 40 -10.68 -1.69 -1.91
C GLU A 40 -11.09 -0.24 -2.25
N ASP A 41 -12.35 -0.08 -2.62
CA ASP A 41 -12.89 1.19 -3.09
C ASP A 41 -12.77 2.32 -2.05
N MET A 42 -13.01 1.99 -0.78
CA MET A 42 -12.90 2.98 0.29
C MET A 42 -11.45 3.44 0.45
N LEU A 43 -10.53 2.48 0.47
CA LEU A 43 -9.10 2.76 0.51
C LEU A 43 -8.68 3.63 -0.69
N ARG A 44 -9.17 3.27 -1.88
CA ARG A 44 -8.94 4.05 -3.09
C ARG A 44 -9.40 5.50 -2.91
N GLY A 45 -10.60 5.68 -2.33
CA GLY A 45 -11.13 7.01 -2.09
C GLY A 45 -10.24 7.88 -1.20
N ILE A 46 -9.58 7.25 -0.23
CA ILE A 46 -8.72 7.98 0.73
C ILE A 46 -7.30 8.21 0.18
N PHE A 47 -6.70 7.17 -0.40
CA PHE A 47 -5.30 7.20 -0.84
C PHE A 47 -5.10 7.80 -2.25
N GLU A 48 -6.06 7.58 -3.15
CA GLU A 48 -5.90 7.98 -4.57
C GLU A 48 -5.60 9.48 -4.76
N PRO A 49 -6.27 10.41 -4.01
CA PRO A 49 -5.96 11.85 -4.10
C PRO A 49 -4.45 12.15 -4.01
N PHE A 50 -3.72 11.32 -3.26
CA PHE A 50 -2.26 11.44 -3.18
C PHE A 50 -1.58 10.85 -4.43
N GLY A 51 -2.02 9.66 -4.81
CA GLY A 51 -1.44 8.96 -5.94
C GLY A 51 -2.34 7.84 -6.44
N ARG A 52 -2.48 7.73 -7.75
CA ARG A 52 -3.33 6.71 -8.38
C ARG A 52 -2.95 5.29 -7.92
N ILE A 53 -3.96 4.49 -7.59
CA ILE A 53 -3.75 3.11 -7.15
C ILE A 53 -3.55 2.15 -8.34
N GLU A 54 -2.48 1.36 -8.29
CA GLU A 54 -2.21 0.34 -9.31
C GLU A 54 -2.85 -1.01 -8.93
N SER A 55 -2.72 -1.40 -7.66
CA SER A 55 -3.34 -2.64 -7.15
C SER A 55 -3.67 -2.55 -5.66
N ILE A 56 -4.73 -3.22 -5.23
CA ILE A 56 -5.11 -3.29 -3.81
C ILE A 56 -5.29 -4.75 -3.36
N GLN A 57 -4.34 -5.26 -2.59
CA GLN A 57 -4.39 -6.65 -2.09
C GLN A 57 -4.91 -6.68 -0.64
N LEU A 58 -6.07 -7.29 -0.43
CA LEU A 58 -6.67 -7.37 0.90
C LEU A 58 -6.37 -8.72 1.56
N MET A 59 -5.93 -8.68 2.81
CA MET A 59 -5.57 -9.90 3.53
C MET A 59 -6.75 -10.42 4.38
N MET A 60 -7.46 -11.41 3.84
CA MET A 60 -8.57 -12.05 4.56
C MET A 60 -8.27 -13.53 4.79
N ASP A 61 -8.84 -14.09 5.84
CA ASP A 61 -8.58 -15.48 6.21
C ASP A 61 -9.40 -16.47 5.36
N SER A 62 -8.72 -17.25 4.53
CA SER A 62 -9.36 -18.41 3.89
C SER A 62 -9.55 -19.53 4.92
N GLU A 63 -8.87 -19.35 6.05
CA GLU A 63 -8.96 -20.27 7.20
C GLU A 63 -10.34 -20.21 7.85
N THR A 64 -10.75 -19.00 8.20
CA THR A 64 -12.02 -18.77 8.89
C THR A 64 -13.07 -18.10 7.99
N GLY A 65 -12.63 -17.65 6.80
CA GLY A 65 -13.51 -16.93 5.90
C GLY A 65 -13.76 -15.50 6.35
N ARG A 66 -12.90 -14.98 7.23
CA ARG A 66 -13.08 -13.64 7.80
C ARG A 66 -11.96 -12.68 7.32
N SER A 67 -11.80 -11.54 8.00
CA SER A 67 -10.78 -10.54 7.61
C SER A 67 -9.65 -10.44 8.64
N LYS A 68 -8.41 -10.36 8.15
CA LYS A 68 -7.23 -10.25 9.03
C LYS A 68 -7.04 -8.81 9.54
N GLY A 69 -7.55 -7.82 8.79
CA GLY A 69 -7.52 -6.44 9.26
C GLY A 69 -6.46 -5.56 8.58
N TYR A 70 -5.74 -6.11 7.59
CA TYR A 70 -4.71 -5.34 6.89
C TYR A 70 -4.61 -5.70 5.40
N GLY A 71 -4.09 -4.77 4.60
CA GLY A 71 -3.93 -4.97 3.16
C GLY A 71 -2.76 -4.18 2.58
N PHE A 72 -2.29 -4.60 1.40
CA PHE A 72 -1.16 -3.94 0.73
C PHE A 72 -1.60 -3.20 -0.56
N ILE A 73 -1.32 -1.91 -0.64
CA ILE A 73 -1.71 -1.10 -1.81
C ILE A 73 -0.48 -0.63 -2.61
N THR A 74 -0.53 -0.80 -3.92
CA THR A 74 0.58 -0.40 -4.81
C THR A 74 0.30 0.94 -5.52
N PHE A 75 1.22 1.90 -5.37
CA PHE A 75 1.10 3.21 -6.04
C PHE A 75 2.13 3.35 -7.17
N SER A 76 1.80 4.16 -8.19
CA SER A 76 2.67 4.35 -9.36
C SER A 76 4.02 4.98 -8.98
N ASP A 77 4.00 5.82 -7.94
CA ASP A 77 5.17 6.62 -7.58
C ASP A 77 5.53 6.44 -6.10
N SER A 78 6.83 6.53 -5.79
CA SER A 78 7.31 6.36 -4.41
C SER A 78 7.03 7.59 -3.54
N GLU A 79 7.09 8.78 -4.12
CA GLU A 79 6.86 10.03 -3.37
C GLU A 79 5.35 10.25 -3.13
N CYS A 80 4.51 9.89 -4.10
CA CYS A 80 3.06 9.96 -3.94
C CYS A 80 2.60 9.01 -2.83
N ALA A 81 3.14 7.79 -2.84
CA ALA A 81 2.89 6.80 -1.78
C ALA A 81 3.44 7.28 -0.44
N LYS A 82 4.69 7.77 -0.46
CA LYS A 82 5.33 8.35 0.73
C LYS A 82 4.48 9.47 1.34
N LYS A 83 3.93 10.34 0.49
CA LYS A 83 3.06 11.43 0.93
C LYS A 83 1.76 10.89 1.55
N ALA A 84 1.18 9.88 0.91
CA ALA A 84 -0.03 9.23 1.42
C ALA A 84 0.21 8.63 2.81
N LEU A 85 1.23 7.78 2.91
CA LEU A 85 1.64 7.17 4.19
C LEU A 85 1.83 8.24 5.27
N GLU A 86 2.69 9.20 4.97
CA GLU A 86 3.08 10.26 5.91
C GLU A 86 1.86 11.02 6.48
N GLN A 87 0.81 11.17 5.68
CA GLN A 87 -0.38 11.93 6.09
C GLN A 87 -1.53 11.04 6.60
N LEU A 88 -1.56 9.77 6.19
CA LEU A 88 -2.70 8.89 6.53
C LEU A 88 -2.42 7.91 7.68
N ASN A 89 -1.18 7.77 8.12
CA ASN A 89 -0.87 6.91 9.27
C ASN A 89 -1.45 7.48 10.58
N GLY A 90 -2.71 7.16 10.83
CA GLY A 90 -3.41 7.71 11.98
C GLY A 90 -4.75 8.35 11.59
N PHE A 91 -5.04 8.35 10.29
CA PHE A 91 -6.30 8.89 9.77
C PHE A 91 -7.51 8.15 10.35
N GLU A 92 -8.52 8.89 10.78
CA GLU A 92 -9.72 8.30 11.38
C GLU A 92 -10.60 7.60 10.34
N LEU A 93 -10.35 6.32 10.13
CA LEU A 93 -11.14 5.50 9.21
C LEU A 93 -12.19 4.67 9.97
N ALA A 94 -13.46 4.85 9.63
CA ALA A 94 -14.57 4.13 10.28
C ALA A 94 -14.60 4.42 11.80
N GLY A 95 -13.95 5.50 12.22
CA GLY A 95 -13.93 5.89 13.63
C GLY A 95 -12.58 5.67 14.30
N ARG A 96 -11.76 4.81 13.71
CA ARG A 96 -10.49 4.40 14.32
C ARG A 96 -9.29 4.86 13.46
N PRO A 97 -8.11 5.07 14.08
CA PRO A 97 -6.89 5.45 13.34
C PRO A 97 -6.43 4.36 12.35
N MET A 98 -6.00 4.79 11.17
CA MET A 98 -5.55 3.87 10.11
C MET A 98 -4.03 3.74 10.10
N LYS A 99 -3.53 2.52 10.30
CA LYS A 99 -2.09 2.28 10.42
C LYS A 99 -1.41 2.04 9.07
N VAL A 100 -0.77 3.07 8.53
CA VAL A 100 -0.06 2.95 7.25
C VAL A 100 1.47 2.93 7.48
N GLY A 101 2.14 1.92 6.94
CA GLY A 101 3.59 1.81 7.06
C GLY A 101 4.25 1.11 5.87
N HIS A 102 5.56 1.31 5.70
CA HIS A 102 6.32 0.62 4.65
C HIS A 102 6.40 -0.91 4.90
N VAL A 103 7.02 -1.62 3.97
CA VAL A 103 7.18 -3.08 4.07
C VAL A 103 8.20 -3.44 5.18
N THR A 104 8.46 -4.73 5.39
CA THR A 104 9.35 -5.23 6.47
C THR A 104 10.65 -4.41 6.62
N GLU A 105 11.42 -4.30 5.53
CA GLU A 105 12.69 -3.52 5.52
C GLU A 105 13.85 -4.22 6.25
N ARG A 106 13.56 -4.85 7.39
CA ARG A 106 14.58 -5.47 8.25
C ARG A 106 15.50 -6.45 7.51
N THR A 107 16.78 -6.45 7.91
CA THR A 107 17.82 -7.28 7.27
C THR A 107 17.82 -8.75 7.76
N ASP A 108 16.82 -9.13 8.57
CA ASP A 108 16.71 -10.51 9.10
C ASP A 108 16.98 -11.59 8.03
N MET A 1 -20.25 -14.30 5.64
CA MET A 1 -19.59 -15.34 6.49
C MET A 1 -20.61 -16.07 7.38
N GLY A 2 -21.13 -15.37 8.39
CA GLY A 2 -22.11 -15.96 9.30
C GLY A 2 -21.59 -17.20 10.02
N HIS A 3 -22.52 -18.08 10.42
CA HIS A 3 -22.19 -19.32 11.14
C HIS A 3 -21.63 -19.04 12.55
N HIS A 4 -22.29 -19.57 13.57
CA HIS A 4 -21.87 -19.36 14.95
C HIS A 4 -20.55 -20.09 15.24
N HIS A 5 -19.44 -19.42 14.94
CA HIS A 5 -18.11 -19.96 15.17
C HIS A 5 -17.28 -18.97 16.02
N HIS A 6 -16.72 -19.44 17.13
CA HIS A 6 -15.91 -18.60 18.00
C HIS A 6 -14.59 -18.20 17.32
N HIS A 7 -13.75 -17.44 18.02
CA HIS A 7 -12.49 -16.96 17.45
C HIS A 7 -11.49 -18.11 17.26
N HIS A 8 -10.89 -18.57 18.36
CA HIS A 8 -9.90 -19.66 18.35
C HIS A 8 -8.63 -19.30 17.55
N SER A 9 -7.48 -19.75 18.05
CA SER A 9 -6.19 -19.54 17.36
C SER A 9 -5.76 -18.08 17.34
N HIS A 10 -4.53 -17.85 16.91
CA HIS A 10 -4.01 -16.49 16.67
C HIS A 10 -2.86 -16.52 15.64
N MET A 11 -3.24 -16.67 14.36
CA MET A 11 -2.26 -16.81 13.29
C MET A 11 -1.79 -15.44 12.75
N ALA A 12 -0.59 -15.04 13.14
CA ALA A 12 0.00 -13.76 12.72
C ALA A 12 1.22 -13.98 11.80
N ALA A 13 1.89 -12.89 11.43
CA ALA A 13 3.08 -12.96 10.58
C ALA A 13 4.32 -12.40 11.29
N ALA A 14 5.48 -12.99 11.00
CA ALA A 14 6.75 -12.54 11.59
C ALA A 14 7.10 -11.11 11.14
N MET A 15 7.27 -10.20 12.10
CA MET A 15 7.57 -8.79 11.79
C MET A 15 8.82 -8.66 10.91
N ALA A 16 8.61 -8.36 9.63
CA ALA A 16 9.71 -8.26 8.66
C ALA A 16 10.41 -6.90 8.72
N ASN A 17 9.91 -5.99 9.56
CA ASN A 17 10.49 -4.65 9.68
C ASN A 17 11.92 -4.71 10.24
N ASN A 18 12.87 -4.97 9.35
CA ASN A 18 14.29 -5.08 9.68
C ASN A 18 15.11 -5.26 8.40
N LEU A 19 14.63 -6.15 7.53
CA LEU A 19 15.21 -6.33 6.19
C LEU A 19 14.61 -5.29 5.22
N GLN A 20 14.59 -4.04 5.67
CA GLN A 20 13.88 -2.96 4.99
C GLN A 20 14.80 -2.18 4.02
N LYS A 21 14.87 -2.62 2.76
CA LYS A 21 15.69 -1.90 1.76
C LYS A 21 15.23 -2.13 0.31
N GLY A 22 15.24 -1.06 -0.47
CA GLY A 22 14.91 -1.14 -1.90
C GLY A 22 13.40 -1.19 -2.18
N SER A 23 13.04 -0.98 -3.44
CA SER A 23 11.63 -1.05 -3.87
C SER A 23 11.54 -1.71 -5.25
N ALA A 24 10.38 -2.28 -5.56
CA ALA A 24 10.16 -2.94 -6.86
C ALA A 24 9.91 -1.95 -8.00
N GLY A 25 10.09 -0.65 -7.74
CA GLY A 25 9.71 0.38 -8.71
C GLY A 25 8.49 1.17 -8.23
N PRO A 26 7.29 0.58 -8.30
CA PRO A 26 6.11 1.11 -7.62
C PRO A 26 6.24 0.99 -6.08
N MET A 27 5.57 1.86 -5.33
CA MET A 27 5.68 1.83 -3.86
C MET A 27 4.48 1.12 -3.22
N ARG A 28 4.77 0.08 -2.44
CA ARG A 28 3.73 -0.71 -1.79
C ARG A 28 3.56 -0.27 -0.32
N LEU A 29 2.34 0.06 0.06
CA LEU A 29 2.04 0.50 1.44
C LEU A 29 1.20 -0.54 2.20
N TYR A 30 1.61 -0.83 3.42
CA TYR A 30 0.89 -1.73 4.32
C TYR A 30 -0.13 -0.95 5.16
N VAL A 31 -1.41 -1.15 4.87
CA VAL A 31 -2.49 -0.40 5.52
C VAL A 31 -3.32 -1.29 6.46
N GLY A 32 -3.40 -0.89 7.73
CA GLY A 32 -4.15 -1.66 8.72
C GLY A 32 -5.24 -0.85 9.42
N SER A 33 -6.48 -0.96 8.94
CA SER A 33 -7.62 -0.28 9.57
C SER A 33 -8.96 -0.92 9.14
N LEU A 34 -8.88 -2.07 8.47
CA LEU A 34 -10.06 -2.68 7.84
C LEU A 34 -10.83 -3.59 8.82
N HIS A 35 -11.76 -3.01 9.58
CA HIS A 35 -12.50 -3.78 10.59
C HIS A 35 -13.54 -4.73 9.95
N PHE A 36 -13.05 -5.80 9.33
CA PHE A 36 -13.91 -6.88 8.78
C PHE A 36 -14.96 -6.38 7.77
N ASN A 37 -14.76 -5.20 7.18
CA ASN A 37 -15.77 -4.63 6.28
C ASN A 37 -15.18 -3.66 5.22
N ILE A 38 -14.17 -2.88 5.61
CA ILE A 38 -13.59 -1.87 4.72
C ILE A 38 -13.01 -2.50 3.44
N THR A 39 -13.40 -1.97 2.29
CA THR A 39 -13.06 -2.57 0.98
C THR A 39 -12.12 -1.68 0.15
N GLU A 40 -11.75 -2.20 -1.02
CA GLU A 40 -10.91 -1.48 -1.99
C GLU A 40 -11.43 -0.05 -2.25
N ASP A 41 -12.74 0.06 -2.46
CA ASP A 41 -13.40 1.34 -2.79
C ASP A 41 -13.03 2.45 -1.79
N MET A 42 -13.06 2.14 -0.50
CA MET A 42 -12.74 3.12 0.54
C MET A 42 -11.27 3.54 0.46
N LEU A 43 -10.40 2.54 0.35
CA LEU A 43 -8.95 2.75 0.27
C LEU A 43 -8.57 3.61 -0.93
N ARG A 44 -9.06 3.25 -2.12
CA ARG A 44 -8.80 4.04 -3.33
C ARG A 44 -9.31 5.48 -3.18
N GLY A 45 -10.52 5.64 -2.65
CA GLY A 45 -11.11 6.97 -2.48
C GLY A 45 -10.22 7.93 -1.68
N ILE A 46 -9.56 7.42 -0.64
CA ILE A 46 -8.67 8.23 0.20
C ILE A 46 -7.23 8.32 -0.35
N PHE A 47 -6.65 7.17 -0.70
CA PHE A 47 -5.23 7.09 -1.05
C PHE A 47 -4.90 7.60 -2.48
N GLU A 48 -5.73 7.27 -3.46
CA GLU A 48 -5.42 7.59 -4.87
C GLU A 48 -5.33 9.12 -5.13
N PRO A 49 -6.18 9.96 -4.50
CA PRO A 49 -6.05 11.43 -4.57
C PRO A 49 -4.60 11.94 -4.34
N PHE A 50 -3.74 11.10 -3.75
CA PHE A 50 -2.33 11.44 -3.58
C PHE A 50 -1.52 11.17 -4.86
N GLY A 51 -1.79 10.02 -5.50
CA GLY A 51 -1.05 9.65 -6.70
C GLY A 51 -1.88 8.77 -7.64
N ARG A 52 -1.36 7.59 -7.96
CA ARG A 52 -2.08 6.61 -8.77
C ARG A 52 -1.86 5.19 -8.26
N ILE A 53 -2.97 4.47 -8.08
CA ILE A 53 -2.93 3.13 -7.50
C ILE A 53 -3.03 2.03 -8.58
N GLU A 54 -2.00 1.19 -8.63
CA GLU A 54 -1.94 0.08 -9.59
C GLU A 54 -2.92 -1.04 -9.19
N SER A 55 -2.79 -1.51 -7.95
CA SER A 55 -3.65 -2.58 -7.43
C SER A 55 -3.86 -2.48 -5.92
N ILE A 56 -5.02 -2.95 -5.46
CA ILE A 56 -5.33 -3.01 -4.03
C ILE A 56 -5.62 -4.46 -3.59
N GLN A 57 -4.79 -4.99 -2.71
CA GLN A 57 -4.95 -6.36 -2.21
C GLN A 57 -5.21 -6.39 -0.70
N LEU A 58 -6.26 -7.08 -0.28
CA LEU A 58 -6.56 -7.22 1.15
C LEU A 58 -6.07 -8.58 1.69
N MET A 59 -5.56 -8.57 2.91
CA MET A 59 -4.98 -9.79 3.50
C MET A 59 -6.02 -10.55 4.35
N MET A 60 -6.56 -11.62 3.76
CA MET A 60 -7.52 -12.48 4.43
C MET A 60 -7.11 -13.96 4.28
N ASP A 61 -7.12 -14.70 5.39
CA ASP A 61 -6.72 -16.10 5.38
C ASP A 61 -7.87 -17.00 4.90
N SER A 62 -7.76 -17.52 3.68
CA SER A 62 -8.85 -18.31 3.09
C SER A 62 -8.95 -19.71 3.69
N GLU A 63 -7.93 -20.14 4.44
CA GLU A 63 -7.98 -21.41 5.15
C GLU A 63 -9.12 -21.40 6.18
N THR A 64 -9.11 -20.40 7.06
CA THR A 64 -10.18 -20.22 8.06
C THR A 64 -10.03 -18.93 8.90
N GLY A 65 -8.88 -18.26 8.79
CA GLY A 65 -8.62 -17.07 9.59
C GLY A 65 -9.40 -15.88 9.08
N ARG A 66 -9.75 -15.92 7.79
CA ARG A 66 -10.60 -14.91 7.16
C ARG A 66 -9.94 -13.51 7.22
N SER A 67 -10.76 -12.47 7.11
CA SER A 67 -10.29 -11.08 7.11
C SER A 67 -9.43 -10.76 8.34
N LYS A 68 -8.13 -10.54 8.13
CA LYS A 68 -7.21 -10.22 9.25
C LYS A 68 -7.34 -8.75 9.70
N GLY A 69 -7.79 -7.88 8.80
CA GLY A 69 -8.01 -6.47 9.15
C GLY A 69 -7.06 -5.49 8.46
N TYR A 70 -6.19 -5.98 7.58
CA TYR A 70 -5.24 -5.11 6.87
C TYR A 70 -5.05 -5.51 5.39
N GLY A 71 -4.59 -4.57 4.58
CA GLY A 71 -4.39 -4.81 3.16
C GLY A 71 -3.16 -4.06 2.60
N PHE A 72 -2.65 -4.53 1.47
CA PHE A 72 -1.50 -3.89 0.82
C PHE A 72 -1.91 -3.13 -0.45
N ILE A 73 -1.58 -1.85 -0.52
CA ILE A 73 -1.91 -1.01 -1.69
C ILE A 73 -0.65 -0.64 -2.48
N THR A 74 -0.69 -0.84 -3.80
CA THR A 74 0.47 -0.58 -4.66
C THR A 74 0.30 0.70 -5.50
N PHE A 75 1.14 1.69 -5.22
CA PHE A 75 1.15 2.96 -5.97
C PHE A 75 2.29 2.96 -7.01
N SER A 76 2.11 3.72 -8.10
CA SER A 76 3.15 3.78 -9.15
C SER A 76 4.08 4.97 -8.90
N ASP A 77 3.72 5.76 -7.89
CA ASP A 77 4.41 6.98 -7.56
C ASP A 77 4.98 6.94 -6.13
N SER A 78 6.29 6.69 -6.00
CA SER A 78 6.96 6.53 -4.71
C SER A 78 6.76 7.75 -3.78
N GLU A 79 7.12 8.94 -4.25
CA GLU A 79 6.99 10.16 -3.44
C GLU A 79 5.54 10.40 -3.00
N CYS A 80 4.60 10.29 -3.93
CA CYS A 80 3.17 10.50 -3.63
C CYS A 80 2.66 9.49 -2.61
N ALA A 81 3.08 8.24 -2.76
CA ALA A 81 2.72 7.17 -1.81
C ALA A 81 3.32 7.43 -0.43
N LYS A 82 4.59 7.84 -0.40
CA LYS A 82 5.29 8.18 0.85
C LYS A 82 4.59 9.36 1.55
N LYS A 83 4.10 10.31 0.76
CA LYS A 83 3.29 11.41 1.28
C LYS A 83 1.98 10.87 1.89
N ALA A 84 1.26 10.06 1.10
CA ALA A 84 0.02 9.42 1.57
C ALA A 84 0.23 8.70 2.91
N LEU A 85 1.36 8.00 3.02
CA LEU A 85 1.71 7.31 4.27
C LEU A 85 1.71 8.28 5.45
N GLU A 86 2.58 9.28 5.41
CA GLU A 86 2.76 10.18 6.58
C GLU A 86 1.60 11.18 6.75
N GLN A 87 0.65 11.19 5.80
CA GLN A 87 -0.56 12.00 5.95
C GLN A 87 -1.75 11.17 6.46
N LEU A 88 -1.75 9.87 6.13
CA LEU A 88 -2.87 8.98 6.48
C LEU A 88 -2.53 8.01 7.63
N ASN A 89 -1.25 7.88 7.96
CA ASN A 89 -0.82 7.02 9.06
C ASN A 89 -1.28 7.60 10.41
N GLY A 90 -2.46 7.19 10.85
CA GLY A 90 -3.10 7.78 12.03
C GLY A 90 -4.51 8.28 11.73
N PHE A 91 -4.82 8.42 10.43
CA PHE A 91 -6.15 8.85 9.98
C PHE A 91 -7.25 7.89 10.45
N GLU A 92 -8.34 8.43 10.97
CA GLU A 92 -9.44 7.62 11.51
C GLU A 92 -10.47 7.26 10.43
N LEU A 93 -10.25 6.13 9.76
CA LEU A 93 -11.16 5.64 8.70
C LEU A 93 -12.32 4.83 9.29
N ALA A 94 -12.00 3.69 9.88
CA ALA A 94 -13.01 2.79 10.47
C ALA A 94 -13.39 3.22 11.91
N GLY A 95 -13.47 4.54 12.14
CA GLY A 95 -13.72 5.05 13.49
C GLY A 95 -12.50 4.87 14.39
N ARG A 96 -11.36 4.62 13.77
CA ARG A 96 -10.12 4.31 14.49
C ARG A 96 -8.89 4.62 13.62
N PRO A 97 -7.74 4.95 14.24
CA PRO A 97 -6.50 5.31 13.51
C PRO A 97 -6.09 4.25 12.48
N MET A 98 -5.60 4.69 11.35
CA MET A 98 -5.17 3.79 10.26
C MET A 98 -3.66 3.58 10.26
N LYS A 99 -3.23 2.32 10.26
CA LYS A 99 -1.81 1.97 10.29
C LYS A 99 -1.23 1.86 8.87
N VAL A 100 -0.50 2.89 8.43
CA VAL A 100 0.11 2.90 7.09
C VAL A 100 1.64 2.89 7.18
N GLY A 101 2.25 1.77 6.77
CA GLY A 101 3.71 1.66 6.81
C GLY A 101 4.31 1.22 5.46
N HIS A 102 5.56 1.64 5.19
CA HIS A 102 6.25 1.26 3.94
C HIS A 102 6.62 -0.23 3.93
N VAL A 103 6.15 -0.96 2.92
CA VAL A 103 6.45 -2.39 2.82
C VAL A 103 7.89 -2.66 2.35
N THR A 104 8.24 -2.14 1.16
CA THR A 104 9.56 -2.37 0.52
C THR A 104 9.93 -3.87 0.47
N GLU A 105 9.57 -4.50 -0.64
CA GLU A 105 9.66 -5.97 -0.76
C GLU A 105 11.00 -6.45 -1.37
N ARG A 106 11.49 -5.77 -2.40
CA ARG A 106 12.73 -6.22 -3.08
C ARG A 106 13.71 -5.07 -3.35
N THR A 107 15.00 -5.38 -3.33
CA THR A 107 16.05 -4.42 -3.72
C THR A 107 16.69 -4.84 -5.05
N ASP A 108 16.71 -3.93 -6.02
CA ASP A 108 17.19 -4.25 -7.37
C ASP A 108 18.73 -4.33 -7.44
N MET A 1 -1.03 -24.16 -27.70
CA MET A 1 0.02 -24.49 -28.70
C MET A 1 1.43 -24.18 -28.17
N GLY A 2 1.68 -22.92 -27.83
CA GLY A 2 3.02 -22.51 -27.41
C GLY A 2 3.30 -22.73 -25.93
N HIS A 3 2.44 -22.19 -25.05
CA HIS A 3 2.69 -22.20 -23.61
C HIS A 3 1.47 -22.68 -22.79
N HIS A 4 1.74 -23.55 -21.81
CA HIS A 4 0.72 -23.99 -20.85
C HIS A 4 1.41 -24.49 -19.56
N HIS A 5 0.98 -23.96 -18.41
CA HIS A 5 1.69 -24.24 -17.15
C HIS A 5 1.47 -25.69 -16.65
N HIS A 6 2.39 -26.58 -17.03
CA HIS A 6 2.42 -27.95 -16.50
C HIS A 6 3.86 -28.42 -16.28
N HIS A 7 4.77 -28.03 -17.17
CA HIS A 7 6.19 -28.32 -17.00
C HIS A 7 6.81 -27.33 -16.00
N HIS A 8 7.18 -27.83 -14.82
CA HIS A 8 7.82 -26.99 -13.80
C HIS A 8 9.31 -26.76 -14.14
N SER A 9 9.67 -25.50 -14.36
CA SER A 9 11.03 -25.14 -14.78
C SER A 9 11.66 -24.13 -13.81
N HIS A 10 11.17 -22.89 -13.84
CA HIS A 10 11.62 -21.83 -12.90
C HIS A 10 10.44 -20.96 -12.45
N MET A 11 9.60 -20.56 -13.40
CA MET A 11 8.44 -19.70 -13.10
C MET A 11 7.34 -20.50 -12.37
N ALA A 12 7.37 -20.46 -11.04
CA ALA A 12 6.36 -21.15 -10.21
C ALA A 12 6.14 -20.43 -8.87
N ALA A 13 7.23 -20.09 -8.18
CA ALA A 13 7.16 -19.35 -6.92
C ALA A 13 6.71 -17.90 -7.11
N ALA A 14 7.61 -17.05 -7.62
CA ALA A 14 7.31 -15.64 -7.86
C ALA A 14 8.34 -14.99 -8.79
N MET A 15 7.88 -14.04 -9.61
CA MET A 15 8.77 -13.33 -10.55
C MET A 15 9.29 -12.03 -9.92
N ALA A 16 8.74 -11.67 -8.76
CA ALA A 16 9.06 -10.39 -8.10
C ALA A 16 10.50 -10.32 -7.55
N ASN A 17 11.21 -11.45 -7.56
CA ASN A 17 12.59 -11.50 -7.05
C ASN A 17 13.62 -11.28 -8.17
N ASN A 18 13.12 -11.04 -9.38
CA ASN A 18 14.00 -10.74 -10.53
C ASN A 18 14.69 -9.37 -10.34
N LEU A 19 16.02 -9.39 -10.29
CA LEU A 19 16.78 -8.16 -10.07
C LEU A 19 16.75 -7.28 -11.33
N GLN A 20 15.73 -6.46 -11.41
CA GLN A 20 15.50 -5.60 -12.56
C GLN A 20 16.22 -4.25 -12.43
N LYS A 21 16.41 -3.57 -13.56
CA LYS A 21 17.04 -2.25 -13.58
C LYS A 21 16.03 -1.15 -13.21
N GLY A 22 16.46 -0.21 -12.36
CA GLY A 22 15.57 0.83 -11.85
C GLY A 22 14.93 1.69 -12.94
N SER A 23 13.75 1.28 -13.41
CA SER A 23 12.99 2.05 -14.41
C SER A 23 12.25 3.24 -13.75
N ALA A 24 11.42 2.93 -12.76
CA ALA A 24 10.66 3.96 -12.03
C ALA A 24 10.55 3.63 -10.53
N GLY A 25 10.13 2.39 -10.23
CA GLY A 25 10.08 1.92 -8.84
C GLY A 25 8.76 2.23 -8.13
N PRO A 26 7.69 1.45 -8.38
CA PRO A 26 6.41 1.57 -7.66
C PRO A 26 6.56 1.25 -6.16
N MET A 27 5.92 2.05 -5.31
CA MET A 27 6.04 1.89 -3.85
C MET A 27 4.83 1.14 -3.27
N ARG A 28 5.10 0.18 -2.37
CA ARG A 28 4.07 -0.68 -1.79
C ARG A 28 3.87 -0.38 -0.29
N LEU A 29 2.66 0.04 0.08
CA LEU A 29 2.34 0.37 1.48
C LEU A 29 1.54 -0.73 2.18
N TYR A 30 1.81 -0.90 3.47
CA TYR A 30 1.06 -1.82 4.33
C TYR A 30 0.05 -1.04 5.20
N VAL A 31 -1.23 -1.37 5.05
CA VAL A 31 -2.30 -0.72 5.83
C VAL A 31 -3.05 -1.74 6.70
N GLY A 32 -2.96 -1.60 8.02
CA GLY A 32 -3.65 -2.52 8.92
C GLY A 32 -4.58 -1.83 9.91
N SER A 33 -5.82 -1.60 9.48
CA SER A 33 -6.86 -0.97 10.32
C SER A 33 -8.25 -1.17 9.70
N LEU A 34 -8.42 -2.26 8.96
CA LEU A 34 -9.66 -2.53 8.22
C LEU A 34 -10.58 -3.45 9.05
N HIS A 35 -11.61 -2.88 9.66
CA HIS A 35 -12.52 -3.65 10.52
C HIS A 35 -13.47 -4.57 9.71
N PHE A 36 -12.90 -5.58 9.05
CA PHE A 36 -13.68 -6.61 8.32
C PHE A 36 -14.72 -6.03 7.35
N ASN A 37 -14.56 -4.77 6.95
CA ASN A 37 -15.57 -4.09 6.12
C ASN A 37 -14.92 -3.13 5.11
N ILE A 38 -13.86 -2.44 5.52
CA ILE A 38 -13.17 -1.48 4.64
C ILE A 38 -12.62 -2.18 3.39
N THR A 39 -13.23 -1.90 2.24
CA THR A 39 -12.88 -2.57 0.97
C THR A 39 -11.83 -1.80 0.17
N GLU A 40 -11.36 -2.42 -0.91
CA GLU A 40 -10.38 -1.79 -1.82
C GLU A 40 -10.87 -0.45 -2.35
N ASP A 41 -12.16 -0.38 -2.71
CA ASP A 41 -12.75 0.84 -3.26
C ASP A 41 -12.75 1.98 -2.23
N MET A 42 -12.99 1.66 -0.96
CA MET A 42 -12.95 2.66 0.12
C MET A 42 -11.53 3.22 0.29
N LEU A 43 -10.58 2.30 0.45
CA LEU A 43 -9.16 2.66 0.51
C LEU A 43 -8.74 3.46 -0.73
N ARG A 44 -9.25 3.06 -1.89
CA ARG A 44 -8.97 3.76 -3.14
C ARG A 44 -9.49 5.21 -3.08
N GLY A 45 -10.72 5.38 -2.61
CA GLY A 45 -11.31 6.71 -2.50
C GLY A 45 -10.47 7.66 -1.64
N ILE A 46 -9.77 7.10 -0.63
CA ILE A 46 -8.91 7.89 0.25
C ILE A 46 -7.48 8.07 -0.33
N PHE A 47 -6.88 6.96 -0.74
CA PHE A 47 -5.47 6.93 -1.16
C PHE A 47 -5.24 7.38 -2.61
N GLU A 48 -6.25 7.20 -3.49
CA GLU A 48 -6.07 7.45 -4.93
C GLU A 48 -5.62 8.90 -5.23
N PRO A 49 -6.27 9.93 -4.63
CA PRO A 49 -5.89 11.36 -4.85
C PRO A 49 -4.39 11.63 -4.70
N PHE A 50 -3.67 10.72 -4.04
CA PHE A 50 -2.22 10.87 -3.85
C PHE A 50 -1.42 10.48 -5.11
N GLY A 51 -1.82 9.42 -5.81
CA GLY A 51 -1.07 8.99 -6.99
C GLY A 51 -1.75 7.92 -7.85
N ARG A 52 -3.07 8.00 -8.00
CA ARG A 52 -3.86 7.11 -8.89
C ARG A 52 -3.98 5.67 -8.33
N ILE A 53 -2.84 5.07 -8.01
CA ILE A 53 -2.76 3.68 -7.51
C ILE A 53 -2.87 2.65 -8.65
N GLU A 54 -2.02 1.63 -8.59
CA GLU A 54 -2.10 0.53 -9.54
C GLU A 54 -3.13 -0.51 -9.07
N SER A 55 -2.85 -1.15 -7.94
CA SER A 55 -3.74 -2.21 -7.42
C SER A 55 -3.73 -2.25 -5.89
N ILE A 56 -4.88 -2.59 -5.31
CA ILE A 56 -5.02 -2.79 -3.87
C ILE A 56 -5.35 -4.26 -3.56
N GLN A 57 -4.61 -4.88 -2.64
CA GLN A 57 -4.84 -6.28 -2.30
C GLN A 57 -5.08 -6.47 -0.81
N LEU A 58 -6.22 -7.05 -0.47
CA LEU A 58 -6.57 -7.30 0.94
C LEU A 58 -6.28 -8.75 1.33
N MET A 59 -5.95 -8.97 2.60
CA MET A 59 -5.64 -10.32 3.09
C MET A 59 -6.88 -10.94 3.75
N MET A 60 -7.45 -11.97 3.13
CA MET A 60 -8.64 -12.64 3.68
C MET A 60 -8.36 -14.10 4.05
N ASP A 61 -9.06 -14.59 5.08
CA ASP A 61 -8.99 -16.00 5.45
C ASP A 61 -9.79 -16.87 4.46
N SER A 62 -9.38 -18.13 4.30
CA SER A 62 -9.97 -19.00 3.27
C SER A 62 -10.86 -20.10 3.86
N GLU A 63 -11.33 -19.90 5.09
CA GLU A 63 -12.31 -20.80 5.70
C GLU A 63 -13.62 -20.04 5.98
N THR A 64 -13.54 -19.09 6.90
CA THR A 64 -14.69 -18.23 7.25
C THR A 64 -14.24 -16.96 7.99
N GLY A 65 -12.93 -16.68 7.93
CA GLY A 65 -12.40 -15.52 8.63
C GLY A 65 -12.59 -14.24 7.82
N ARG A 66 -12.64 -14.40 6.49
CA ARG A 66 -12.89 -13.28 5.58
C ARG A 66 -11.81 -12.18 5.72
N SER A 67 -12.17 -10.94 5.37
CA SER A 67 -11.23 -9.81 5.42
C SER A 67 -10.55 -9.69 6.81
N LYS A 68 -9.32 -10.20 6.92
CA LYS A 68 -8.60 -10.24 8.20
C LYS A 68 -8.50 -8.87 8.89
N GLY A 69 -8.07 -7.86 8.15
CA GLY A 69 -7.94 -6.52 8.71
C GLY A 69 -6.76 -5.72 8.15
N TYR A 70 -5.88 -6.38 7.40
CA TYR A 70 -4.72 -5.71 6.81
C TYR A 70 -4.60 -5.97 5.30
N GLY A 71 -4.13 -4.97 4.57
CA GLY A 71 -3.99 -5.08 3.12
C GLY A 71 -2.85 -4.22 2.57
N PHE A 72 -2.39 -4.53 1.36
CA PHE A 72 -1.25 -3.83 0.75
C PHE A 72 -1.69 -3.01 -0.48
N ILE A 73 -1.34 -1.73 -0.49
CA ILE A 73 -1.65 -0.83 -1.62
C ILE A 73 -0.37 -0.45 -2.38
N THR A 74 -0.42 -0.50 -3.70
CA THR A 74 0.75 -0.17 -4.53
C THR A 74 0.51 1.07 -5.41
N PHE A 75 1.36 2.08 -5.27
CA PHE A 75 1.25 3.33 -6.02
C PHE A 75 2.23 3.37 -7.22
N SER A 76 1.83 4.06 -8.28
CA SER A 76 2.65 4.19 -9.48
C SER A 76 3.87 5.12 -9.26
N ASP A 77 3.91 5.80 -8.11
CA ASP A 77 4.99 6.75 -7.80
C ASP A 77 5.45 6.62 -6.34
N SER A 78 6.73 6.93 -6.09
CA SER A 78 7.31 6.84 -4.76
C SER A 78 6.75 7.90 -3.80
N GLU A 79 6.79 9.17 -4.20
CA GLU A 79 6.33 10.27 -3.33
C GLU A 79 4.81 10.24 -3.12
N CYS A 80 4.08 9.74 -4.11
CA CYS A 80 2.62 9.56 -3.98
C CYS A 80 2.29 8.63 -2.80
N ALA A 81 3.08 7.56 -2.65
CA ALA A 81 2.90 6.61 -1.55
C ALA A 81 3.53 7.14 -0.25
N LYS A 82 4.68 7.80 -0.38
CA LYS A 82 5.37 8.42 0.75
C LYS A 82 4.43 9.40 1.48
N LYS A 83 3.78 10.27 0.70
CA LYS A 83 2.84 11.24 1.25
C LYS A 83 1.56 10.56 1.74
N ALA A 84 1.04 9.58 0.98
CA ALA A 84 -0.14 8.81 1.41
C ALA A 84 0.07 8.23 2.81
N LEU A 85 1.25 7.67 3.03
CA LEU A 85 1.65 7.15 4.34
C LEU A 85 1.66 8.27 5.39
N GLU A 86 2.52 9.26 5.19
CA GLU A 86 2.71 10.36 6.14
C GLU A 86 1.41 11.12 6.45
N GLN A 87 0.48 11.17 5.49
CA GLN A 87 -0.74 11.94 5.66
C GLN A 87 -1.85 11.12 6.33
N LEU A 88 -1.94 9.83 5.98
CA LEU A 88 -3.05 8.97 6.42
C LEU A 88 -2.70 8.14 7.67
N ASN A 89 -1.41 7.91 7.90
CA ASN A 89 -0.97 7.14 9.06
C ASN A 89 -1.29 7.90 10.37
N GLY A 90 -2.37 7.51 11.02
CA GLY A 90 -2.85 8.22 12.22
C GLY A 90 -4.26 8.79 12.03
N PHE A 91 -4.75 8.77 10.80
CA PHE A 91 -6.08 9.32 10.48
C PHE A 91 -7.22 8.44 11.00
N GLU A 92 -8.14 9.03 11.77
CA GLU A 92 -9.31 8.31 12.27
C GLU A 92 -10.39 8.19 11.20
N LEU A 93 -10.50 7.01 10.58
CA LEU A 93 -11.51 6.76 9.54
C LEU A 93 -12.82 6.25 10.13
N ALA A 94 -12.78 5.05 10.69
CA ALA A 94 -13.98 4.39 11.25
C ALA A 94 -14.16 4.70 12.75
N GLY A 95 -13.72 5.89 13.16
CA GLY A 95 -13.74 6.25 14.59
C GLY A 95 -12.46 5.81 15.27
N ARG A 96 -11.52 5.29 14.49
CA ARG A 96 -10.23 4.81 14.97
C ARG A 96 -9.11 5.12 13.97
N PRO A 97 -7.86 5.28 14.46
CA PRO A 97 -6.71 5.65 13.61
C PRO A 97 -6.38 4.65 12.49
N MET A 98 -5.74 5.16 11.44
CA MET A 98 -5.31 4.35 10.30
C MET A 98 -3.82 3.99 10.42
N LYS A 99 -3.51 2.69 10.52
CA LYS A 99 -2.11 2.25 10.60
C LYS A 99 -1.50 2.00 9.21
N VAL A 100 -0.70 2.96 8.73
CA VAL A 100 -0.07 2.86 7.41
C VAL A 100 1.47 2.91 7.51
N GLY A 101 2.12 1.83 7.09
CA GLY A 101 3.58 1.78 7.09
C GLY A 101 4.13 1.12 5.83
N HIS A 102 5.30 1.55 5.37
CA HIS A 102 5.90 0.97 4.16
C HIS A 102 6.31 -0.50 4.41
N VAL A 103 6.28 -1.31 3.35
CA VAL A 103 6.64 -2.73 3.47
C VAL A 103 8.15 -2.92 3.67
N THR A 104 8.59 -4.16 3.83
CA THR A 104 10.03 -4.44 4.02
C THR A 104 10.77 -4.49 2.67
N GLU A 105 11.22 -3.33 2.19
CA GLU A 105 12.07 -3.29 1.00
C GLU A 105 13.54 -3.50 1.42
N ARG A 106 14.01 -4.75 1.33
CA ARG A 106 15.38 -5.10 1.74
C ARG A 106 16.06 -6.02 0.73
N THR A 107 17.37 -5.89 0.62
CA THR A 107 18.17 -6.77 -0.24
C THR A 107 18.86 -7.88 0.58
N ASP A 108 19.44 -7.49 1.72
CA ASP A 108 20.15 -8.43 2.59
C ASP A 108 19.29 -8.86 3.82
N MET A 1 1.94 -8.64 -32.97
CA MET A 1 0.57 -9.11 -33.32
C MET A 1 0.57 -9.76 -34.72
N GLY A 2 -0.16 -10.86 -34.86
CA GLY A 2 -0.13 -11.62 -36.11
C GLY A 2 1.17 -12.39 -36.27
N HIS A 3 2.26 -11.66 -36.52
CA HIS A 3 3.61 -12.22 -36.46
C HIS A 3 4.13 -12.19 -35.02
N HIS A 4 4.82 -13.27 -34.61
CA HIS A 4 5.26 -13.44 -33.21
C HIS A 4 4.08 -13.69 -32.27
N HIS A 5 3.83 -14.96 -31.96
CA HIS A 5 2.80 -15.34 -30.99
C HIS A 5 3.37 -15.28 -29.56
N HIS A 6 4.70 -15.33 -29.46
CA HIS A 6 5.41 -15.16 -28.18
C HIS A 6 6.02 -13.76 -28.09
N HIS A 7 5.38 -12.89 -27.31
CA HIS A 7 5.88 -11.51 -27.16
C HIS A 7 6.99 -11.43 -26.09
N HIS A 8 7.18 -12.53 -25.35
CA HIS A 8 8.30 -12.64 -24.40
C HIS A 8 9.22 -13.82 -24.78
N SER A 9 10.44 -13.48 -25.20
CA SER A 9 11.43 -14.47 -25.67
C SER A 9 12.38 -14.91 -24.54
N HIS A 10 13.32 -15.80 -24.87
CA HIS A 10 14.36 -16.25 -23.93
C HIS A 10 13.76 -17.12 -22.80
N MET A 11 12.69 -17.87 -23.14
CA MET A 11 12.00 -18.73 -22.18
C MET A 11 11.46 -17.91 -20.99
N ALA A 12 10.20 -17.50 -21.09
CA ALA A 12 9.59 -16.63 -20.07
C ALA A 12 8.99 -17.43 -18.90
N ALA A 13 7.80 -17.99 -19.11
CA ALA A 13 7.08 -18.74 -18.07
C ALA A 13 6.87 -17.92 -16.78
N ALA A 14 7.89 -17.90 -15.92
CA ALA A 14 7.82 -17.14 -14.65
C ALA A 14 8.45 -15.75 -14.81
N MET A 15 9.38 -15.62 -15.77
CA MET A 15 10.08 -14.34 -16.01
C MET A 15 9.28 -13.43 -16.98
N ALA A 16 8.05 -13.82 -17.29
CA ALA A 16 7.18 -13.00 -18.14
C ALA A 16 6.51 -11.88 -17.32
N ASN A 17 7.20 -10.75 -17.21
CA ASN A 17 6.79 -9.63 -16.34
C ASN A 17 6.82 -10.06 -14.86
N ASN A 18 7.97 -9.93 -14.23
CA ASN A 18 8.16 -10.37 -12.85
C ASN A 18 7.57 -9.38 -11.83
N LEU A 19 6.71 -9.89 -10.94
CA LEU A 19 6.12 -9.07 -9.88
C LEU A 19 6.99 -9.09 -8.62
N GLN A 20 7.46 -10.29 -8.26
CA GLN A 20 8.33 -10.45 -7.09
C GLN A 20 9.80 -10.20 -7.48
N LYS A 21 10.23 -8.95 -7.34
CA LYS A 21 11.62 -8.54 -7.62
C LYS A 21 11.82 -7.05 -7.34
N GLY A 22 13.06 -6.65 -7.06
CA GLY A 22 13.37 -5.26 -6.74
C GLY A 22 13.12 -4.28 -7.89
N SER A 23 11.86 -3.88 -8.06
CA SER A 23 11.49 -2.91 -9.10
C SER A 23 11.41 -1.49 -8.52
N ALA A 24 12.22 -0.58 -9.04
CA ALA A 24 12.25 0.81 -8.58
C ALA A 24 11.15 1.64 -9.25
N GLY A 25 10.49 2.50 -8.47
CA GLY A 25 9.40 3.31 -9.00
C GLY A 25 8.09 3.14 -8.23
N PRO A 26 7.39 2.01 -8.42
CA PRO A 26 6.16 1.70 -7.67
C PRO A 26 6.43 1.39 -6.19
N MET A 27 5.63 1.97 -5.30
CA MET A 27 5.79 1.76 -3.86
C MET A 27 4.62 0.97 -3.25
N ARG A 28 4.93 -0.03 -2.44
CA ARG A 28 3.91 -0.83 -1.75
C ARG A 28 3.73 -0.38 -0.29
N LEU A 29 2.53 0.12 0.03
CA LEU A 29 2.21 0.55 1.40
C LEU A 29 1.40 -0.52 2.15
N TYR A 30 1.68 -0.66 3.44
CA TYR A 30 0.94 -1.57 4.31
C TYR A 30 -0.13 -0.81 5.11
N VAL A 31 -1.40 -1.20 4.92
CA VAL A 31 -2.52 -0.60 5.66
C VAL A 31 -3.17 -1.65 6.58
N GLY A 32 -3.06 -1.48 7.89
CA GLY A 32 -3.55 -2.49 8.83
C GLY A 32 -4.31 -1.93 10.04
N SER A 33 -5.63 -1.82 9.92
CA SER A 33 -6.49 -1.39 11.03
C SER A 33 -7.99 -1.45 10.67
N LEU A 34 -8.33 -2.23 9.65
CA LEU A 34 -9.71 -2.29 9.14
C LEU A 34 -10.56 -3.30 9.93
N HIS A 35 -11.87 -3.05 10.04
CA HIS A 35 -12.74 -3.92 10.85
C HIS A 35 -13.90 -4.53 10.02
N PHE A 36 -13.58 -5.54 9.23
CA PHE A 36 -14.59 -6.34 8.48
C PHE A 36 -15.68 -5.45 7.83
N ASN A 37 -15.26 -4.33 7.24
CA ASN A 37 -16.21 -3.40 6.61
C ASN A 37 -15.54 -2.59 5.50
N ILE A 38 -14.39 -1.98 5.83
CA ILE A 38 -13.66 -1.14 4.87
C ILE A 38 -13.17 -1.97 3.67
N THR A 39 -13.48 -1.50 2.47
CA THR A 39 -13.16 -2.24 1.22
C THR A 39 -12.00 -1.59 0.46
N GLU A 40 -11.54 -2.29 -0.58
CA GLU A 40 -10.44 -1.80 -1.42
C GLU A 40 -10.87 -0.56 -2.21
N ASP A 41 -12.15 -0.51 -2.58
CA ASP A 41 -12.72 0.65 -3.25
C ASP A 41 -12.70 1.89 -2.36
N MET A 42 -12.97 1.69 -1.06
CA MET A 42 -12.90 2.77 -0.07
C MET A 42 -11.48 3.32 0.03
N LEU A 43 -10.54 2.41 0.24
CA LEU A 43 -9.12 2.75 0.34
C LEU A 43 -8.65 3.52 -0.91
N ARG A 44 -8.94 2.97 -2.09
CA ARG A 44 -8.58 3.63 -3.35
C ARG A 44 -9.05 5.10 -3.36
N GLY A 45 -10.32 5.32 -3.03
CA GLY A 45 -10.87 6.67 -3.00
C GLY A 45 -10.16 7.61 -2.03
N ILE A 46 -9.59 7.05 -0.96
CA ILE A 46 -8.86 7.85 0.03
C ILE A 46 -7.40 8.12 -0.41
N PHE A 47 -6.76 7.13 -1.04
CA PHE A 47 -5.34 7.22 -1.40
C PHE A 47 -5.10 7.91 -2.77
N GLU A 48 -6.04 7.77 -3.72
CA GLU A 48 -5.87 8.37 -5.07
C GLU A 48 -5.63 9.90 -5.05
N PRO A 49 -6.30 10.67 -4.16
CA PRO A 49 -5.99 12.11 -3.96
C PRO A 49 -4.48 12.39 -3.79
N PHE A 50 -3.72 11.37 -3.40
CA PHE A 50 -2.26 11.47 -3.30
C PHE A 50 -1.59 10.97 -4.59
N GLY A 51 -2.07 9.83 -5.08
CA GLY A 51 -1.51 9.21 -6.28
C GLY A 51 -2.31 7.99 -6.71
N ARG A 52 -2.48 7.84 -8.03
CA ARG A 52 -3.24 6.71 -8.58
C ARG A 52 -2.64 5.35 -8.16
N ILE A 53 -3.51 4.43 -7.75
CA ILE A 53 -3.08 3.09 -7.34
C ILE A 53 -3.19 2.09 -8.51
N GLU A 54 -2.18 1.24 -8.65
CA GLU A 54 -2.18 0.21 -9.69
C GLU A 54 -2.86 -1.08 -9.21
N SER A 55 -2.62 -1.46 -7.96
CA SER A 55 -3.21 -2.69 -7.39
C SER A 55 -3.41 -2.60 -5.88
N ILE A 56 -4.60 -2.98 -5.43
CA ILE A 56 -4.91 -3.07 -3.99
C ILE A 56 -5.26 -4.52 -3.62
N GLN A 57 -4.68 -5.02 -2.54
CA GLN A 57 -4.96 -6.39 -2.08
C GLN A 57 -5.12 -6.45 -0.56
N LEU A 58 -6.30 -6.85 -0.09
CA LEU A 58 -6.53 -7.04 1.34
C LEU A 58 -6.35 -8.52 1.71
N MET A 59 -5.92 -8.80 2.94
CA MET A 59 -5.66 -10.18 3.36
C MET A 59 -6.90 -10.81 4.02
N MET A 60 -7.45 -11.80 3.33
CA MET A 60 -8.69 -12.46 3.75
C MET A 60 -8.65 -13.94 3.34
N ASP A 61 -9.24 -14.81 4.15
CA ASP A 61 -9.18 -16.27 3.92
C ASP A 61 -10.57 -16.89 3.76
N SER A 62 -10.90 -17.31 2.54
CA SER A 62 -12.21 -17.87 2.22
C SER A 62 -12.59 -19.07 3.11
N GLU A 63 -11.58 -19.85 3.50
CA GLU A 63 -11.81 -21.05 4.34
C GLU A 63 -12.50 -20.69 5.66
N THR A 64 -12.12 -19.57 6.26
CA THR A 64 -12.66 -19.13 7.56
C THR A 64 -11.98 -17.87 8.10
N GLY A 65 -10.84 -17.48 7.51
CA GLY A 65 -10.12 -16.28 7.96
C GLY A 65 -10.94 -15.02 7.76
N ARG A 66 -11.77 -15.02 6.71
CA ARG A 66 -12.76 -13.96 6.47
C ARG A 66 -12.13 -12.60 6.15
N SER A 67 -11.47 -11.99 7.13
CA SER A 67 -10.76 -10.72 6.93
C SER A 67 -9.85 -10.40 8.11
N LYS A 68 -8.54 -10.34 7.84
CA LYS A 68 -7.55 -10.08 8.89
C LYS A 68 -7.36 -8.57 9.12
N GLY A 69 -7.99 -7.75 8.29
CA GLY A 69 -8.05 -6.31 8.55
C GLY A 69 -6.85 -5.51 8.04
N TYR A 70 -5.92 -6.18 7.35
CA TYR A 70 -4.76 -5.46 6.77
C TYR A 70 -4.52 -5.88 5.32
N GLY A 71 -4.05 -4.92 4.51
CA GLY A 71 -3.82 -5.16 3.09
C GLY A 71 -2.72 -4.29 2.50
N PHE A 72 -2.20 -4.69 1.35
CA PHE A 72 -1.11 -3.97 0.68
C PHE A 72 -1.61 -3.18 -0.53
N ILE A 73 -1.25 -1.90 -0.59
CA ILE A 73 -1.62 -1.02 -1.70
C ILE A 73 -0.38 -0.63 -2.54
N THR A 74 -0.48 -0.75 -3.86
CA THR A 74 0.66 -0.46 -4.75
C THR A 74 0.42 0.78 -5.62
N PHE A 75 1.29 1.80 -5.45
CA PHE A 75 1.18 3.06 -6.21
C PHE A 75 2.15 3.09 -7.39
N SER A 76 1.78 3.85 -8.43
CA SER A 76 2.65 4.02 -9.61
C SER A 76 3.91 4.83 -9.27
N ASP A 77 3.94 5.43 -8.08
CA ASP A 77 5.06 6.28 -7.67
C ASP A 77 5.45 6.07 -6.20
N SER A 78 6.65 6.49 -5.84
CA SER A 78 7.18 6.33 -4.48
C SER A 78 6.87 7.54 -3.58
N GLU A 79 6.93 8.75 -4.14
CA GLU A 79 6.71 9.97 -3.34
C GLU A 79 5.22 10.24 -3.08
N CYS A 80 4.38 10.01 -4.10
CA CYS A 80 2.92 10.12 -3.93
C CYS A 80 2.43 9.17 -2.82
N ALA A 81 2.96 7.95 -2.82
CA ALA A 81 2.65 6.95 -1.79
C ALA A 81 3.23 7.36 -0.44
N LYS A 82 4.49 7.79 -0.45
CA LYS A 82 5.17 8.24 0.76
C LYS A 82 4.42 9.39 1.44
N LYS A 83 3.78 10.26 0.64
CA LYS A 83 2.98 11.35 1.19
C LYS A 83 1.64 10.82 1.72
N ALA A 84 1.05 9.85 1.03
CA ALA A 84 -0.15 9.18 1.53
C ALA A 84 0.11 8.58 2.92
N LEU A 85 1.35 8.15 3.13
CA LEU A 85 1.78 7.61 4.42
C LEU A 85 1.76 8.70 5.51
N GLU A 86 2.46 9.81 5.26
CA GLU A 86 2.60 10.87 6.27
C GLU A 86 1.26 11.55 6.63
N GLN A 87 0.26 11.42 5.77
CA GLN A 87 -1.07 11.97 6.06
C GLN A 87 -2.00 10.93 6.69
N LEU A 88 -2.03 9.73 6.11
CA LEU A 88 -3.03 8.72 6.49
C LEU A 88 -2.57 7.81 7.65
N ASN A 89 -1.27 7.77 7.93
CA ASN A 89 -0.77 6.98 9.06
C ASN A 89 -1.18 7.65 10.38
N GLY A 90 -2.33 7.25 10.90
CA GLY A 90 -2.92 7.88 12.07
C GLY A 90 -4.32 8.42 11.79
N PHE A 91 -4.67 8.50 10.50
CA PHE A 91 -5.99 8.95 10.07
C PHE A 91 -7.09 8.02 10.60
N GLU A 92 -8.02 8.55 11.38
CA GLU A 92 -9.09 7.76 11.98
C GLU A 92 -10.21 7.47 10.97
N LEU A 93 -10.11 6.31 10.32
CA LEU A 93 -11.14 5.87 9.36
C LEU A 93 -12.11 4.90 10.04
N ALA A 94 -13.41 5.08 9.80
CA ALA A 94 -14.44 4.27 10.46
C ALA A 94 -14.38 4.42 11.99
N GLY A 95 -13.83 5.54 12.44
CA GLY A 95 -13.66 5.80 13.87
C GLY A 95 -12.42 5.16 14.47
N ARG A 96 -11.59 4.52 13.63
CA ARG A 96 -10.36 3.87 14.09
C ARG A 96 -9.11 4.45 13.41
N PRO A 97 -8.03 4.69 14.16
CA PRO A 97 -6.75 5.17 13.60
C PRO A 97 -6.17 4.16 12.58
N MET A 98 -5.81 4.65 11.40
CA MET A 98 -5.38 3.77 10.31
C MET A 98 -3.85 3.70 10.22
N LYS A 99 -3.33 2.47 10.27
CA LYS A 99 -1.87 2.25 10.22
C LYS A 99 -1.40 2.12 8.77
N VAL A 100 -0.80 3.18 8.25
CA VAL A 100 -0.26 3.19 6.88
C VAL A 100 1.27 3.34 6.91
N GLY A 101 1.98 2.24 6.77
CA GLY A 101 3.44 2.28 6.79
C GLY A 101 4.08 1.45 5.70
N HIS A 102 5.34 1.73 5.39
CA HIS A 102 6.08 0.95 4.39
C HIS A 102 6.45 -0.44 4.94
N VAL A 103 6.57 -1.42 4.06
CA VAL A 103 6.78 -2.82 4.48
C VAL A 103 8.11 -3.02 5.24
N THR A 104 8.06 -2.77 6.54
CA THR A 104 9.21 -2.98 7.44
C THR A 104 8.82 -3.92 8.59
N GLU A 105 8.92 -5.22 8.33
CA GLU A 105 8.47 -6.25 9.28
C GLU A 105 9.52 -6.55 10.36
N ARG A 106 10.79 -6.44 10.02
CA ARG A 106 11.88 -6.80 10.93
C ARG A 106 12.48 -5.60 11.65
N THR A 107 12.31 -5.56 12.97
CA THR A 107 13.06 -4.61 13.81
C THR A 107 14.31 -5.30 14.37
N ASP A 108 14.08 -6.29 15.24
CA ASP A 108 15.15 -7.18 15.75
C ASP A 108 16.46 -6.44 16.09
N MET A 1 -12.71 -15.89 -38.11
CA MET A 1 -11.71 -16.63 -38.93
C MET A 1 -11.27 -17.92 -38.24
N GLY A 2 -10.32 -18.64 -38.85
CA GLY A 2 -9.81 -19.88 -38.28
C GLY A 2 -9.13 -19.69 -36.92
N HIS A 3 -9.94 -19.65 -35.86
CA HIS A 3 -9.45 -19.42 -34.49
C HIS A 3 -8.55 -18.18 -34.41
N HIS A 4 -7.25 -18.38 -34.18
CA HIS A 4 -6.27 -17.29 -34.14
C HIS A 4 -4.91 -17.76 -34.67
N HIS A 5 -4.61 -17.45 -35.92
CA HIS A 5 -3.37 -17.89 -36.57
C HIS A 5 -2.19 -16.99 -36.16
N HIS A 6 -1.83 -17.03 -34.87
CA HIS A 6 -0.74 -16.20 -34.33
C HIS A 6 0.64 -16.85 -34.58
N HIS A 7 0.80 -17.43 -35.77
CA HIS A 7 2.02 -18.16 -36.12
C HIS A 7 3.21 -17.21 -36.33
N HIS A 8 3.90 -16.89 -35.23
CA HIS A 8 5.11 -16.03 -35.31
C HIS A 8 6.06 -16.29 -34.12
N SER A 9 5.78 -17.35 -33.36
CA SER A 9 6.60 -17.74 -32.19
C SER A 9 6.62 -16.67 -31.09
N HIS A 10 7.22 -17.02 -29.95
CA HIS A 10 7.30 -16.11 -28.80
C HIS A 10 8.34 -14.99 -29.04
N MET A 11 7.91 -13.92 -29.70
CA MET A 11 8.78 -12.76 -29.98
C MET A 11 9.32 -12.14 -28.69
N ALA A 12 8.44 -11.88 -27.73
CA ALA A 12 8.82 -11.24 -26.47
C ALA A 12 9.74 -12.14 -25.62
N ALA A 13 9.17 -13.21 -25.06
CA ALA A 13 9.93 -14.16 -24.23
C ALA A 13 10.60 -13.48 -23.01
N ALA A 14 10.13 -12.29 -22.66
CA ALA A 14 10.69 -11.54 -21.54
C ALA A 14 9.75 -11.57 -20.32
N MET A 15 10.33 -11.56 -19.12
CA MET A 15 9.54 -11.61 -17.88
C MET A 15 9.31 -10.20 -17.30
N ALA A 16 8.06 -9.90 -16.95
CA ALA A 16 7.72 -8.58 -16.41
C ALA A 16 7.93 -8.53 -14.88
N ASN A 17 9.19 -8.35 -14.46
CA ASN A 17 9.54 -8.27 -13.04
C ASN A 17 10.49 -7.10 -12.76
N ASN A 18 9.94 -5.95 -12.38
CA ASN A 18 10.75 -4.77 -12.06
C ASN A 18 11.40 -4.86 -10.67
N LEU A 19 10.57 -4.79 -9.61
CA LEU A 19 11.04 -4.97 -8.22
C LEU A 19 12.03 -3.89 -7.81
N GLN A 20 13.28 -4.02 -8.27
CA GLN A 20 14.30 -3.00 -8.01
C GLN A 20 15.32 -2.92 -9.16
N LYS A 21 15.10 -3.70 -10.22
CA LYS A 21 15.98 -3.67 -11.39
C LYS A 21 15.73 -2.41 -12.25
N GLY A 22 14.46 -2.08 -12.47
CA GLY A 22 14.11 -0.91 -13.26
C GLY A 22 14.17 0.39 -12.47
N SER A 23 15.36 0.71 -11.94
CA SER A 23 15.60 1.93 -11.13
C SER A 23 14.56 2.14 -10.02
N ALA A 24 13.42 2.72 -10.37
CA ALA A 24 12.33 2.99 -9.42
C ALA A 24 10.99 2.44 -9.94
N GLY A 25 10.19 1.88 -9.04
CA GLY A 25 8.92 1.27 -9.44
C GLY A 25 7.78 1.55 -8.47
N PRO A 26 6.61 0.93 -8.69
CA PRO A 26 5.43 1.10 -7.81
C PRO A 26 5.72 0.78 -6.34
N MET A 27 5.38 1.71 -5.44
CA MET A 27 5.64 1.55 -4.01
C MET A 27 4.38 1.07 -3.28
N ARG A 28 4.56 0.17 -2.30
CA ARG A 28 3.43 -0.50 -1.65
C ARG A 28 3.32 -0.13 -0.15
N LEU A 29 2.11 0.24 0.28
CA LEU A 29 1.86 0.60 1.68
C LEU A 29 1.03 -0.48 2.41
N TYR A 30 1.32 -0.67 3.70
CA TYR A 30 0.53 -1.55 4.56
C TYR A 30 -0.48 -0.72 5.36
N VAL A 31 -1.77 -0.91 5.07
CA VAL A 31 -2.84 -0.16 5.74
C VAL A 31 -3.60 -1.05 6.74
N GLY A 32 -3.38 -0.81 8.03
CA GLY A 32 -4.01 -1.64 9.07
C GLY A 32 -5.03 -0.89 9.92
N SER A 33 -6.31 -1.04 9.56
CA SER A 33 -7.43 -0.52 10.38
C SER A 33 -8.79 -0.96 9.80
N LEU A 34 -8.77 -1.94 8.90
CA LEU A 34 -9.96 -2.32 8.14
C LEU A 34 -10.80 -3.33 8.95
N HIS A 35 -11.71 -2.81 9.77
CA HIS A 35 -12.46 -3.68 10.70
C HIS A 35 -13.60 -4.45 9.99
N PHE A 36 -13.20 -5.40 9.13
CA PHE A 36 -14.14 -6.30 8.43
C PHE A 36 -15.21 -5.55 7.59
N ASN A 37 -15.06 -4.24 7.42
CA ASN A 37 -16.05 -3.44 6.68
C ASN A 37 -15.43 -2.67 5.51
N ILE A 38 -14.23 -2.13 5.72
CA ILE A 38 -13.56 -1.30 4.72
C ILE A 38 -13.15 -2.12 3.48
N THR A 39 -13.44 -1.57 2.29
CA THR A 39 -13.18 -2.26 1.02
C THR A 39 -12.03 -1.62 0.23
N GLU A 40 -11.54 -2.34 -0.79
CA GLU A 40 -10.45 -1.84 -1.64
C GLU A 40 -10.89 -0.58 -2.41
N ASP A 41 -12.15 -0.54 -2.82
CA ASP A 41 -12.69 0.63 -3.54
C ASP A 41 -12.74 1.87 -2.64
N MET A 42 -12.99 1.66 -1.35
CA MET A 42 -12.97 2.74 -0.36
C MET A 42 -11.54 3.26 -0.19
N LEU A 43 -10.61 2.31 -0.07
CA LEU A 43 -9.18 2.62 0.07
C LEU A 43 -8.67 3.51 -1.07
N ARG A 44 -8.87 3.09 -2.32
CA ARG A 44 -8.40 3.89 -3.47
C ARG A 44 -9.09 5.27 -3.51
N GLY A 45 -10.36 5.31 -3.06
CA GLY A 45 -11.08 6.58 -2.98
C GLY A 45 -10.34 7.62 -2.13
N ILE A 46 -9.71 7.14 -1.05
CA ILE A 46 -8.93 8.01 -0.16
C ILE A 46 -7.48 8.20 -0.65
N PHE A 47 -6.81 7.10 -0.98
CA PHE A 47 -5.36 7.09 -1.25
C PHE A 47 -4.98 7.52 -2.69
N GLU A 48 -5.83 7.22 -3.67
CA GLU A 48 -5.50 7.47 -5.09
C GLU A 48 -5.28 8.97 -5.41
N PRO A 49 -6.13 9.90 -4.89
CA PRO A 49 -5.93 11.35 -5.10
C PRO A 49 -4.50 11.84 -4.84
N PHE A 50 -3.69 11.05 -4.11
CA PHE A 50 -2.29 11.40 -3.86
C PHE A 50 -1.43 11.26 -5.14
N GLY A 51 -1.50 10.10 -5.80
CA GLY A 51 -0.72 9.92 -7.04
C GLY A 51 -1.06 8.65 -7.80
N ARG A 52 -2.36 8.36 -7.91
CA ARG A 52 -2.86 7.19 -8.64
C ARG A 52 -2.42 5.85 -8.02
N ILE A 53 -3.32 4.87 -8.07
CA ILE A 53 -3.04 3.53 -7.53
C ILE A 53 -3.11 2.47 -8.64
N GLU A 54 -2.11 1.59 -8.67
CA GLU A 54 -2.04 0.54 -9.69
C GLU A 54 -2.90 -0.68 -9.32
N SER A 55 -2.65 -1.25 -8.15
CA SER A 55 -3.39 -2.42 -7.68
C SER A 55 -3.48 -2.45 -6.15
N ILE A 56 -4.65 -2.82 -5.63
CA ILE A 56 -4.83 -2.94 -4.18
C ILE A 56 -4.94 -4.40 -3.76
N GLN A 57 -3.98 -4.84 -2.97
CA GLN A 57 -3.95 -6.21 -2.44
C GLN A 57 -4.49 -6.22 -1.01
N LEU A 58 -5.61 -6.89 -0.78
CA LEU A 58 -6.18 -6.92 0.58
C LEU A 58 -5.76 -8.21 1.29
N MET A 59 -5.32 -8.06 2.55
CA MET A 59 -4.72 -9.18 3.28
C MET A 59 -5.77 -9.92 4.11
N MET A 60 -6.23 -11.04 3.54
CA MET A 60 -7.19 -11.91 4.20
C MET A 60 -6.71 -13.37 4.12
N ASP A 61 -7.05 -14.17 5.11
CA ASP A 61 -6.63 -15.57 5.13
C ASP A 61 -7.30 -16.36 4.00
N SER A 62 -6.63 -16.45 2.86
CA SER A 62 -7.10 -17.26 1.72
C SER A 62 -7.30 -18.73 2.13
N GLU A 63 -6.86 -19.07 3.33
CA GLU A 63 -7.03 -20.41 3.88
C GLU A 63 -8.47 -20.62 4.37
N THR A 64 -9.02 -19.62 5.06
CA THR A 64 -10.36 -19.71 5.67
C THR A 64 -11.32 -18.64 5.15
N GLY A 65 -10.85 -17.79 4.24
CA GLY A 65 -11.68 -16.73 3.68
C GLY A 65 -11.99 -15.61 4.67
N ARG A 66 -11.19 -15.49 5.72
CA ARG A 66 -11.45 -14.49 6.78
C ARG A 66 -10.57 -13.24 6.61
N SER A 67 -11.11 -12.10 7.04
CA SER A 67 -10.40 -10.81 6.90
C SER A 67 -9.47 -10.57 8.10
N LYS A 68 -8.21 -10.24 7.83
CA LYS A 68 -7.22 -10.02 8.89
C LYS A 68 -7.25 -8.57 9.41
N GLY A 69 -7.88 -7.67 8.65
CA GLY A 69 -8.04 -6.29 9.10
C GLY A 69 -7.06 -5.30 8.48
N TYR A 70 -6.26 -5.74 7.50
CA TYR A 70 -5.29 -4.87 6.83
C TYR A 70 -5.12 -5.20 5.35
N GLY A 71 -4.59 -4.24 4.59
CA GLY A 71 -4.41 -4.41 3.15
C GLY A 71 -3.15 -3.71 2.62
N PHE A 72 -2.53 -4.29 1.59
CA PHE A 72 -1.36 -3.69 0.94
C PHE A 72 -1.73 -2.95 -0.35
N ILE A 73 -1.59 -1.63 -0.35
CA ILE A 73 -1.95 -0.81 -1.52
C ILE A 73 -0.72 -0.45 -2.35
N THR A 74 -0.76 -0.75 -3.65
CA THR A 74 0.37 -0.47 -4.56
C THR A 74 0.12 0.79 -5.40
N PHE A 75 0.97 1.80 -5.25
CA PHE A 75 0.82 3.10 -5.92
C PHE A 75 1.67 3.21 -7.19
N SER A 76 1.21 4.01 -8.14
CA SER A 76 1.93 4.22 -9.40
C SER A 76 3.18 5.08 -9.19
N ASP A 77 3.13 5.94 -8.18
CA ASP A 77 4.25 6.82 -7.84
C ASP A 77 4.78 6.51 -6.43
N SER A 78 6.10 6.39 -6.31
CA SER A 78 6.75 6.06 -5.01
C SER A 78 6.57 7.19 -3.99
N GLU A 79 6.92 8.41 -4.39
CA GLU A 79 6.80 9.59 -3.51
C GLU A 79 5.34 9.77 -3.04
N CYS A 80 4.39 9.42 -3.92
CA CYS A 80 2.95 9.45 -3.57
C CYS A 80 2.64 8.54 -2.37
N ALA A 81 3.18 7.32 -2.38
CA ALA A 81 2.98 6.38 -1.29
C ALA A 81 3.61 6.88 0.02
N LYS A 82 4.82 7.45 -0.10
CA LYS A 82 5.53 7.99 1.06
C LYS A 82 4.80 9.19 1.67
N LYS A 83 4.17 10.01 0.82
CA LYS A 83 3.33 11.12 1.28
C LYS A 83 2.02 10.62 1.89
N ALA A 84 1.32 9.75 1.16
CA ALA A 84 0.05 9.16 1.64
C ALA A 84 0.22 8.57 3.04
N LEU A 85 1.33 7.87 3.25
CA LEU A 85 1.71 7.35 4.56
C LEU A 85 1.79 8.50 5.59
N GLU A 86 2.61 9.49 5.27
CA GLU A 86 2.85 10.64 6.15
C GLU A 86 1.55 11.33 6.59
N GLN A 87 0.57 11.37 5.67
CA GLN A 87 -0.69 12.09 5.92
C GLN A 87 -1.71 11.21 6.65
N LEU A 88 -1.73 9.92 6.35
CA LEU A 88 -2.79 9.03 6.84
C LEU A 88 -2.33 8.11 7.99
N ASN A 89 -1.03 8.13 8.31
CA ASN A 89 -0.49 7.33 9.42
C ASN A 89 -1.10 7.79 10.77
N GLY A 90 -2.09 7.05 11.25
CA GLY A 90 -2.75 7.37 12.51
C GLY A 90 -4.13 8.02 12.33
N PHE A 91 -4.52 8.24 11.08
CA PHE A 91 -5.82 8.86 10.76
C PHE A 91 -7.00 7.94 11.15
N GLU A 92 -7.99 8.50 11.84
CA GLU A 92 -9.18 7.73 12.23
C GLU A 92 -10.02 7.37 11.00
N LEU A 93 -9.93 6.11 10.58
CA LEU A 93 -10.72 5.60 9.46
C LEU A 93 -11.74 4.55 9.94
N ALA A 94 -13.00 4.76 9.59
CA ALA A 94 -14.08 3.86 10.03
C ALA A 94 -14.16 3.77 11.56
N GLY A 95 -13.66 4.80 12.23
CA GLY A 95 -13.72 4.89 13.69
C GLY A 95 -12.43 4.52 14.39
N ARG A 96 -11.52 3.82 13.70
CA ARG A 96 -10.26 3.37 14.29
C ARG A 96 -9.04 4.01 13.60
N PRO A 97 -8.01 4.40 14.38
CA PRO A 97 -6.76 4.95 13.83
C PRO A 97 -6.12 4.01 12.80
N MET A 98 -5.73 4.55 11.65
CA MET A 98 -5.27 3.74 10.53
C MET A 98 -3.75 3.63 10.48
N LYS A 99 -3.26 2.39 10.58
CA LYS A 99 -1.82 2.11 10.64
C LYS A 99 -1.22 1.96 9.23
N VAL A 100 -0.69 3.04 8.69
CA VAL A 100 -0.09 3.02 7.34
C VAL A 100 1.44 2.97 7.40
N GLY A 101 2.02 1.85 6.95
CA GLY A 101 3.48 1.73 6.90
C GLY A 101 3.96 0.97 5.66
N HIS A 102 4.94 1.52 4.93
CA HIS A 102 5.44 0.88 3.70
C HIS A 102 6.06 -0.49 3.96
N VAL A 103 5.25 -1.54 3.79
CA VAL A 103 5.67 -2.93 4.03
C VAL A 103 6.35 -3.10 5.39
N THR A 104 5.55 -3.34 6.43
CA THR A 104 6.07 -3.43 7.80
C THR A 104 6.83 -4.74 8.06
N GLU A 105 8.10 -4.76 7.66
CA GLU A 105 9.01 -5.87 7.96
C GLU A 105 9.81 -5.58 9.24
N ARG A 106 10.73 -4.60 9.14
CA ARG A 106 11.53 -4.15 10.29
C ARG A 106 12.59 -5.19 10.71
N THR A 107 12.15 -6.39 11.04
CA THR A 107 13.05 -7.48 11.48
C THR A 107 14.18 -7.72 10.48
N ASP A 108 15.42 -7.56 10.93
CA ASP A 108 16.60 -7.76 10.08
C ASP A 108 16.91 -9.26 9.88
N MET A 1 26.23 10.95 19.66
CA MET A 1 25.47 12.09 20.26
C MET A 1 24.68 12.86 19.19
N GLY A 2 25.05 12.67 17.93
CA GLY A 2 24.27 13.25 16.83
C GLY A 2 23.27 12.27 16.23
N HIS A 3 22.82 12.52 15.01
CA HIS A 3 21.88 11.61 14.33
C HIS A 3 22.36 11.25 12.92
N HIS A 4 23.01 10.09 12.78
CA HIS A 4 23.46 9.58 11.48
C HIS A 4 23.04 8.11 11.30
N HIS A 5 22.40 7.80 10.18
CA HIS A 5 21.93 6.44 9.90
C HIS A 5 23.08 5.55 9.38
N HIS A 6 23.06 4.27 9.75
CA HIS A 6 24.08 3.31 9.32
C HIS A 6 23.45 2.16 8.50
N HIS A 7 22.19 2.34 8.12
CA HIS A 7 21.45 1.32 7.37
C HIS A 7 21.86 1.31 5.89
N HIS A 8 22.13 0.11 5.37
CA HIS A 8 22.46 -0.09 3.95
C HIS A 8 23.78 0.61 3.54
N SER A 9 24.86 -0.16 3.48
CA SER A 9 26.16 0.33 3.02
C SER A 9 26.77 -0.63 1.98
N HIS A 10 27.17 -1.82 2.43
CA HIS A 10 27.74 -2.86 1.56
C HIS A 10 28.93 -2.34 0.73
N MET A 11 29.65 -1.37 1.31
CA MET A 11 30.80 -0.72 0.66
C MET A 11 30.38 0.01 -0.63
N ALA A 12 30.09 -0.74 -1.69
CA ALA A 12 29.68 -0.18 -2.97
C ALA A 12 28.55 -1.01 -3.63
N ALA A 13 27.33 -0.50 -3.57
CA ALA A 13 26.19 -1.18 -4.20
C ALA A 13 26.09 -0.88 -5.71
N ALA A 14 25.14 -1.52 -6.38
CA ALA A 14 24.92 -1.34 -7.83
C ALA A 14 26.07 -1.92 -8.68
N MET A 15 27.02 -2.58 -8.01
CA MET A 15 28.15 -3.22 -8.69
C MET A 15 27.92 -4.74 -8.80
N ALA A 16 27.86 -5.25 -10.03
CA ALA A 16 27.57 -6.68 -10.26
C ALA A 16 28.02 -7.14 -11.66
N ASN A 17 27.59 -8.32 -12.06
CA ASN A 17 27.88 -8.86 -13.41
C ASN A 17 26.99 -8.22 -14.49
N ASN A 18 26.14 -7.27 -14.08
CA ASN A 18 25.28 -6.53 -15.02
C ASN A 18 25.25 -5.04 -14.66
N LEU A 19 24.50 -4.25 -15.44
CA LEU A 19 24.44 -2.79 -15.27
C LEU A 19 23.28 -2.40 -14.35
N GLN A 20 23.12 -3.16 -13.26
CA GLN A 20 22.04 -2.94 -12.28
C GLN A 20 20.67 -3.45 -12.79
N LYS A 21 20.52 -3.53 -14.11
CA LYS A 21 19.30 -4.05 -14.76
C LYS A 21 18.10 -3.10 -14.60
N GLY A 22 17.64 -2.93 -13.36
CA GLY A 22 16.52 -2.03 -13.09
C GLY A 22 16.35 -1.76 -11.59
N SER A 23 16.07 -0.50 -11.24
CA SER A 23 15.93 -0.11 -9.83
C SER A 23 14.46 0.00 -9.40
N ALA A 24 13.55 -0.53 -10.23
CA ALA A 24 12.11 -0.52 -9.94
C ALA A 24 11.51 0.90 -10.02
N GLY A 25 10.28 1.06 -9.54
CA GLY A 25 9.61 2.35 -9.61
C GLY A 25 8.40 2.47 -8.68
N PRO A 26 7.38 1.60 -8.85
CA PRO A 26 6.20 1.58 -7.95
C PRO A 26 6.55 1.28 -6.48
N MET A 27 5.67 1.72 -5.56
CA MET A 27 5.89 1.51 -4.12
C MET A 27 4.67 0.82 -3.47
N ARG A 28 4.92 0.01 -2.45
CA ARG A 28 3.88 -0.79 -1.81
C ARG A 28 3.76 -0.46 -0.30
N LEU A 29 2.57 -0.02 0.12
CA LEU A 29 2.33 0.37 1.51
C LEU A 29 1.50 -0.66 2.28
N TYR A 30 1.83 -0.84 3.56
CA TYR A 30 1.05 -1.68 4.47
C TYR A 30 -0.01 -0.82 5.21
N VAL A 31 -1.29 -1.12 4.97
CA VAL A 31 -2.39 -0.35 5.59
C VAL A 31 -3.28 -1.25 6.48
N GLY A 32 -3.19 -1.05 7.79
CA GLY A 32 -4.00 -1.81 8.74
C GLY A 32 -5.07 -0.96 9.43
N SER A 33 -6.32 -1.11 9.01
CA SER A 33 -7.44 -0.37 9.61
C SER A 33 -8.81 -0.87 9.09
N LEU A 34 -8.83 -2.04 8.46
CA LEU A 34 -10.02 -2.54 7.79
C LEU A 34 -10.94 -3.29 8.76
N HIS A 35 -11.81 -2.58 9.48
CA HIS A 35 -12.71 -3.24 10.44
C HIS A 35 -13.92 -3.90 9.73
N PHE A 36 -13.63 -4.93 8.93
CA PHE A 36 -14.65 -5.77 8.27
C PHE A 36 -15.58 -4.97 7.32
N ASN A 37 -15.25 -3.70 7.06
CA ASN A 37 -16.10 -2.86 6.19
C ASN A 37 -15.27 -2.16 5.10
N ILE A 38 -14.04 -1.78 5.44
CA ILE A 38 -13.19 -1.01 4.53
C ILE A 38 -12.66 -1.88 3.38
N THR A 39 -13.19 -1.67 2.18
CA THR A 39 -12.81 -2.45 0.99
C THR A 39 -11.80 -1.70 0.12
N GLU A 40 -11.38 -2.33 -0.99
CA GLU A 40 -10.43 -1.73 -1.93
C GLU A 40 -11.00 -0.44 -2.53
N ASP A 41 -12.28 -0.48 -2.90
CA ASP A 41 -12.96 0.69 -3.47
C ASP A 41 -12.99 1.86 -2.47
N MET A 42 -13.17 1.53 -1.20
CA MET A 42 -13.19 2.52 -0.11
C MET A 42 -11.79 3.16 0.05
N LEU A 43 -10.79 2.31 0.26
CA LEU A 43 -9.39 2.75 0.35
C LEU A 43 -8.96 3.57 -0.88
N ARG A 44 -9.35 3.08 -2.06
CA ARG A 44 -9.03 3.76 -3.31
C ARG A 44 -9.60 5.17 -3.35
N GLY A 45 -10.87 5.32 -2.96
CA GLY A 45 -11.49 6.64 -2.90
C GLY A 45 -10.74 7.61 -2.00
N ILE A 46 -10.11 7.08 -0.95
CA ILE A 46 -9.31 7.90 -0.02
C ILE A 46 -7.89 8.22 -0.57
N PHE A 47 -7.15 7.17 -0.94
CA PHE A 47 -5.73 7.31 -1.33
C PHE A 47 -5.52 7.81 -2.77
N GLU A 48 -6.41 7.43 -3.69
CA GLU A 48 -6.20 7.72 -5.13
C GLU A 48 -6.10 9.23 -5.43
N PRO A 49 -6.92 10.10 -4.78
CA PRO A 49 -6.78 11.57 -4.90
C PRO A 49 -5.32 12.07 -4.76
N PHE A 50 -4.48 11.31 -4.06
CA PHE A 50 -3.05 11.66 -3.92
C PHE A 50 -2.32 11.54 -5.28
N GLY A 51 -2.25 10.32 -5.81
CA GLY A 51 -1.53 10.11 -7.08
C GLY A 51 -1.81 8.77 -7.74
N ARG A 52 -3.08 8.35 -7.72
CA ARG A 52 -3.55 7.16 -8.46
C ARG A 52 -3.02 5.81 -7.86
N ILE A 53 -3.95 4.90 -7.58
CA ILE A 53 -3.60 3.55 -7.11
C ILE A 53 -3.23 2.62 -8.27
N GLU A 54 -2.21 1.78 -8.05
CA GLU A 54 -1.85 0.73 -9.01
C GLU A 54 -2.62 -0.56 -8.69
N SER A 55 -2.48 -1.05 -7.46
CA SER A 55 -3.17 -2.26 -7.00
C SER A 55 -3.45 -2.22 -5.49
N ILE A 56 -4.59 -2.77 -5.08
CA ILE A 56 -4.92 -2.88 -3.64
C ILE A 56 -5.17 -4.33 -3.25
N GLN A 57 -4.25 -4.90 -2.47
CA GLN A 57 -4.33 -6.31 -2.07
C GLN A 57 -4.69 -6.46 -0.59
N LEU A 58 -5.88 -6.97 -0.28
CA LEU A 58 -6.33 -7.12 1.10
C LEU A 58 -6.11 -8.56 1.59
N MET A 59 -5.72 -8.71 2.85
CA MET A 59 -5.40 -10.03 3.41
C MET A 59 -6.62 -10.65 4.11
N MET A 60 -7.27 -11.60 3.44
CA MET A 60 -8.43 -12.30 4.00
C MET A 60 -8.21 -13.82 3.99
N ASP A 61 -8.87 -14.51 4.92
CA ASP A 61 -8.85 -15.98 4.95
C ASP A 61 -10.13 -16.52 4.31
N SER A 62 -9.97 -17.22 3.18
CA SER A 62 -11.12 -17.65 2.37
C SER A 62 -11.86 -18.83 2.99
N GLU A 63 -11.22 -19.56 3.88
CA GLU A 63 -11.84 -20.71 4.54
C GLU A 63 -12.92 -20.26 5.53
N THR A 64 -12.48 -19.62 6.61
CA THR A 64 -13.41 -19.13 7.65
C THR A 64 -12.76 -18.07 8.55
N GLY A 65 -11.59 -17.56 8.16
CA GLY A 65 -10.91 -16.55 8.95
C GLY A 65 -11.34 -15.14 8.54
N ARG A 66 -11.73 -15.02 7.27
CA ARG A 66 -12.29 -13.78 6.73
C ARG A 66 -11.29 -12.61 6.81
N SER A 67 -11.79 -11.38 6.73
CA SER A 67 -10.94 -10.18 6.76
C SER A 67 -10.04 -10.12 8.02
N LYS A 68 -8.71 -10.24 7.82
CA LYS A 68 -7.76 -10.14 8.93
C LYS A 68 -7.66 -8.69 9.47
N GLY A 69 -7.95 -7.70 8.61
CA GLY A 69 -7.99 -6.31 9.05
C GLY A 69 -6.93 -5.41 8.41
N TYR A 70 -6.02 -5.99 7.65
CA TYR A 70 -4.94 -5.22 7.00
C TYR A 70 -4.74 -5.64 5.53
N GLY A 71 -4.26 -4.68 4.72
CA GLY A 71 -3.99 -4.93 3.32
C GLY A 71 -2.87 -4.06 2.76
N PHE A 72 -2.26 -4.50 1.67
CA PHE A 72 -1.14 -3.76 1.04
C PHE A 72 -1.61 -2.96 -0.18
N ILE A 73 -1.43 -1.64 -0.15
CA ILE A 73 -1.80 -0.77 -1.27
C ILE A 73 -0.55 -0.32 -2.06
N THR A 74 -0.50 -0.72 -3.33
CA THR A 74 0.64 -0.40 -4.20
C THR A 74 0.33 0.79 -5.11
N PHE A 75 1.20 1.81 -5.08
CA PHE A 75 1.10 2.97 -5.97
C PHE A 75 2.14 2.88 -7.10
N SER A 76 1.82 3.46 -8.25
CA SER A 76 2.75 3.45 -9.40
C SER A 76 3.94 4.41 -9.18
N ASP A 77 3.83 5.26 -8.15
CA ASP A 77 4.90 6.21 -7.81
C ASP A 77 5.31 6.06 -6.33
N SER A 78 6.61 6.25 -6.06
CA SER A 78 7.15 6.10 -4.70
C SER A 78 6.87 7.32 -3.82
N GLU A 79 7.05 8.51 -4.38
CA GLU A 79 6.90 9.75 -3.60
C GLU A 79 5.42 10.01 -3.24
N CYS A 80 4.51 9.64 -4.14
CA CYS A 80 3.08 9.73 -3.87
C CYS A 80 2.69 8.87 -2.66
N ALA A 81 3.24 7.66 -2.61
CA ALA A 81 3.03 6.75 -1.47
C ALA A 81 3.63 7.35 -0.18
N LYS A 82 4.81 7.94 -0.31
CA LYS A 82 5.47 8.62 0.80
C LYS A 82 4.58 9.72 1.39
N LYS A 83 3.99 10.53 0.51
CA LYS A 83 3.06 11.60 0.91
C LYS A 83 1.82 11.02 1.62
N ALA A 84 1.14 10.08 0.96
CA ALA A 84 -0.07 9.46 1.51
C ALA A 84 0.16 8.89 2.91
N LEU A 85 1.20 8.06 3.05
CA LEU A 85 1.56 7.45 4.33
C LEU A 85 1.73 8.50 5.43
N GLU A 86 2.59 9.49 5.18
CA GLU A 86 2.95 10.49 6.19
C GLU A 86 1.75 11.37 6.60
N GLN A 87 0.76 11.52 5.73
CA GLN A 87 -0.39 12.39 6.02
C GLN A 87 -1.59 11.61 6.60
N LEU A 88 -1.61 10.29 6.43
CA LEU A 88 -2.74 9.44 6.85
C LEU A 88 -2.38 8.51 8.02
N ASN A 89 -1.11 8.18 8.17
CA ASN A 89 -0.67 7.23 9.21
C ASN A 89 -1.04 7.72 10.62
N GLY A 90 -2.13 7.16 11.17
CA GLY A 90 -2.60 7.57 12.50
C GLY A 90 -4.03 8.11 12.47
N PHE A 91 -4.53 8.44 11.29
CA PHE A 91 -5.89 8.99 11.13
C PHE A 91 -6.97 7.96 11.55
N GLU A 92 -7.92 8.37 12.40
CA GLU A 92 -9.03 7.49 12.77
C GLU A 92 -9.94 7.20 11.58
N LEU A 93 -9.68 6.08 10.89
CA LEU A 93 -10.45 5.67 9.73
C LEU A 93 -11.70 4.86 10.13
N ALA A 94 -12.87 5.41 9.86
CA ALA A 94 -14.14 4.73 10.15
C ALA A 94 -14.26 4.31 11.63
N GLY A 95 -13.49 4.99 12.50
CA GLY A 95 -13.55 4.72 13.94
C GLY A 95 -12.29 4.03 14.49
N ARG A 96 -11.40 3.59 13.61
CA ARG A 96 -10.14 2.95 14.03
C ARG A 96 -8.94 3.57 13.29
N PRO A 97 -7.83 3.88 14.01
CA PRO A 97 -6.65 4.53 13.41
C PRO A 97 -6.15 3.82 12.14
N MET A 98 -5.57 4.58 11.23
CA MET A 98 -5.08 4.04 9.97
C MET A 98 -3.58 3.75 10.08
N LYS A 99 -3.23 2.48 10.19
CA LYS A 99 -1.85 2.06 10.39
C LYS A 99 -1.14 1.88 9.05
N VAL A 100 -0.53 2.95 8.54
CA VAL A 100 0.16 2.92 7.25
C VAL A 100 1.68 2.91 7.43
N GLY A 101 2.34 1.84 6.97
CA GLY A 101 3.78 1.70 7.15
C GLY A 101 4.45 0.94 6.01
N HIS A 102 5.77 1.07 5.89
CA HIS A 102 6.53 0.34 4.86
C HIS A 102 6.46 -1.18 5.08
N VAL A 103 6.72 -1.94 4.02
CA VAL A 103 6.75 -3.41 4.10
C VAL A 103 8.18 -3.88 4.42
N THR A 104 9.03 -2.91 4.79
CA THR A 104 10.46 -3.15 5.08
C THR A 104 11.28 -3.29 3.79
N GLU A 105 10.59 -3.60 2.68
CA GLU A 105 11.19 -3.69 1.35
C GLU A 105 12.27 -4.80 1.25
N ARG A 106 12.25 -5.56 0.16
CA ARG A 106 13.19 -6.68 -0.04
C ARG A 106 14.58 -6.18 -0.45
N THR A 107 15.24 -5.48 0.46
CA THR A 107 16.61 -4.99 0.29
C THR A 107 17.27 -4.74 1.66
N ASP A 108 18.49 -5.24 1.83
CA ASP A 108 19.23 -5.08 3.09
C ASP A 108 19.59 -3.60 3.38
N MET A 1 -10.09 -16.41 -30.52
CA MET A 1 -9.89 -15.87 -31.89
C MET A 1 -8.76 -14.82 -31.91
N GLY A 2 -9.01 -13.67 -31.29
CA GLY A 2 -8.03 -12.59 -31.27
C GLY A 2 -7.48 -12.28 -29.88
N HIS A 3 -8.37 -12.04 -28.93
CA HIS A 3 -7.97 -11.78 -27.54
C HIS A 3 -7.24 -13.00 -26.95
N HIS A 4 -5.92 -12.90 -26.82
CA HIS A 4 -5.09 -14.05 -26.42
C HIS A 4 -5.22 -14.36 -24.91
N HIS A 5 -4.84 -13.41 -24.06
CA HIS A 5 -4.94 -13.60 -22.61
C HIS A 5 -4.89 -12.27 -21.83
N HIS A 6 -3.84 -11.49 -22.03
CA HIS A 6 -3.64 -10.25 -21.27
C HIS A 6 -4.54 -9.12 -21.80
N HIS A 7 -5.67 -8.91 -21.13
CA HIS A 7 -6.63 -7.87 -21.52
C HIS A 7 -7.12 -7.08 -20.29
N HIS A 8 -6.41 -7.20 -19.18
CA HIS A 8 -6.81 -6.55 -17.91
C HIS A 8 -6.04 -5.23 -17.68
N SER A 9 -5.55 -4.62 -18.77
CA SER A 9 -4.75 -3.39 -18.67
C SER A 9 -5.27 -2.30 -19.64
N HIS A 10 -4.85 -2.36 -20.91
CA HIS A 10 -5.24 -1.36 -21.91
C HIS A 10 -4.90 0.08 -21.46
N MET A 11 -3.74 0.23 -20.81
CA MET A 11 -3.33 1.51 -20.24
C MET A 11 -2.38 2.27 -21.19
N ALA A 12 -2.93 3.22 -21.94
CA ALA A 12 -2.14 4.05 -22.87
C ALA A 12 -1.71 5.37 -22.20
N ALA A 13 -2.52 5.85 -21.26
CA ALA A 13 -2.25 7.11 -20.56
C ALA A 13 -1.27 6.94 -19.38
N ALA A 14 -0.43 5.90 -19.45
CA ALA A 14 0.56 5.63 -18.40
C ALA A 14 1.99 5.67 -18.96
N MET A 15 2.88 6.41 -18.29
CA MET A 15 4.27 6.52 -18.73
C MET A 15 5.12 5.35 -18.20
N ALA A 16 5.87 5.56 -17.11
CA ALA A 16 6.67 4.51 -16.45
C ALA A 16 7.86 3.99 -17.29
N ASN A 17 7.78 4.10 -18.62
CA ASN A 17 8.85 3.62 -19.51
C ASN A 17 10.22 4.19 -19.14
N ASN A 18 11.20 3.31 -18.97
CA ASN A 18 12.56 3.69 -18.60
C ASN A 18 13.37 4.17 -19.83
N LEU A 19 12.68 4.59 -20.89
CA LEU A 19 13.32 5.01 -22.14
C LEU A 19 14.10 6.31 -21.93
N GLN A 20 13.72 7.06 -20.90
CA GLN A 20 14.39 8.30 -20.55
C GLN A 20 15.47 8.09 -19.47
N LYS A 21 15.79 6.82 -19.22
CA LYS A 21 16.70 6.44 -18.13
C LYS A 21 16.13 6.81 -16.75
N GLY A 22 15.73 5.80 -16.00
CA GLY A 22 15.14 6.03 -14.67
C GLY A 22 14.20 4.92 -14.23
N SER A 23 13.72 4.98 -12.99
CA SER A 23 12.81 3.98 -12.45
C SER A 23 11.34 4.36 -12.70
N ALA A 24 10.44 3.38 -12.56
CA ALA A 24 9.01 3.61 -12.77
C ALA A 24 8.36 4.33 -11.57
N GLY A 25 8.44 3.73 -10.38
CA GLY A 25 7.81 4.32 -9.20
C GLY A 25 7.19 3.31 -8.20
N PRO A 26 6.47 2.26 -8.69
CA PRO A 26 5.75 1.27 -7.84
C PRO A 26 6.32 1.05 -6.42
N MET A 27 5.54 1.46 -5.41
CA MET A 27 5.83 1.15 -4.00
C MET A 27 4.53 0.80 -3.25
N ARG A 28 4.58 -0.23 -2.39
CA ARG A 28 3.38 -0.70 -1.67
C ARG A 28 3.33 -0.17 -0.22
N LEU A 29 2.12 0.14 0.24
CA LEU A 29 1.90 0.60 1.61
C LEU A 29 1.11 -0.44 2.43
N TYR A 30 1.50 -0.62 3.68
CA TYR A 30 0.79 -1.51 4.60
C TYR A 30 -0.29 -0.74 5.39
N VAL A 31 -1.56 -1.01 5.06
CA VAL A 31 -2.70 -0.37 5.75
C VAL A 31 -3.35 -1.34 6.75
N GLY A 32 -3.09 -1.13 8.04
CA GLY A 32 -3.63 -2.02 9.07
C GLY A 32 -4.63 -1.36 10.01
N SER A 33 -5.93 -1.44 9.67
CA SER A 33 -7.01 -0.94 10.54
C SER A 33 -8.40 -1.27 9.95
N LEU A 34 -8.45 -2.27 9.08
CA LEU A 34 -9.68 -2.60 8.35
C LEU A 34 -10.59 -3.51 9.18
N HIS A 35 -11.52 -2.93 9.93
CA HIS A 35 -12.37 -3.71 10.84
C HIS A 35 -13.55 -4.40 10.12
N PHE A 36 -13.24 -5.29 9.18
CA PHE A 36 -14.24 -6.14 8.49
C PHE A 36 -15.32 -5.32 7.73
N ASN A 37 -15.13 -4.01 7.62
CA ASN A 37 -16.11 -3.13 6.95
C ASN A 37 -15.43 -2.21 5.92
N ILE A 38 -14.13 -2.39 5.70
CA ILE A 38 -13.38 -1.55 4.78
C ILE A 38 -13.07 -2.30 3.48
N THR A 39 -13.41 -1.68 2.35
CA THR A 39 -13.24 -2.32 1.03
C THR A 39 -12.08 -1.71 0.25
N GLU A 40 -11.68 -2.38 -0.83
CA GLU A 40 -10.63 -1.87 -1.73
C GLU A 40 -10.98 -0.46 -2.24
N ASP A 41 -12.23 -0.28 -2.64
CA ASP A 41 -12.69 0.99 -3.22
C ASP A 41 -12.71 2.13 -2.19
N MET A 42 -12.96 1.80 -0.92
CA MET A 42 -12.92 2.81 0.14
C MET A 42 -11.50 3.39 0.26
N LEU A 43 -10.53 2.49 0.34
CA LEU A 43 -9.11 2.87 0.31
C LEU A 43 -8.78 3.66 -0.96
N ARG A 44 -9.28 3.18 -2.09
CA ARG A 44 -9.15 3.88 -3.38
C ARG A 44 -9.63 5.34 -3.27
N GLY A 45 -10.81 5.53 -2.68
CA GLY A 45 -11.37 6.88 -2.55
C GLY A 45 -10.52 7.81 -1.69
N ILE A 46 -9.79 7.25 -0.73
CA ILE A 46 -8.91 8.04 0.14
C ILE A 46 -7.53 8.28 -0.51
N PHE A 47 -6.96 7.23 -1.10
CA PHE A 47 -5.57 7.25 -1.59
C PHE A 47 -5.43 7.81 -3.02
N GLU A 48 -6.46 7.66 -3.88
CA GLU A 48 -6.40 8.14 -5.28
C GLU A 48 -5.99 9.63 -5.40
N PRO A 49 -6.59 10.56 -4.61
CA PRO A 49 -6.26 12.00 -4.67
C PRO A 49 -4.75 12.33 -4.60
N PHE A 50 -3.93 11.38 -4.14
CA PHE A 50 -2.48 11.59 -4.04
C PHE A 50 -1.79 11.42 -5.40
N GLY A 51 -1.71 10.19 -5.90
CA GLY A 51 -1.02 9.94 -7.17
C GLY A 51 -1.45 8.66 -7.87
N ARG A 52 -2.68 8.21 -7.56
CA ARG A 52 -3.27 7.02 -8.18
C ARG A 52 -2.61 5.70 -7.77
N ILE A 53 -3.44 4.65 -7.65
CA ILE A 53 -2.99 3.31 -7.26
C ILE A 53 -3.01 2.34 -8.46
N GLU A 54 -2.00 1.48 -8.56
CA GLU A 54 -1.95 0.44 -9.61
C GLU A 54 -2.85 -0.73 -9.23
N SER A 55 -2.70 -1.21 -7.99
CA SER A 55 -3.49 -2.35 -7.48
C SER A 55 -3.68 -2.26 -5.97
N ILE A 56 -4.92 -2.45 -5.52
CA ILE A 56 -5.24 -2.55 -4.09
C ILE A 56 -5.54 -4.01 -3.71
N GLN A 57 -4.89 -4.51 -2.68
CA GLN A 57 -5.10 -5.92 -2.26
C GLN A 57 -5.38 -6.02 -0.76
N LEU A 58 -6.38 -6.82 -0.40
CA LEU A 58 -6.72 -7.06 1.01
C LEU A 58 -6.12 -8.38 1.49
N MET A 59 -5.68 -8.42 2.75
CA MET A 59 -5.04 -9.61 3.29
C MET A 59 -6.04 -10.52 4.03
N MET A 60 -6.24 -11.72 3.50
CA MET A 60 -7.20 -12.67 4.05
C MET A 60 -6.50 -13.88 4.69
N ASP A 61 -7.28 -14.75 5.33
CA ASP A 61 -6.74 -15.97 5.94
C ASP A 61 -6.55 -17.08 4.88
N SER A 62 -5.31 -17.51 4.69
CA SER A 62 -4.97 -18.49 3.64
C SER A 62 -5.68 -19.85 3.81
N GLU A 63 -6.34 -20.05 4.95
CA GLU A 63 -7.05 -21.31 5.22
C GLU A 63 -8.57 -21.14 5.02
N THR A 64 -9.20 -20.34 5.88
CA THR A 64 -10.66 -20.19 5.91
C THR A 64 -11.16 -18.99 5.10
N GLY A 65 -10.25 -18.08 4.76
CA GLY A 65 -10.64 -16.88 4.02
C GLY A 65 -11.14 -15.75 4.90
N ARG A 66 -10.85 -15.81 6.20
CA ARG A 66 -11.24 -14.76 7.14
C ARG A 66 -10.48 -13.45 6.88
N SER A 67 -10.91 -12.37 7.55
CA SER A 67 -10.30 -11.05 7.38
C SER A 67 -9.14 -10.83 8.35
N LYS A 68 -7.96 -10.50 7.82
CA LYS A 68 -6.80 -10.22 8.67
C LYS A 68 -6.84 -8.80 9.25
N GLY A 69 -7.56 -7.90 8.58
CA GLY A 69 -7.71 -6.53 9.08
C GLY A 69 -6.68 -5.55 8.50
N TYR A 70 -5.87 -6.03 7.55
CA TYR A 70 -4.88 -5.17 6.88
C TYR A 70 -4.77 -5.50 5.38
N GLY A 71 -4.25 -4.54 4.61
CA GLY A 71 -4.12 -4.73 3.16
C GLY A 71 -2.95 -3.95 2.57
N PHE A 72 -2.51 -4.34 1.37
CA PHE A 72 -1.38 -3.69 0.70
C PHE A 72 -1.84 -2.86 -0.51
N ILE A 73 -1.52 -1.58 -0.51
CA ILE A 73 -1.87 -0.67 -1.62
C ILE A 73 -0.63 -0.29 -2.44
N THR A 74 -0.66 -0.58 -3.74
CA THR A 74 0.49 -0.37 -4.62
C THR A 74 0.36 0.94 -5.44
N PHE A 75 1.25 1.89 -5.19
CA PHE A 75 1.25 3.18 -5.92
C PHE A 75 2.25 3.17 -7.06
N SER A 76 1.88 3.77 -8.19
CA SER A 76 2.78 3.91 -9.35
C SER A 76 3.87 4.96 -9.10
N ASP A 77 3.80 5.62 -7.94
CA ASP A 77 4.78 6.65 -7.59
C ASP A 77 5.28 6.44 -6.14
N SER A 78 6.60 6.25 -5.99
CA SER A 78 7.20 6.02 -4.67
C SER A 78 6.97 7.17 -3.69
N GLU A 79 7.29 8.40 -4.11
CA GLU A 79 7.15 9.57 -3.23
C GLU A 79 5.67 9.82 -2.87
N CYS A 80 4.77 9.57 -3.82
CA CYS A 80 3.33 9.67 -3.56
C CYS A 80 2.87 8.66 -2.51
N ALA A 81 3.41 7.44 -2.59
CA ALA A 81 3.14 6.41 -1.58
C ALA A 81 3.67 6.84 -0.21
N LYS A 82 4.91 7.30 -0.20
CA LYS A 82 5.55 7.83 1.01
C LYS A 82 4.74 8.98 1.62
N LYS A 83 4.25 9.88 0.77
CA LYS A 83 3.44 11.02 1.21
C LYS A 83 2.09 10.55 1.79
N ALA A 84 1.39 9.69 1.04
CA ALA A 84 0.13 9.09 1.51
C ALA A 84 0.32 8.43 2.88
N LEU A 85 1.42 7.68 3.01
CA LEU A 85 1.80 7.07 4.28
C LEU A 85 1.94 8.13 5.38
N GLU A 86 2.83 9.09 5.14
CA GLU A 86 3.18 10.12 6.14
C GLU A 86 1.96 10.98 6.56
N GLN A 87 0.97 11.10 5.66
CA GLN A 87 -0.24 11.89 5.94
C GLN A 87 -1.33 11.05 6.62
N LEU A 88 -1.59 9.86 6.08
CA LEU A 88 -2.74 9.06 6.49
C LEU A 88 -2.47 8.11 7.67
N ASN A 89 -1.21 7.98 8.08
CA ASN A 89 -0.86 7.12 9.22
C ASN A 89 -1.41 7.71 10.53
N GLY A 90 -2.68 7.45 10.79
CA GLY A 90 -3.38 8.01 11.95
C GLY A 90 -4.83 8.38 11.65
N PHE A 91 -5.14 8.55 10.35
CA PHE A 91 -6.50 8.88 9.89
C PHE A 91 -7.54 7.93 10.50
N GLU A 92 -8.50 8.47 11.24
CA GLU A 92 -9.52 7.64 11.89
C GLU A 92 -10.47 7.04 10.84
N LEU A 93 -10.16 5.82 10.41
CA LEU A 93 -10.94 5.13 9.39
C LEU A 93 -12.13 4.37 10.00
N ALA A 94 -13.34 4.85 9.71
CA ALA A 94 -14.59 4.24 10.20
C ALA A 94 -14.71 4.29 11.74
N GLY A 95 -13.74 4.89 12.41
CA GLY A 95 -13.75 4.97 13.88
C GLY A 95 -12.47 4.46 14.52
N ARG A 96 -11.57 3.88 13.71
CA ARG A 96 -10.26 3.43 14.21
C ARG A 96 -9.12 4.09 13.42
N PRO A 97 -8.12 4.68 14.11
CA PRO A 97 -6.95 5.26 13.43
C PRO A 97 -6.31 4.29 12.43
N MET A 98 -5.94 4.78 11.26
CA MET A 98 -5.47 3.93 10.17
C MET A 98 -3.93 3.87 10.14
N LYS A 99 -3.40 2.67 10.38
CA LYS A 99 -1.96 2.46 10.47
C LYS A 99 -1.35 2.18 9.09
N VAL A 100 -0.90 3.24 8.43
CA VAL A 100 -0.24 3.12 7.12
C VAL A 100 1.28 3.17 7.27
N GLY A 101 1.95 2.03 7.09
CA GLY A 101 3.40 1.96 7.28
C GLY A 101 4.12 1.20 6.17
N HIS A 102 5.43 1.41 6.05
CA HIS A 102 6.26 0.67 5.09
C HIS A 102 6.16 -0.85 5.29
N VAL A 103 6.18 -1.60 4.19
CA VAL A 103 6.09 -3.07 4.24
C VAL A 103 7.14 -3.68 5.21
N THR A 104 8.29 -3.02 5.32
CA THR A 104 9.33 -3.40 6.30
C THR A 104 8.73 -3.56 7.70
N GLU A 105 8.85 -4.75 8.28
CA GLU A 105 8.27 -5.05 9.60
C GLU A 105 9.03 -4.34 10.74
N ARG A 106 8.76 -3.04 10.86
CA ARG A 106 9.34 -2.18 11.91
C ARG A 106 10.84 -2.41 12.12
N THR A 107 11.21 -3.16 13.19
CA THR A 107 12.63 -3.42 13.53
C THR A 107 13.36 -2.18 14.07
N ASP A 108 13.05 -1.00 13.53
CA ASP A 108 13.70 0.26 13.94
C ASP A 108 13.23 0.73 15.34
N MET A 1 -10.53 -5.87 -10.81
CA MET A 1 -10.85 -6.92 -11.82
C MET A 1 -10.41 -8.30 -11.34
N GLY A 2 -11.02 -9.35 -11.89
CA GLY A 2 -10.67 -10.72 -11.52
C GLY A 2 -9.95 -11.48 -12.63
N HIS A 3 -10.70 -12.28 -13.40
CA HIS A 3 -10.17 -13.12 -14.50
C HIS A 3 -8.94 -13.96 -14.08
N HIS A 4 -9.16 -15.26 -13.82
CA HIS A 4 -8.08 -16.15 -13.33
C HIS A 4 -7.53 -15.68 -11.98
N HIS A 5 -8.39 -15.05 -11.19
CA HIS A 5 -7.96 -14.38 -9.95
C HIS A 5 -7.83 -15.34 -8.76
N HIS A 6 -8.16 -16.62 -8.97
CA HIS A 6 -8.01 -17.66 -7.94
C HIS A 6 -6.83 -18.59 -8.24
N HIS A 7 -6.54 -18.79 -9.52
CA HIS A 7 -5.50 -19.74 -9.95
C HIS A 7 -4.09 -19.14 -9.78
N HIS A 8 -3.21 -19.89 -9.13
CA HIS A 8 -1.82 -19.45 -8.90
C HIS A 8 -1.03 -19.35 -10.22
N SER A 9 -1.05 -18.16 -10.82
CA SER A 9 -0.32 -17.90 -12.08
C SER A 9 -0.25 -16.40 -12.36
N HIS A 10 0.46 -16.02 -13.43
CA HIS A 10 0.61 -14.62 -13.82
C HIS A 10 0.58 -14.46 -15.35
N MET A 11 0.26 -13.25 -15.83
CA MET A 11 0.08 -12.99 -17.26
C MET A 11 1.38 -13.19 -18.07
N ALA A 12 2.53 -12.97 -17.43
CA ALA A 12 3.83 -13.18 -18.09
C ALA A 12 4.24 -14.66 -18.06
N ALA A 13 4.31 -15.23 -16.84
CA ALA A 13 4.62 -16.65 -16.64
C ALA A 13 6.07 -17.02 -17.03
N ALA A 14 6.36 -16.97 -18.33
CA ALA A 14 7.67 -17.41 -18.88
C ALA A 14 8.88 -16.86 -18.10
N MET A 15 9.03 -15.54 -18.06
CA MET A 15 10.21 -14.92 -17.43
C MET A 15 9.88 -14.23 -16.09
N ALA A 16 8.97 -14.82 -15.32
CA ALA A 16 8.59 -14.28 -14.01
C ALA A 16 9.80 -14.20 -13.04
N ASN A 17 10.33 -12.99 -12.86
CA ASN A 17 11.51 -12.77 -11.99
C ASN A 17 11.15 -12.01 -10.70
N ASN A 18 10.42 -10.89 -10.85
CA ASN A 18 10.11 -9.94 -9.75
C ASN A 18 10.19 -10.55 -8.33
N LEU A 19 11.25 -10.20 -7.60
CA LEU A 19 11.52 -10.78 -6.27
C LEU A 19 10.68 -10.15 -5.14
N GLN A 20 9.69 -9.33 -5.51
CA GLN A 20 8.77 -8.72 -4.53
C GLN A 20 9.47 -7.76 -3.55
N LYS A 21 8.78 -7.43 -2.45
CA LYS A 21 9.29 -6.55 -1.39
C LYS A 21 9.44 -5.07 -1.86
N GLY A 22 10.41 -4.80 -2.73
CA GLY A 22 10.62 -3.43 -3.19
C GLY A 22 11.69 -3.30 -4.26
N SER A 23 12.73 -2.51 -3.97
CA SER A 23 13.88 -2.30 -4.88
C SER A 23 13.47 -1.79 -6.27
N ALA A 24 12.31 -1.14 -6.35
CA ALA A 24 11.80 -0.62 -7.63
C ALA A 24 10.99 0.68 -7.45
N GLY A 25 10.55 1.26 -8.56
CA GLY A 25 9.74 2.48 -8.52
C GLY A 25 8.38 2.29 -7.86
N PRO A 26 7.53 1.38 -8.39
CA PRO A 26 6.22 1.05 -7.78
C PRO A 26 6.33 0.76 -6.28
N MET A 27 5.65 1.56 -5.47
CA MET A 27 5.78 1.47 -4.01
C MET A 27 4.46 0.99 -3.37
N ARG A 28 4.54 -0.10 -2.62
CA ARG A 28 3.36 -0.68 -1.97
C ARG A 28 3.33 -0.34 -0.47
N LEU A 29 2.16 0.03 0.03
CA LEU A 29 1.99 0.43 1.44
C LEU A 29 1.24 -0.63 2.26
N TYR A 30 1.59 -0.71 3.54
CA TYR A 30 0.91 -1.58 4.50
C TYR A 30 -0.16 -0.79 5.26
N VAL A 31 -1.43 -1.11 5.03
CA VAL A 31 -2.53 -0.45 5.74
C VAL A 31 -3.20 -1.41 6.75
N GLY A 32 -2.84 -1.27 8.02
CA GLY A 32 -3.41 -2.12 9.06
C GLY A 32 -4.52 -1.43 9.85
N SER A 33 -5.76 -1.56 9.36
CA SER A 33 -6.93 -0.99 10.05
C SER A 33 -8.24 -1.45 9.37
N LEU A 34 -8.20 -2.60 8.71
CA LEU A 34 -9.40 -3.14 8.05
C LEU A 34 -10.41 -3.64 9.09
N HIS A 35 -11.45 -2.86 9.33
CA HIS A 35 -12.44 -3.16 10.38
C HIS A 35 -13.46 -4.24 9.93
N PHE A 36 -12.99 -5.22 9.15
CA PHE A 36 -13.82 -6.35 8.69
C PHE A 36 -14.99 -5.93 7.79
N ASN A 37 -14.97 -4.68 7.31
CA ASN A 37 -16.00 -4.19 6.37
C ASN A 37 -15.43 -3.15 5.39
N ILE A 38 -14.10 -3.01 5.36
CA ILE A 38 -13.44 -2.03 4.49
C ILE A 38 -13.27 -2.59 3.07
N THR A 39 -13.47 -1.76 2.05
CA THR A 39 -13.43 -2.21 0.65
C THR A 39 -12.30 -1.54 -0.14
N GLU A 40 -11.95 -2.17 -1.26
CA GLU A 40 -10.93 -1.62 -2.18
C GLU A 40 -11.28 -0.20 -2.62
N ASP A 41 -12.56 0.05 -2.89
CA ASP A 41 -13.04 1.34 -3.35
C ASP A 41 -12.86 2.43 -2.28
N MET A 42 -13.10 2.07 -1.02
CA MET A 42 -12.91 2.98 0.11
C MET A 42 -11.44 3.41 0.21
N LEU A 43 -10.55 2.41 0.24
CA LEU A 43 -9.11 2.64 0.28
C LEU A 43 -8.66 3.52 -0.90
N ARG A 44 -9.02 3.12 -2.12
CA ARG A 44 -8.67 3.88 -3.31
C ARG A 44 -9.14 5.34 -3.21
N GLY A 45 -10.39 5.52 -2.79
CA GLY A 45 -10.98 6.85 -2.68
C GLY A 45 -10.21 7.77 -1.71
N ILE A 46 -9.60 7.19 -0.69
CA ILE A 46 -8.84 7.96 0.29
C ILE A 46 -7.38 8.20 -0.16
N PHE A 47 -6.79 7.20 -0.81
CA PHE A 47 -5.36 7.24 -1.19
C PHE A 47 -5.11 7.96 -2.54
N GLU A 48 -6.06 7.90 -3.48
CA GLU A 48 -5.88 8.57 -4.79
C GLU A 48 -5.62 10.09 -4.67
N PRO A 49 -6.31 10.82 -3.76
CA PRO A 49 -6.00 12.25 -3.49
C PRO A 49 -4.49 12.54 -3.33
N PHE A 50 -3.67 11.51 -3.13
CA PHE A 50 -2.21 11.66 -3.03
C PHE A 50 -1.49 11.21 -4.32
N GLY A 51 -2.13 10.35 -5.10
CA GLY A 51 -1.53 9.87 -6.34
C GLY A 51 -2.47 8.98 -7.16
N ARG A 52 -2.00 7.80 -7.55
CA ARG A 52 -2.83 6.84 -8.31
C ARG A 52 -2.36 5.40 -8.03
N ILE A 53 -3.30 4.56 -7.59
CA ILE A 53 -3.00 3.16 -7.24
C ILE A 53 -3.08 2.25 -8.48
N GLU A 54 -2.14 1.32 -8.61
CA GLU A 54 -2.19 0.33 -9.71
C GLU A 54 -3.08 -0.87 -9.34
N SER A 55 -2.79 -1.49 -8.19
CA SER A 55 -3.57 -2.65 -7.72
C SER A 55 -3.72 -2.60 -6.19
N ILE A 56 -4.92 -2.92 -5.69
CA ILE A 56 -5.17 -2.94 -4.25
C ILE A 56 -5.31 -4.38 -3.73
N GLN A 57 -4.35 -4.81 -2.93
CA GLN A 57 -4.37 -6.17 -2.36
C GLN A 57 -4.75 -6.15 -0.88
N LEU A 58 -5.72 -6.96 -0.49
CA LEU A 58 -6.10 -7.09 0.91
C LEU A 58 -5.72 -8.46 1.44
N MET A 59 -5.40 -8.55 2.73
CA MET A 59 -5.01 -9.81 3.34
C MET A 59 -6.24 -10.51 3.94
N MET A 60 -6.71 -11.53 3.24
CA MET A 60 -7.89 -12.29 3.68
C MET A 60 -7.53 -13.77 3.93
N ASP A 61 -8.37 -14.44 4.72
CA ASP A 61 -8.19 -15.86 5.04
C ASP A 61 -8.01 -16.72 3.76
N SER A 62 -8.48 -16.21 2.63
CA SER A 62 -8.32 -16.86 1.31
C SER A 62 -9.26 -18.06 1.12
N GLU A 63 -9.51 -18.84 2.18
CA GLU A 63 -10.41 -19.99 2.10
C GLU A 63 -11.86 -19.54 2.30
N THR A 64 -12.16 -19.09 3.51
CA THR A 64 -13.48 -18.57 3.86
C THR A 64 -13.68 -17.19 3.22
N GLY A 65 -12.59 -16.43 3.12
CA GLY A 65 -12.64 -15.12 2.50
C GLY A 65 -12.87 -13.99 3.50
N ARG A 66 -12.54 -14.24 4.77
CA ARG A 66 -12.69 -13.21 5.83
C ARG A 66 -11.46 -12.31 5.88
N SER A 67 -11.60 -11.13 6.50
CA SER A 67 -10.50 -10.16 6.55
C SER A 67 -9.50 -10.46 7.69
N LYS A 68 -8.22 -10.26 7.42
CA LYS A 68 -7.17 -10.43 8.44
C LYS A 68 -6.88 -9.12 9.18
N GLY A 69 -7.54 -8.04 8.76
CA GLY A 69 -7.42 -6.76 9.44
C GLY A 69 -6.41 -5.80 8.82
N TYR A 70 -5.66 -6.26 7.82
CA TYR A 70 -4.65 -5.43 7.15
C TYR A 70 -4.56 -5.70 5.64
N GLY A 71 -4.08 -4.72 4.88
CA GLY A 71 -4.00 -4.84 3.42
C GLY A 71 -2.77 -4.13 2.84
N PHE A 72 -2.40 -4.50 1.61
CA PHE A 72 -1.25 -3.90 0.92
C PHE A 72 -1.67 -3.21 -0.40
N ILE A 73 -1.49 -1.89 -0.46
CA ILE A 73 -1.89 -1.10 -1.64
C ILE A 73 -0.67 -0.71 -2.50
N THR A 74 -0.72 -1.02 -3.80
CA THR A 74 0.42 -0.78 -4.71
C THR A 74 0.26 0.51 -5.53
N PHE A 75 1.17 1.46 -5.33
CA PHE A 75 1.17 2.73 -6.07
C PHE A 75 2.16 2.71 -7.23
N SER A 76 1.87 3.46 -8.30
CA SER A 76 2.76 3.54 -9.47
C SER A 76 3.90 4.54 -9.22
N ASP A 77 3.89 5.18 -8.05
CA ASP A 77 4.93 6.15 -7.69
C ASP A 77 5.27 6.05 -6.19
N SER A 78 6.54 6.25 -5.87
CA SER A 78 7.03 6.18 -4.48
C SER A 78 6.62 7.42 -3.67
N GLU A 79 6.76 8.60 -4.28
CA GLU A 79 6.45 9.85 -3.59
C GLU A 79 4.98 9.93 -3.16
N CYS A 80 4.07 9.61 -4.08
CA CYS A 80 2.63 9.63 -3.78
C CYS A 80 2.27 8.68 -2.63
N ALA A 81 2.89 7.50 -2.64
CA ALA A 81 2.70 6.53 -1.56
C ALA A 81 3.27 7.06 -0.23
N LYS A 82 4.46 7.61 -0.30
CA LYS A 82 5.13 8.21 0.87
C LYS A 82 4.29 9.37 1.45
N LYS A 83 3.69 10.15 0.55
CA LYS A 83 2.84 11.28 0.94
C LYS A 83 1.55 10.77 1.62
N ALA A 84 0.97 9.70 1.04
CA ALA A 84 -0.22 9.08 1.61
C ALA A 84 0.05 8.56 3.03
N LEU A 85 1.15 7.81 3.20
CA LEU A 85 1.57 7.34 4.53
C LEU A 85 1.70 8.53 5.49
N GLU A 86 2.50 9.51 5.07
CA GLU A 86 2.79 10.71 5.88
C GLU A 86 1.52 11.34 6.47
N GLN A 87 0.45 11.36 5.69
CA GLN A 87 -0.79 12.04 6.10
C GLN A 87 -1.84 11.07 6.69
N LEU A 88 -1.88 9.84 6.20
CA LEU A 88 -2.93 8.88 6.60
C LEU A 88 -2.51 7.99 7.79
N ASN A 89 -1.22 7.95 8.10
CA ASN A 89 -0.76 7.19 9.27
C ASN A 89 -1.26 7.85 10.57
N GLY A 90 -2.40 7.37 11.06
CA GLY A 90 -3.05 7.97 12.22
C GLY A 90 -4.38 8.64 11.85
N PHE A 91 -4.86 8.38 10.63
CA PHE A 91 -6.13 8.93 10.16
C PHE A 91 -7.32 8.16 10.74
N GLU A 92 -8.33 8.89 11.23
CA GLU A 92 -9.52 8.27 11.83
C GLU A 92 -10.46 7.69 10.77
N LEU A 93 -10.23 6.44 10.39
CA LEU A 93 -11.09 5.72 9.46
C LEU A 93 -12.20 4.97 10.21
N ALA A 94 -13.46 5.20 9.84
CA ALA A 94 -14.61 4.59 10.53
C ALA A 94 -14.59 4.88 12.04
N GLY A 95 -13.98 6.00 12.42
CA GLY A 95 -13.86 6.37 13.82
C GLY A 95 -12.70 5.69 14.53
N ARG A 96 -11.76 5.13 13.77
CA ARG A 96 -10.60 4.43 14.33
C ARG A 96 -9.31 4.74 13.54
N PRO A 97 -8.17 4.84 14.25
CA PRO A 97 -6.86 5.17 13.64
C PRO A 97 -6.42 4.21 12.51
N MET A 98 -5.89 4.78 11.43
CA MET A 98 -5.37 4.00 10.30
C MET A 98 -3.83 3.85 10.38
N LYS A 99 -3.35 2.63 10.57
CA LYS A 99 -1.90 2.37 10.66
C LYS A 99 -1.29 2.11 9.28
N VAL A 100 -0.63 3.12 8.70
CA VAL A 100 -0.02 2.97 7.38
C VAL A 100 1.53 2.91 7.45
N GLY A 101 2.09 1.78 7.02
CA GLY A 101 3.54 1.62 6.97
C GLY A 101 4.07 1.49 5.55
N HIS A 102 5.37 1.73 5.36
CA HIS A 102 5.97 1.76 4.00
C HIS A 102 6.59 0.40 3.62
N VAL A 103 5.94 -0.70 4.03
CA VAL A 103 6.47 -2.08 3.87
C VAL A 103 7.96 -2.18 4.27
N THR A 104 8.56 -3.36 4.06
CA THR A 104 9.93 -3.66 4.53
C THR A 104 9.96 -3.82 6.06
N GLU A 105 9.19 -2.96 6.75
CA GLU A 105 9.05 -3.02 8.20
C GLU A 105 8.48 -4.39 8.66
N ARG A 106 9.38 -5.32 8.91
CA ARG A 106 9.03 -6.64 9.45
C ARG A 106 9.96 -6.99 10.63
N THR A 107 10.97 -6.15 10.83
CA THR A 107 11.95 -6.35 11.91
C THR A 107 11.67 -5.43 13.09
N ASP A 108 12.44 -5.61 14.15
CA ASP A 108 12.31 -4.77 15.36
C ASP A 108 13.04 -3.41 15.21
N MET A 1 4.15 21.05 3.14
CA MET A 1 5.31 21.22 2.20
C MET A 1 6.40 20.19 2.48
N GLY A 2 7.16 19.85 1.45
CA GLY A 2 8.32 18.97 1.63
C GLY A 2 9.46 19.64 2.38
N HIS A 3 10.21 18.87 3.15
CA HIS A 3 11.31 19.42 3.94
C HIS A 3 12.48 19.89 3.05
N HIS A 4 12.33 21.08 2.49
CA HIS A 4 13.34 21.67 1.62
C HIS A 4 14.64 21.99 2.38
N HIS A 5 15.68 21.22 2.10
CA HIS A 5 17.00 21.46 2.70
C HIS A 5 17.91 22.23 1.72
N HIS A 6 17.84 21.86 0.45
CA HIS A 6 18.68 22.47 -0.59
C HIS A 6 17.90 23.51 -1.42
N HIS A 7 18.63 24.40 -2.08
CA HIS A 7 18.01 25.41 -2.95
C HIS A 7 17.95 24.96 -4.42
N HIS A 8 17.09 25.61 -5.21
CA HIS A 8 16.82 25.17 -6.59
C HIS A 8 17.94 25.54 -7.57
N SER A 9 18.82 26.46 -7.18
CA SER A 9 19.92 26.90 -8.07
C SER A 9 20.82 25.73 -8.51
N HIS A 10 20.68 25.32 -9.77
CA HIS A 10 21.51 24.25 -10.33
C HIS A 10 21.97 24.57 -11.77
N MET A 11 21.21 24.13 -12.76
CA MET A 11 21.57 24.32 -14.18
C MET A 11 20.39 24.85 -15.00
N ALA A 12 20.59 24.97 -16.31
CA ALA A 12 19.52 25.38 -17.23
C ALA A 12 18.42 24.31 -17.31
N ALA A 13 17.20 24.68 -16.92
CA ALA A 13 16.06 23.75 -16.93
C ALA A 13 16.29 22.52 -16.05
N ALA A 14 17.09 22.67 -14.99
CA ALA A 14 17.39 21.57 -14.06
C ALA A 14 16.31 21.43 -12.97
N MET A 15 15.10 21.85 -13.26
CA MET A 15 13.99 21.79 -12.30
C MET A 15 13.32 20.40 -12.31
N ALA A 16 13.81 19.51 -13.17
CA ALA A 16 13.29 18.15 -13.27
C ALA A 16 14.06 17.19 -12.35
N ASN A 17 13.34 16.47 -11.49
CA ASN A 17 13.95 15.48 -10.60
C ASN A 17 14.52 14.29 -11.39
N ASN A 18 15.85 14.19 -11.42
CA ASN A 18 16.55 13.12 -12.13
C ASN A 18 16.33 13.20 -13.65
N LEU A 19 15.24 12.59 -14.12
CA LEU A 19 14.91 12.49 -15.56
C LEU A 19 13.78 11.48 -15.75
N GLN A 20 14.04 10.26 -15.26
CA GLN A 20 13.08 9.13 -15.30
C GLN A 20 12.33 8.97 -16.63
N LYS A 21 12.74 7.97 -17.41
CA LYS A 21 12.10 7.67 -18.69
C LYS A 21 10.71 7.05 -18.48
N GLY A 22 9.68 7.90 -18.41
CA GLY A 22 8.33 7.43 -18.15
C GLY A 22 8.07 7.20 -16.65
N SER A 23 6.95 6.55 -16.33
CA SER A 23 6.63 6.25 -14.92
C SER A 23 7.64 5.27 -14.31
N ALA A 24 8.22 5.63 -13.16
CA ALA A 24 9.23 4.80 -12.52
C ALA A 24 9.23 4.97 -10.99
N GLY A 25 9.30 3.85 -10.28
CA GLY A 25 9.32 3.87 -8.81
C GLY A 25 7.96 3.59 -8.17
N PRO A 26 7.41 2.37 -8.33
CA PRO A 26 6.14 1.98 -7.69
C PRO A 26 6.34 1.56 -6.22
N MET A 27 5.71 2.28 -5.30
CA MET A 27 5.88 2.02 -3.86
C MET A 27 4.65 1.32 -3.28
N ARG A 28 4.87 0.34 -2.40
CA ARG A 28 3.78 -0.43 -1.78
C ARG A 28 3.60 -0.07 -0.30
N LEU A 29 2.38 0.29 0.09
CA LEU A 29 2.06 0.63 1.48
C LEU A 29 1.28 -0.50 2.17
N TYR A 30 1.60 -0.74 3.44
CA TYR A 30 0.86 -1.67 4.29
C TYR A 30 -0.18 -0.90 5.12
N VAL A 31 -1.46 -1.18 4.87
CA VAL A 31 -2.56 -0.50 5.58
C VAL A 31 -3.27 -1.46 6.55
N GLY A 32 -2.95 -1.35 7.83
CA GLY A 32 -3.59 -2.17 8.85
C GLY A 32 -4.67 -1.42 9.63
N SER A 33 -5.89 -1.45 9.11
CA SER A 33 -7.05 -0.81 9.77
C SER A 33 -8.36 -1.12 9.04
N LEU A 34 -8.39 -2.22 8.27
CA LEU A 34 -9.59 -2.60 7.52
C LEU A 34 -10.61 -3.26 8.45
N HIS A 35 -11.19 -2.44 9.32
CA HIS A 35 -12.13 -2.89 10.36
C HIS A 35 -13.44 -3.46 9.78
N PHE A 36 -13.38 -4.70 9.30
CA PHE A 36 -14.59 -5.45 8.88
C PHE A 36 -15.53 -4.60 7.99
N ASN A 37 -14.94 -3.79 7.10
CA ASN A 37 -15.73 -2.86 6.27
C ASN A 37 -14.92 -2.26 5.11
N ILE A 38 -13.68 -1.88 5.38
CA ILE A 38 -12.87 -1.17 4.38
C ILE A 38 -12.39 -2.09 3.26
N THR A 39 -13.03 -2.00 2.11
CA THR A 39 -12.65 -2.79 0.93
C THR A 39 -11.67 -2.03 0.03
N GLU A 40 -11.17 -2.72 -1.00
CA GLU A 40 -10.23 -2.14 -1.96
C GLU A 40 -10.75 -0.80 -2.52
N ASP A 41 -12.05 -0.75 -2.78
CA ASP A 41 -12.71 0.45 -3.33
C ASP A 41 -12.55 1.66 -2.38
N MET A 42 -12.85 1.44 -1.09
CA MET A 42 -12.69 2.50 -0.08
C MET A 42 -11.22 2.91 0.05
N LEU A 43 -10.33 1.92 0.01
CA LEU A 43 -8.89 2.17 0.05
C LEU A 43 -8.46 3.10 -1.10
N ARG A 44 -8.95 2.84 -2.31
CA ARG A 44 -8.69 3.73 -3.44
C ARG A 44 -9.24 5.14 -3.17
N GLY A 45 -10.48 5.20 -2.70
CA GLY A 45 -11.11 6.49 -2.43
C GLY A 45 -10.33 7.36 -1.46
N ILE A 46 -9.64 6.73 -0.50
CA ILE A 46 -8.81 7.46 0.47
C ILE A 46 -7.38 7.70 -0.06
N PHE A 47 -6.73 6.64 -0.55
CA PHE A 47 -5.30 6.68 -0.91
C PHE A 47 -5.04 7.20 -2.35
N GLU A 48 -5.87 6.80 -3.31
CA GLU A 48 -5.63 7.15 -4.72
C GLU A 48 -5.59 8.67 -4.97
N PRO A 49 -6.42 9.50 -4.27
CA PRO A 49 -6.30 10.97 -4.32
C PRO A 49 -4.88 11.50 -4.01
N PHE A 50 -4.00 10.63 -3.49
CA PHE A 50 -2.59 10.98 -3.29
C PHE A 50 -1.74 10.60 -4.52
N GLY A 51 -2.17 9.53 -5.19
CA GLY A 51 -1.47 9.04 -6.37
C GLY A 51 -2.18 7.84 -6.97
N ARG A 52 -2.34 7.82 -8.29
CA ARG A 52 -3.04 6.71 -8.98
C ARG A 52 -2.49 5.34 -8.54
N ILE A 53 -3.41 4.45 -8.16
CA ILE A 53 -3.05 3.12 -7.64
C ILE A 53 -3.05 2.05 -8.74
N GLU A 54 -1.95 1.30 -8.83
CA GLU A 54 -1.80 0.21 -9.80
C GLU A 54 -2.66 -0.99 -9.42
N SER A 55 -2.43 -1.52 -8.22
CA SER A 55 -3.19 -2.68 -7.73
C SER A 55 -3.29 -2.68 -6.20
N ILE A 56 -4.38 -3.23 -5.68
CA ILE A 56 -4.56 -3.39 -4.23
C ILE A 56 -4.76 -4.87 -3.88
N GLN A 57 -4.17 -5.31 -2.77
CA GLN A 57 -4.29 -6.70 -2.30
C GLN A 57 -4.86 -6.72 -0.87
N LEU A 58 -6.11 -7.19 -0.74
CA LEU A 58 -6.80 -7.22 0.56
C LEU A 58 -6.69 -8.62 1.18
N MET A 59 -6.26 -8.70 2.45
CA MET A 59 -6.00 -10.00 3.07
C MET A 59 -7.21 -10.53 3.85
N MET A 60 -8.01 -11.36 3.19
CA MET A 60 -9.11 -12.09 3.81
C MET A 60 -8.80 -13.59 3.84
N ASP A 61 -9.25 -14.29 4.88
CA ASP A 61 -9.07 -15.74 4.96
C ASP A 61 -9.84 -16.45 3.84
N SER A 62 -9.13 -16.87 2.79
CA SER A 62 -9.74 -17.65 1.70
C SER A 62 -10.28 -19.00 2.19
N GLU A 63 -10.03 -19.31 3.46
CA GLU A 63 -10.53 -20.54 4.09
C GLU A 63 -11.99 -20.37 4.54
N THR A 64 -12.21 -19.38 5.41
CA THR A 64 -13.54 -19.13 6.00
C THR A 64 -14.23 -17.93 5.34
N GLY A 65 -13.44 -16.96 4.90
CA GLY A 65 -14.00 -15.74 4.29
C GLY A 65 -14.03 -14.57 5.26
N ARG A 66 -13.12 -14.57 6.24
CA ARG A 66 -13.10 -13.53 7.27
C ARG A 66 -12.05 -12.44 6.97
N SER A 67 -12.25 -11.25 7.53
CA SER A 67 -11.36 -10.11 7.27
C SER A 67 -10.28 -9.97 8.35
N LYS A 68 -9.01 -10.16 7.97
CA LYS A 68 -7.90 -10.01 8.93
C LYS A 68 -7.57 -8.54 9.24
N GLY A 69 -8.13 -7.62 8.47
CA GLY A 69 -8.08 -6.21 8.82
C GLY A 69 -6.87 -5.44 8.25
N TYR A 70 -6.17 -6.01 7.27
CA TYR A 70 -5.04 -5.31 6.64
C TYR A 70 -4.87 -5.66 5.16
N GLY A 71 -4.31 -4.71 4.41
CA GLY A 71 -4.08 -4.91 2.97
C GLY A 71 -2.88 -4.13 2.44
N PHE A 72 -2.37 -4.54 1.28
CA PHE A 72 -1.22 -3.88 0.65
C PHE A 72 -1.64 -3.10 -0.61
N ILE A 73 -1.29 -1.82 -0.65
CA ILE A 73 -1.64 -0.96 -1.79
C ILE A 73 -0.40 -0.54 -2.59
N THR A 74 -0.46 -0.69 -3.92
CA THR A 74 0.67 -0.32 -4.80
C THR A 74 0.35 0.95 -5.61
N PHE A 75 1.17 1.99 -5.43
CA PHE A 75 0.98 3.25 -6.15
C PHE A 75 1.93 3.34 -7.37
N SER A 76 1.50 4.05 -8.41
CA SER A 76 2.31 4.25 -9.62
C SER A 76 3.44 5.28 -9.40
N ASP A 77 3.65 5.66 -8.14
CA ASP A 77 4.68 6.66 -7.79
C ASP A 77 5.17 6.45 -6.34
N SER A 78 6.45 6.72 -6.10
CA SER A 78 7.06 6.56 -4.77
C SER A 78 6.64 7.67 -3.81
N GLU A 79 6.73 8.92 -4.26
CA GLU A 79 6.45 10.08 -3.39
C GLU A 79 4.95 10.20 -3.08
N CYS A 80 4.10 9.77 -4.02
CA CYS A 80 2.66 9.71 -3.79
C CYS A 80 2.33 8.79 -2.60
N ALA A 81 2.93 7.60 -2.58
CA ALA A 81 2.76 6.65 -1.49
C ALA A 81 3.40 7.18 -0.19
N LYS A 82 4.60 7.72 -0.33
CA LYS A 82 5.32 8.33 0.81
C LYS A 82 4.47 9.41 1.49
N LYS A 83 3.87 10.29 0.69
CA LYS A 83 2.99 11.35 1.19
C LYS A 83 1.70 10.77 1.78
N ALA A 84 1.11 9.79 1.10
CA ALA A 84 -0.10 9.12 1.59
C ALA A 84 0.13 8.58 3.01
N LEU A 85 1.27 7.93 3.21
CA LEU A 85 1.65 7.41 4.52
C LEU A 85 1.68 8.55 5.56
N GLU A 86 2.41 9.62 5.26
CA GLU A 86 2.57 10.74 6.19
C GLU A 86 1.22 11.33 6.63
N GLN A 87 0.25 11.37 5.72
CA GLN A 87 -1.04 12.01 6.01
C GLN A 87 -2.03 11.05 6.67
N LEU A 88 -2.00 9.78 6.26
CA LEU A 88 -2.99 8.79 6.71
C LEU A 88 -2.50 7.95 7.90
N ASN A 89 -1.20 7.99 8.18
CA ASN A 89 -0.64 7.33 9.37
C ASN A 89 -1.21 7.98 10.65
N GLY A 90 -2.14 7.30 11.30
CA GLY A 90 -2.80 7.85 12.48
C GLY A 90 -4.11 8.56 12.15
N PHE A 91 -4.65 8.30 10.96
CA PHE A 91 -5.93 8.88 10.52
C PHE A 91 -7.11 8.16 11.18
N GLU A 92 -8.07 8.92 11.69
CA GLU A 92 -9.26 8.35 12.33
C GLU A 92 -10.29 7.88 11.30
N LEU A 93 -10.23 6.60 10.92
CA LEU A 93 -11.22 6.02 10.01
C LEU A 93 -12.25 5.20 10.81
N ALA A 94 -13.53 5.51 10.62
CA ALA A 94 -14.63 4.89 11.39
C ALA A 94 -14.56 5.26 12.87
N GLY A 95 -13.72 6.25 13.21
CA GLY A 95 -13.55 6.67 14.59
C GLY A 95 -12.32 6.06 15.27
N ARG A 96 -11.55 5.27 14.52
CA ARG A 96 -10.37 4.60 15.06
C ARG A 96 -9.14 4.83 14.15
N PRO A 97 -7.91 4.77 14.71
CA PRO A 97 -6.67 5.09 13.96
C PRO A 97 -6.35 4.13 12.79
N MET A 98 -5.66 4.65 11.78
CA MET A 98 -5.23 3.86 10.63
C MET A 98 -3.70 3.66 10.63
N LYS A 99 -3.25 2.40 10.66
CA LYS A 99 -1.81 2.09 10.64
C LYS A 99 -1.29 1.94 9.20
N VAL A 100 -0.67 2.99 8.68
CA VAL A 100 -0.06 2.94 7.34
C VAL A 100 1.48 2.94 7.42
N GLY A 101 2.10 1.86 6.96
CA GLY A 101 3.56 1.77 6.97
C GLY A 101 4.11 1.10 5.70
N HIS A 102 5.21 1.62 5.17
CA HIS A 102 5.78 1.09 3.92
C HIS A 102 6.52 -0.25 4.16
N VAL A 103 5.76 -1.33 4.36
CA VAL A 103 6.33 -2.65 4.64
C VAL A 103 7.29 -2.57 5.85
N THR A 104 6.90 -1.75 6.83
CA THR A 104 7.75 -1.43 7.99
C THR A 104 7.79 -2.57 9.02
N GLU A 105 6.86 -3.52 8.92
CA GLU A 105 6.74 -4.60 9.91
C GLU A 105 8.00 -5.48 9.97
N ARG A 106 8.59 -5.57 11.16
CA ARG A 106 9.76 -6.44 11.41
C ARG A 106 10.94 -6.10 10.47
N THR A 107 11.04 -4.82 10.11
CA THR A 107 12.11 -4.30 9.23
C THR A 107 12.12 -4.97 7.84
N ASP A 108 12.58 -6.22 7.77
CA ASP A 108 12.64 -6.96 6.51
C ASP A 108 11.93 -8.33 6.62
N MET A 1 21.58 -24.76 7.03
CA MET A 1 22.91 -24.63 6.38
C MET A 1 22.87 -23.69 5.15
N GLY A 2 23.81 -22.76 5.08
CA GLY A 2 23.96 -21.92 3.88
C GLY A 2 22.98 -20.76 3.80
N HIS A 3 21.69 -21.07 3.64
CA HIS A 3 20.61 -20.05 3.53
C HIS A 3 20.62 -19.30 2.17
N HIS A 4 21.75 -18.69 1.81
CA HIS A 4 21.83 -17.84 0.62
C HIS A 4 21.43 -18.57 -0.69
N HIS A 5 20.14 -18.49 -1.05
CA HIS A 5 19.63 -19.14 -2.26
C HIS A 5 18.75 -18.21 -3.11
N HIS A 6 19.35 -17.62 -4.15
CA HIS A 6 18.61 -16.84 -5.15
C HIS A 6 19.49 -16.53 -6.38
N HIS A 7 19.83 -17.58 -7.13
CA HIS A 7 20.75 -17.47 -8.29
C HIS A 7 22.08 -16.84 -7.88
N HIS A 8 22.45 -17.01 -6.60
CA HIS A 8 23.59 -16.30 -5.99
C HIS A 8 23.32 -14.78 -5.97
N SER A 9 23.38 -14.14 -7.14
CA SER A 9 23.10 -12.70 -7.28
C SER A 9 23.85 -11.85 -6.23
N HIS A 10 24.99 -12.38 -5.78
CA HIS A 10 25.85 -11.70 -4.81
C HIS A 10 26.53 -10.48 -5.44
N MET A 11 26.55 -9.36 -4.72
CA MET A 11 27.15 -8.12 -5.25
C MET A 11 28.62 -8.33 -5.67
N ALA A 12 28.96 -7.84 -6.86
CA ALA A 12 30.30 -8.00 -7.40
C ALA A 12 30.72 -6.76 -8.22
N ALA A 13 31.60 -6.94 -9.20
CA ALA A 13 32.03 -5.84 -10.07
C ALA A 13 31.01 -5.58 -11.21
N ALA A 14 29.82 -6.15 -11.10
CA ALA A 14 28.74 -5.91 -12.06
C ALA A 14 27.70 -4.93 -11.50
N MET A 15 27.11 -4.12 -12.37
CA MET A 15 26.12 -3.12 -11.94
C MET A 15 24.69 -3.67 -12.00
N ALA A 16 24.11 -3.69 -13.20
CA ALA A 16 22.72 -4.11 -13.40
C ALA A 16 22.37 -4.22 -14.88
N ASN A 17 21.11 -4.53 -15.18
CA ASN A 17 20.64 -4.61 -16.57
C ASN A 17 20.44 -3.20 -17.15
N ASN A 18 19.95 -2.29 -16.29
CA ASN A 18 19.77 -0.87 -16.66
C ASN A 18 20.27 0.05 -15.54
N LEU A 19 21.07 1.06 -15.90
CA LEU A 19 21.70 1.94 -14.90
C LEU A 19 21.22 3.39 -15.02
N GLN A 20 21.38 3.97 -16.21
CA GLN A 20 21.06 5.39 -16.43
C GLN A 20 19.54 5.61 -16.54
N LYS A 21 18.87 4.75 -17.31
CA LYS A 21 17.42 4.85 -17.48
C LYS A 21 16.71 3.60 -16.93
N GLY A 22 16.04 3.76 -15.80
CA GLY A 22 15.30 2.67 -15.19
C GLY A 22 13.90 3.10 -14.76
N SER A 23 13.80 3.72 -13.58
CA SER A 23 12.53 4.28 -13.07
C SER A 23 11.41 3.22 -12.98
N ALA A 24 11.79 1.94 -13.01
CA ALA A 24 10.82 0.83 -12.99
C ALA A 24 10.56 0.33 -11.56
N GLY A 25 10.75 1.20 -10.58
CA GLY A 25 10.56 0.83 -9.18
C GLY A 25 9.34 1.49 -8.53
N PRO A 26 8.22 0.76 -8.39
CA PRO A 26 7.03 1.25 -7.69
C PRO A 26 7.14 1.07 -6.16
N MET A 27 6.23 1.70 -5.41
CA MET A 27 6.27 1.62 -3.94
C MET A 27 4.94 1.09 -3.38
N ARG A 28 5.01 0.00 -2.61
CA ARG A 28 3.82 -0.63 -2.04
C ARG A 28 3.69 -0.34 -0.53
N LEU A 29 2.49 0.04 -0.11
CA LEU A 29 2.22 0.42 1.28
C LEU A 29 1.40 -0.66 2.02
N TYR A 30 1.76 -0.89 3.27
CA TYR A 30 1.03 -1.80 4.15
C TYR A 30 0.07 -1.04 5.08
N VAL A 31 -1.23 -1.28 4.93
CA VAL A 31 -2.26 -0.59 5.73
C VAL A 31 -3.03 -1.57 6.64
N GLY A 32 -3.16 -1.21 7.92
CA GLY A 32 -3.85 -2.08 8.88
C GLY A 32 -4.88 -1.34 9.74
N SER A 33 -6.16 -1.54 9.45
CA SER A 33 -7.27 -0.97 10.25
C SER A 33 -8.65 -1.46 9.75
N LEU A 34 -8.65 -2.52 8.96
CA LEU A 34 -9.87 -2.97 8.27
C LEU A 34 -10.72 -3.91 9.15
N HIS A 35 -11.60 -3.35 9.97
CA HIS A 35 -12.41 -4.17 10.89
C HIS A 35 -13.63 -4.81 10.18
N PHE A 36 -13.36 -5.63 9.18
CA PHE A 36 -14.42 -6.36 8.42
C PHE A 36 -15.46 -5.41 7.79
N ASN A 37 -15.20 -4.10 7.82
CA ASN A 37 -16.15 -3.10 7.31
C ASN A 37 -15.50 -2.16 6.28
N ILE A 38 -14.21 -2.33 6.06
CA ILE A 38 -13.47 -1.46 5.13
C ILE A 38 -13.09 -2.22 3.85
N THR A 39 -13.53 -1.71 2.71
CA THR A 39 -13.31 -2.38 1.42
C THR A 39 -12.10 -1.79 0.67
N GLU A 40 -11.60 -2.55 -0.30
CA GLU A 40 -10.53 -2.06 -1.20
C GLU A 40 -10.98 -0.76 -1.88
N ASP A 41 -12.26 -0.70 -2.19
CA ASP A 41 -12.85 0.46 -2.85
C ASP A 41 -12.78 1.72 -1.97
N MET A 42 -13.01 1.55 -0.66
CA MET A 42 -12.89 2.65 0.30
C MET A 42 -11.43 3.07 0.46
N LEU A 43 -10.55 2.08 0.58
CA LEU A 43 -9.10 2.34 0.63
C LEU A 43 -8.66 3.14 -0.61
N ARG A 44 -9.18 2.75 -1.77
CA ARG A 44 -8.90 3.47 -3.02
C ARG A 44 -9.38 4.92 -2.94
N GLY A 45 -10.63 5.11 -2.51
CA GLY A 45 -11.20 6.44 -2.39
C GLY A 45 -10.39 7.37 -1.49
N ILE A 46 -9.78 6.81 -0.44
CA ILE A 46 -8.97 7.59 0.51
C ILE A 46 -7.54 7.87 -0.03
N PHE A 47 -6.94 6.89 -0.66
CA PHE A 47 -5.54 7.00 -1.14
C PHE A 47 -5.44 7.66 -2.54
N GLU A 48 -6.48 7.56 -3.36
CA GLU A 48 -6.45 8.12 -4.73
C GLU A 48 -6.20 9.65 -4.75
N PRO A 49 -6.76 10.45 -3.81
CA PRO A 49 -6.42 11.89 -3.69
C PRO A 49 -4.91 12.19 -3.76
N PHE A 50 -4.09 11.18 -3.49
CA PHE A 50 -2.62 11.31 -3.55
C PHE A 50 -2.04 10.85 -4.90
N GLY A 51 -2.71 9.88 -5.55
CA GLY A 51 -2.22 9.38 -6.83
C GLY A 51 -3.26 8.56 -7.61
N ARG A 52 -2.80 7.51 -8.27
CA ARG A 52 -3.67 6.67 -9.11
C ARG A 52 -4.04 5.34 -8.42
N ILE A 53 -3.06 4.75 -7.73
CA ILE A 53 -3.17 3.40 -7.15
C ILE A 53 -3.20 2.33 -8.24
N GLU A 54 -2.11 1.58 -8.37
CA GLU A 54 -1.98 0.57 -9.43
C GLU A 54 -2.70 -0.74 -9.04
N SER A 55 -2.57 -1.13 -7.78
CA SER A 55 -3.20 -2.35 -7.27
C SER A 55 -3.51 -2.26 -5.78
N ILE A 56 -4.65 -2.81 -5.36
CA ILE A 56 -4.99 -2.93 -3.94
C ILE A 56 -5.27 -4.38 -3.56
N GLN A 57 -4.33 -4.99 -2.85
CA GLN A 57 -4.50 -6.38 -2.40
C GLN A 57 -4.94 -6.41 -0.93
N LEU A 58 -6.18 -6.82 -0.69
CA LEU A 58 -6.71 -6.90 0.67
C LEU A 58 -6.60 -8.34 1.17
N MET A 59 -6.11 -8.52 2.39
CA MET A 59 -5.91 -9.86 2.93
C MET A 59 -7.14 -10.34 3.69
N MET A 60 -7.79 -11.36 3.15
CA MET A 60 -9.01 -11.92 3.73
C MET A 60 -8.99 -13.44 3.67
N ASP A 61 -9.45 -14.10 4.74
CA ASP A 61 -9.59 -15.55 4.74
C ASP A 61 -10.77 -15.98 3.87
N SER A 62 -10.51 -16.09 2.56
CA SER A 62 -11.56 -16.40 1.56
C SER A 62 -12.32 -17.70 1.87
N GLU A 63 -11.76 -18.53 2.76
CA GLU A 63 -12.46 -19.72 3.25
C GLU A 63 -13.84 -19.31 3.79
N THR A 64 -13.83 -18.27 4.62
CA THR A 64 -15.04 -17.72 5.29
C THR A 64 -14.67 -16.80 6.48
N GLY A 65 -13.37 -16.70 6.80
CA GLY A 65 -12.93 -15.83 7.88
C GLY A 65 -13.00 -14.35 7.49
N ARG A 66 -12.93 -14.10 6.18
CA ARG A 66 -13.17 -12.78 5.61
C ARG A 66 -12.04 -11.78 5.95
N SER A 67 -12.32 -10.47 5.87
CA SER A 67 -11.30 -9.43 6.05
C SER A 67 -10.45 -9.63 7.31
N LYS A 68 -9.16 -9.87 7.13
CA LYS A 68 -8.21 -10.07 8.23
C LYS A 68 -7.92 -8.77 8.99
N GLY A 69 -7.97 -7.63 8.29
CA GLY A 69 -7.72 -6.34 8.93
C GLY A 69 -6.62 -5.51 8.27
N TYR A 70 -5.90 -6.09 7.31
CA TYR A 70 -4.78 -5.40 6.65
C TYR A 70 -4.72 -5.68 5.14
N GLY A 71 -4.17 -4.71 4.40
CA GLY A 71 -4.03 -4.83 2.95
C GLY A 71 -2.83 -4.06 2.40
N PHE A 72 -2.38 -4.42 1.20
CA PHE A 72 -1.24 -3.77 0.56
C PHE A 72 -1.68 -2.93 -0.67
N ILE A 73 -1.39 -1.63 -0.64
CA ILE A 73 -1.73 -0.73 -1.75
C ILE A 73 -0.47 -0.27 -2.50
N THR A 74 -0.41 -0.58 -3.79
CA THR A 74 0.79 -0.29 -4.60
C THR A 74 0.63 0.98 -5.46
N PHE A 75 1.58 1.90 -5.31
CA PHE A 75 1.64 3.11 -6.15
C PHE A 75 2.79 3.01 -7.17
N SER A 76 2.58 3.56 -8.37
CA SER A 76 3.63 3.61 -9.39
C SER A 76 4.75 4.58 -8.99
N ASP A 77 4.37 5.63 -8.26
CA ASP A 77 5.31 6.67 -7.84
C ASP A 77 5.58 6.59 -6.32
N SER A 78 6.86 6.64 -5.94
CA SER A 78 7.26 6.53 -4.53
C SER A 78 6.89 7.78 -3.72
N GLU A 79 6.98 8.96 -4.34
CA GLU A 79 6.70 10.22 -3.64
C GLU A 79 5.20 10.31 -3.28
N CYS A 80 4.33 9.96 -4.22
CA CYS A 80 2.89 9.91 -3.97
C CYS A 80 2.56 8.91 -2.86
N ALA A 81 3.30 7.80 -2.83
CA ALA A 81 3.15 6.79 -1.77
C ALA A 81 3.55 7.33 -0.40
N LYS A 82 4.69 8.04 -0.35
CA LYS A 82 5.16 8.68 0.89
C LYS A 82 4.16 9.71 1.40
N LYS A 83 3.68 10.56 0.51
CA LYS A 83 2.68 11.59 0.87
C LYS A 83 1.41 10.95 1.45
N ALA A 84 0.95 9.86 0.82
CA ALA A 84 -0.19 9.11 1.33
C ALA A 84 0.11 8.50 2.71
N LEU A 85 1.21 7.75 2.79
CA LEU A 85 1.63 7.10 4.04
C LEU A 85 1.71 8.10 5.20
N GLU A 86 2.46 9.17 4.99
CA GLU A 86 2.72 10.16 6.05
C GLU A 86 1.46 10.92 6.48
N GLN A 87 0.55 11.19 5.56
CA GLN A 87 -0.66 11.97 5.86
C GLN A 87 -1.82 11.09 6.37
N LEU A 88 -1.81 9.82 6.01
CA LEU A 88 -2.89 8.90 6.42
C LEU A 88 -2.50 8.10 7.68
N ASN A 89 -1.23 8.12 8.06
CA ASN A 89 -0.81 7.61 9.37
C ASN A 89 -1.56 8.33 10.49
N GLY A 90 -2.56 7.66 11.03
CA GLY A 90 -3.40 8.26 12.07
C GLY A 90 -4.62 8.99 11.50
N PHE A 91 -5.12 8.51 10.37
CA PHE A 91 -6.37 9.01 9.78
C PHE A 91 -7.57 8.18 10.28
N GLU A 92 -8.34 8.74 11.20
CA GLU A 92 -9.50 8.02 11.75
C GLU A 92 -10.63 7.90 10.73
N LEU A 93 -10.56 6.87 9.89
CA LEU A 93 -11.59 6.61 8.88
C LEU A 93 -12.86 6.04 9.51
N ALA A 94 -12.77 4.82 10.02
CA ALA A 94 -13.90 4.17 10.69
C ALA A 94 -13.95 4.53 12.18
N GLY A 95 -13.64 5.79 12.49
CA GLY A 95 -13.53 6.21 13.90
C GLY A 95 -12.39 5.50 14.62
N ARG A 96 -11.43 5.01 13.85
CA ARG A 96 -10.31 4.21 14.38
C ARG A 96 -9.00 4.61 13.68
N PRO A 97 -7.88 4.65 14.43
CA PRO A 97 -6.56 5.04 13.89
C PRO A 97 -6.13 4.23 12.65
N MET A 98 -5.48 4.89 11.70
CA MET A 98 -5.01 4.25 10.47
C MET A 98 -3.51 3.90 10.57
N LYS A 99 -3.18 2.63 10.39
CA LYS A 99 -1.78 2.18 10.45
C LYS A 99 -1.20 2.01 9.04
N VAL A 100 -0.40 2.98 8.60
CA VAL A 100 0.18 2.94 7.25
C VAL A 100 1.72 2.88 7.29
N GLY A 101 2.30 1.73 6.95
CA GLY A 101 3.74 1.58 6.96
C GLY A 101 4.28 1.00 5.65
N HIS A 102 5.53 1.29 5.32
CA HIS A 102 6.16 0.76 4.10
C HIS A 102 6.42 -0.74 4.23
N VAL A 103 6.33 -1.48 3.12
CA VAL A 103 6.64 -2.91 3.12
C VAL A 103 8.12 -3.15 3.50
N THR A 104 8.37 -4.15 4.34
CA THR A 104 9.72 -4.46 4.79
C THR A 104 10.51 -5.24 3.74
N GLU A 105 11.78 -4.90 3.56
CA GLU A 105 12.65 -5.59 2.61
C GLU A 105 14.13 -5.31 2.91
N ARG A 106 14.68 -4.25 2.32
CA ARG A 106 16.06 -3.83 2.61
C ARG A 106 16.16 -2.31 2.71
N THR A 107 14.99 -1.66 2.70
CA THR A 107 14.90 -0.20 2.82
C THR A 107 14.90 0.23 4.29
N ASP A 108 14.57 -0.72 5.16
CA ASP A 108 14.44 -0.50 6.60
C ASP A 108 15.76 0.00 7.24
N MET A 1 27.19 2.93 -13.18
CA MET A 1 26.10 3.36 -12.25
C MET A 1 26.68 4.00 -10.98
N GLY A 2 26.06 5.08 -10.52
CA GLY A 2 26.54 5.79 -9.33
C GLY A 2 26.53 7.31 -9.53
N HIS A 3 27.59 7.97 -9.05
CA HIS A 3 27.70 9.43 -9.19
C HIS A 3 27.82 9.87 -10.66
N HIS A 4 27.05 10.89 -11.04
CA HIS A 4 27.10 11.42 -12.41
C HIS A 4 28.12 12.56 -12.54
N HIS A 5 28.63 12.76 -13.75
CA HIS A 5 29.73 13.72 -13.98
C HIS A 5 29.25 15.17 -14.01
N HIS A 6 29.99 16.03 -13.31
CA HIS A 6 29.69 17.46 -13.22
C HIS A 6 30.87 18.23 -12.62
N HIS A 7 31.15 19.42 -13.15
CA HIS A 7 32.32 20.22 -12.74
C HIS A 7 32.20 20.78 -11.30
N HIS A 8 31.16 20.36 -10.57
CA HIS A 8 30.99 20.75 -9.17
C HIS A 8 30.73 22.27 -9.04
N SER A 9 29.81 22.79 -9.84
CA SER A 9 29.42 24.20 -9.74
C SER A 9 28.44 24.38 -8.58
N HIS A 10 28.91 24.93 -7.46
CA HIS A 10 28.12 25.01 -6.22
C HIS A 10 26.92 25.97 -6.35
N MET A 11 25.80 25.44 -6.81
CA MET A 11 24.55 26.22 -6.93
C MET A 11 23.37 25.47 -6.26
N ALA A 12 23.69 24.56 -5.33
CA ALA A 12 22.67 23.74 -4.67
C ALA A 12 21.99 24.47 -3.49
N ALA A 13 21.50 25.68 -3.74
CA ALA A 13 20.82 26.48 -2.72
C ALA A 13 19.30 26.27 -2.73
N ALA A 14 18.78 25.73 -3.84
CA ALA A 14 17.34 25.45 -3.99
C ALA A 14 16.87 24.35 -3.00
N MET A 15 17.82 23.54 -2.52
CA MET A 15 17.54 22.47 -1.54
C MET A 15 16.62 21.38 -2.09
N ALA A 16 15.33 21.67 -2.14
CA ALA A 16 14.32 20.69 -2.58
C ALA A 16 14.49 20.28 -4.05
N ASN A 17 14.44 18.97 -4.31
CA ASN A 17 14.59 18.46 -5.67
C ASN A 17 14.00 17.04 -5.80
N ASN A 18 13.61 16.66 -7.01
CA ASN A 18 13.04 15.34 -7.27
C ASN A 18 14.13 14.33 -7.66
N LEU A 19 14.65 13.57 -6.69
CA LEU A 19 15.71 12.60 -6.94
C LEU A 19 15.15 11.36 -7.63
N GLN A 20 14.03 10.88 -7.12
CA GLN A 20 13.33 9.72 -7.70
C GLN A 20 12.18 10.20 -8.61
N LYS A 21 12.51 11.06 -9.57
CA LYS A 21 11.53 11.63 -10.50
C LYS A 21 10.77 10.53 -11.27
N GLY A 22 9.55 10.25 -10.85
CA GLY A 22 8.73 9.24 -11.51
C GLY A 22 8.98 7.82 -10.97
N SER A 23 10.00 7.68 -10.12
CA SER A 23 10.39 6.38 -9.54
C SER A 23 10.88 5.38 -10.60
N ALA A 24 11.99 4.71 -10.30
CA ALA A 24 12.49 3.62 -11.16
C ALA A 24 11.78 2.30 -10.82
N GLY A 25 11.33 2.18 -9.57
CA GLY A 25 10.57 1.00 -9.15
C GLY A 25 9.28 1.37 -8.42
N PRO A 26 8.31 0.44 -8.32
CA PRO A 26 7.01 0.70 -7.67
C PRO A 26 7.09 0.73 -6.13
N MET A 27 6.26 1.58 -5.52
CA MET A 27 6.21 1.74 -4.06
C MET A 27 4.98 1.04 -3.47
N ARG A 28 5.20 0.11 -2.54
CA ARG A 28 4.10 -0.61 -1.87
C ARG A 28 3.80 -0.01 -0.49
N LEU A 29 2.52 0.08 -0.15
CA LEU A 29 2.08 0.57 1.17
C LEU A 29 1.24 -0.49 1.90
N TYR A 30 1.61 -0.75 3.15
CA TYR A 30 0.85 -1.66 4.02
C TYR A 30 -0.20 -0.90 4.85
N VAL A 31 -1.47 -1.15 4.58
CA VAL A 31 -2.56 -0.55 5.35
C VAL A 31 -3.17 -1.58 6.33
N GLY A 32 -2.77 -1.51 7.60
CA GLY A 32 -3.26 -2.45 8.60
C GLY A 32 -4.27 -1.82 9.55
N SER A 33 -5.56 -1.88 9.19
CA SER A 33 -6.64 -1.33 10.03
C SER A 33 -8.03 -1.63 9.46
N LEU A 34 -8.17 -2.69 8.66
CA LEU A 34 -9.48 -3.07 8.15
C LEU A 34 -10.36 -3.59 9.30
N HIS A 35 -11.35 -2.80 9.71
CA HIS A 35 -12.16 -3.12 10.89
C HIS A 35 -13.23 -4.18 10.58
N PHE A 36 -12.83 -5.25 9.87
CA PHE A 36 -13.75 -6.32 9.44
C PHE A 36 -14.87 -5.79 8.54
N ASN A 37 -14.69 -4.59 7.98
CA ASN A 37 -15.70 -3.95 7.13
C ASN A 37 -15.06 -3.10 6.02
N ILE A 38 -13.91 -2.49 6.31
CA ILE A 38 -13.23 -1.61 5.35
C ILE A 38 -12.84 -2.36 4.06
N THR A 39 -13.15 -1.77 2.92
CA THR A 39 -12.86 -2.39 1.62
C THR A 39 -11.87 -1.56 0.80
N GLU A 40 -11.37 -2.14 -0.29
CA GLU A 40 -10.42 -1.46 -1.17
C GLU A 40 -11.01 -0.19 -1.79
N ASP A 41 -12.33 -0.15 -1.96
CA ASP A 41 -13.02 1.05 -2.50
C ASP A 41 -12.80 2.28 -1.61
N MET A 42 -12.84 2.07 -0.29
CA MET A 42 -12.62 3.15 0.67
C MET A 42 -11.18 3.66 0.58
N LEU A 43 -10.23 2.73 0.69
CA LEU A 43 -8.81 3.05 0.58
C LEU A 43 -8.50 3.74 -0.77
N ARG A 44 -8.89 3.09 -1.86
CA ARG A 44 -8.74 3.66 -3.21
C ARG A 44 -9.28 5.10 -3.28
N GLY A 45 -10.47 5.31 -2.73
CA GLY A 45 -11.08 6.64 -2.73
C GLY A 45 -10.25 7.70 -2.00
N ILE A 46 -9.54 7.30 -0.95
CA ILE A 46 -8.70 8.22 -0.16
C ILE A 46 -7.29 8.37 -0.76
N PHE A 47 -6.71 7.27 -1.23
CA PHE A 47 -5.34 7.26 -1.77
C PHE A 47 -5.26 7.84 -3.19
N GLU A 48 -6.32 7.65 -3.99
CA GLU A 48 -6.34 8.12 -5.39
C GLU A 48 -5.98 9.62 -5.49
N PRO A 49 -6.59 10.52 -4.68
CA PRO A 49 -6.22 11.95 -4.64
C PRO A 49 -4.70 12.20 -4.60
N PHE A 50 -3.94 11.26 -4.03
CA PHE A 50 -2.48 11.36 -3.97
C PHE A 50 -1.84 10.85 -5.27
N GLY A 51 -2.27 9.67 -5.72
CA GLY A 51 -1.71 9.05 -6.91
C GLY A 51 -2.53 7.87 -7.39
N ARG A 52 -2.52 7.65 -8.70
CA ARG A 52 -3.30 6.57 -9.31
C ARG A 52 -2.77 5.18 -8.86
N ILE A 53 -3.59 4.44 -8.14
CA ILE A 53 -3.20 3.12 -7.61
C ILE A 53 -2.98 2.09 -8.74
N GLU A 54 -1.93 1.29 -8.61
CA GLU A 54 -1.69 0.17 -9.53
C GLU A 54 -2.56 -1.05 -9.15
N SER A 55 -2.43 -1.49 -7.90
CA SER A 55 -3.20 -2.65 -7.39
C SER A 55 -3.45 -2.55 -5.88
N ILE A 56 -4.65 -2.95 -5.45
CA ILE A 56 -4.98 -3.06 -4.03
C ILE A 56 -5.29 -4.51 -3.66
N GLN A 57 -4.83 -4.94 -2.50
CA GLN A 57 -5.05 -6.32 -2.04
C GLN A 57 -5.61 -6.34 -0.62
N LEU A 58 -6.80 -6.94 -0.45
CA LEU A 58 -7.37 -7.14 0.89
C LEU A 58 -7.05 -8.56 1.39
N MET A 59 -6.55 -8.66 2.62
CA MET A 59 -6.17 -9.96 3.18
C MET A 59 -7.33 -10.57 3.99
N MET A 60 -8.02 -11.52 3.37
CA MET A 60 -9.17 -12.18 4.01
C MET A 60 -8.78 -13.54 4.63
N ASP A 61 -9.56 -13.98 5.62
CA ASP A 61 -9.30 -15.27 6.28
C ASP A 61 -9.69 -16.45 5.38
N SER A 62 -8.68 -17.15 4.86
CA SER A 62 -8.92 -18.35 4.02
C SER A 62 -9.67 -19.45 4.80
N GLU A 63 -9.71 -19.30 6.13
CA GLU A 63 -10.38 -20.27 7.00
C GLU A 63 -11.89 -20.25 6.81
N THR A 64 -12.41 -19.07 6.48
CA THR A 64 -13.86 -18.84 6.38
C THR A 64 -14.17 -17.88 5.23
N GLY A 65 -13.48 -16.75 5.22
CA GLY A 65 -13.72 -15.69 4.23
C GLY A 65 -13.95 -14.33 4.86
N ARG A 66 -13.46 -14.17 6.10
CA ARG A 66 -13.61 -12.91 6.84
C ARG A 66 -12.48 -11.94 6.51
N SER A 67 -12.25 -10.93 7.36
CA SER A 67 -11.16 -9.96 7.14
C SER A 67 -10.07 -10.09 8.21
N LYS A 68 -8.81 -10.17 7.78
CA LYS A 68 -7.69 -10.27 8.72
C LYS A 68 -7.27 -8.90 9.27
N GLY A 69 -7.85 -7.82 8.73
CA GLY A 69 -7.63 -6.49 9.27
C GLY A 69 -6.53 -5.69 8.57
N TYR A 70 -5.98 -6.21 7.47
CA TYR A 70 -4.93 -5.48 6.75
C TYR A 70 -4.92 -5.77 5.25
N GLY A 71 -4.36 -4.84 4.48
CA GLY A 71 -4.25 -4.97 3.04
C GLY A 71 -3.03 -4.23 2.47
N PHE A 72 -2.62 -4.60 1.25
CA PHE A 72 -1.46 -3.98 0.61
C PHE A 72 -1.85 -3.20 -0.66
N ILE A 73 -1.25 -2.03 -0.85
CA ILE A 73 -1.51 -1.19 -2.03
C ILE A 73 -0.21 -0.91 -2.81
N THR A 74 -0.31 -0.84 -4.14
CA THR A 74 0.85 -0.60 -5.01
C THR A 74 0.75 0.73 -5.77
N PHE A 75 1.83 1.51 -5.78
CA PHE A 75 1.89 2.77 -6.52
C PHE A 75 3.11 2.80 -7.48
N SER A 76 2.96 3.48 -8.61
CA SER A 76 4.08 3.69 -9.55
C SER A 76 4.79 5.01 -9.28
N ASP A 77 4.51 5.61 -8.12
CA ASP A 77 5.13 6.89 -7.74
C ASP A 77 5.41 6.92 -6.23
N SER A 78 6.69 6.86 -5.86
CA SER A 78 7.10 6.80 -4.45
C SER A 78 6.78 8.09 -3.68
N GLU A 79 6.81 9.24 -4.36
CA GLU A 79 6.59 10.54 -3.70
C GLU A 79 5.15 10.65 -3.17
N CYS A 80 4.17 10.51 -4.05
CA CYS A 80 2.75 10.55 -3.67
C CYS A 80 2.43 9.48 -2.62
N ALA A 81 3.03 8.30 -2.76
CA ALA A 81 2.86 7.22 -1.80
C ALA A 81 3.43 7.59 -0.41
N LYS A 82 4.59 8.26 -0.40
CA LYS A 82 5.19 8.74 0.86
C LYS A 82 4.25 9.73 1.56
N LYS A 83 3.66 10.65 0.79
CA LYS A 83 2.72 11.63 1.32
C LYS A 83 1.44 10.96 1.85
N ALA A 84 0.87 10.06 1.05
CA ALA A 84 -0.32 9.30 1.45
C ALA A 84 -0.10 8.62 2.81
N LEU A 85 1.00 7.90 2.93
CA LEU A 85 1.39 7.26 4.19
C LEU A 85 1.48 8.30 5.32
N GLU A 86 2.26 9.35 5.09
CA GLU A 86 2.54 10.36 6.13
C GLU A 86 1.26 11.10 6.59
N GLN A 87 0.26 11.21 5.71
CA GLN A 87 -0.99 11.92 6.05
C GLN A 87 -2.04 10.97 6.67
N LEU A 88 -2.11 9.74 6.14
CA LEU A 88 -3.17 8.82 6.52
C LEU A 88 -2.79 7.90 7.70
N ASN A 89 -1.49 7.69 7.92
CA ASN A 89 -1.04 6.84 9.02
C ASN A 89 -1.31 7.51 10.38
N GLY A 90 -2.39 7.07 11.04
CA GLY A 90 -2.84 7.71 12.27
C GLY A 90 -4.24 8.31 12.12
N PHE A 91 -4.69 8.43 10.87
CA PHE A 91 -6.03 8.94 10.56
C PHE A 91 -7.09 7.91 10.97
N GLU A 92 -8.06 8.34 11.77
CA GLU A 92 -9.10 7.44 12.26
C GLU A 92 -10.17 7.18 11.19
N LEU A 93 -9.96 6.14 10.39
CA LEU A 93 -10.93 5.74 9.37
C LEU A 93 -12.06 4.91 9.98
N ALA A 94 -13.31 5.26 9.65
CA ALA A 94 -14.50 4.61 10.21
C ALA A 94 -14.57 4.81 11.74
N GLY A 95 -13.94 5.88 12.21
CA GLY A 95 -13.92 6.17 13.65
C GLY A 95 -12.95 5.29 14.42
N ARG A 96 -11.84 4.90 13.78
CA ARG A 96 -10.81 4.08 14.43
C ARG A 96 -9.47 4.22 13.70
N PRO A 97 -8.35 4.46 14.44
CA PRO A 97 -7.03 4.77 13.85
C PRO A 97 -6.56 3.80 12.73
N MET A 98 -6.18 4.37 11.59
CA MET A 98 -5.70 3.58 10.44
C MET A 98 -4.16 3.57 10.36
N LYS A 99 -3.57 2.38 10.47
CA LYS A 99 -2.11 2.23 10.43
C LYS A 99 -1.60 2.03 9.00
N VAL A 100 -0.99 3.06 8.42
CA VAL A 100 -0.39 2.96 7.09
C VAL A 100 1.15 2.94 7.16
N GLY A 101 1.72 1.74 7.07
CA GLY A 101 3.17 1.58 7.09
C GLY A 101 3.73 1.20 5.73
N HIS A 102 5.03 1.38 5.52
CA HIS A 102 5.67 0.99 4.24
C HIS A 102 5.34 -0.48 3.89
N VAL A 103 6.12 -1.41 4.45
CA VAL A 103 5.80 -2.84 4.39
C VAL A 103 6.14 -3.46 5.75
N THR A 104 5.68 -2.80 6.82
CA THR A 104 6.09 -3.12 8.20
C THR A 104 7.61 -2.85 8.36
N GLU A 105 8.19 -3.25 9.49
CA GLU A 105 9.66 -3.23 9.67
C GLU A 105 10.23 -1.81 9.84
N ARG A 106 10.50 -1.14 8.72
CA ARG A 106 11.26 0.12 8.73
C ARG A 106 10.39 1.37 8.79
N THR A 107 10.25 1.93 9.99
CA THR A 107 9.65 3.26 10.18
C THR A 107 10.63 4.17 10.93
N ASP A 108 11.02 3.76 12.13
CA ASP A 108 12.03 4.49 12.92
C ASP A 108 13.12 3.55 13.47
N MET A 1 29.88 13.63 -14.43
CA MET A 1 28.47 13.91 -14.05
C MET A 1 28.09 13.18 -12.75
N GLY A 2 27.98 13.95 -11.66
CA GLY A 2 27.58 13.38 -10.37
C GLY A 2 26.13 12.88 -10.37
N HIS A 3 25.91 11.70 -10.94
CA HIS A 3 24.57 11.12 -11.06
C HIS A 3 24.06 10.59 -9.71
N HIS A 4 22.83 10.96 -9.36
CA HIS A 4 22.23 10.57 -8.09
C HIS A 4 20.86 9.89 -8.28
N HIS A 5 20.88 8.56 -8.40
CA HIS A 5 19.64 7.77 -8.54
C HIS A 5 19.28 7.09 -7.21
N HIS A 6 17.99 6.82 -6.99
CA HIS A 6 17.50 6.35 -5.69
C HIS A 6 17.73 4.84 -5.44
N HIS A 7 17.97 4.06 -6.49
CA HIS A 7 18.11 2.60 -6.34
C HIS A 7 19.31 2.21 -5.45
N HIS A 8 19.06 2.06 -4.15
CA HIS A 8 20.09 1.63 -3.19
C HIS A 8 19.47 0.75 -2.08
N SER A 9 18.26 0.24 -2.32
CA SER A 9 17.51 -0.50 -1.29
C SER A 9 17.88 -1.99 -1.24
N HIS A 10 19.07 -2.33 -1.77
CA HIS A 10 19.58 -3.71 -1.75
C HIS A 10 18.82 -4.64 -2.73
N MET A 11 17.50 -4.61 -2.69
CA MET A 11 16.66 -5.45 -3.58
C MET A 11 16.92 -5.14 -5.06
N ALA A 12 17.45 -6.12 -5.77
CA ALA A 12 17.73 -6.00 -7.20
C ALA A 12 17.75 -7.38 -7.88
N ALA A 13 18.16 -7.43 -9.14
CA ALA A 13 18.27 -8.71 -9.85
C ALA A 13 19.61 -9.38 -9.56
N ALA A 14 19.73 -9.94 -8.35
CA ALA A 14 20.97 -10.55 -7.86
C ALA A 14 21.60 -11.55 -8.87
N MET A 15 20.78 -12.42 -9.44
CA MET A 15 21.27 -13.42 -10.40
C MET A 15 21.87 -12.76 -11.65
N ALA A 16 21.12 -11.85 -12.26
CA ALA A 16 21.56 -11.12 -13.46
C ALA A 16 20.59 -9.98 -13.80
N ASN A 17 19.52 -10.31 -14.51
CA ASN A 17 18.44 -9.35 -14.82
C ASN A 17 17.23 -10.11 -15.38
N ASN A 18 17.34 -10.54 -16.64
CA ASN A 18 16.36 -11.42 -17.29
C ASN A 18 14.95 -10.81 -17.34
N LEU A 19 14.24 -10.83 -16.21
CA LEU A 19 12.85 -10.37 -16.13
C LEU A 19 12.79 -8.87 -15.79
N GLN A 20 12.81 -8.02 -16.81
CA GLN A 20 12.76 -6.57 -16.60
C GLN A 20 11.31 -6.06 -16.48
N LYS A 21 10.82 -5.98 -15.25
CA LYS A 21 9.53 -5.35 -14.96
C LYS A 21 9.71 -4.06 -14.16
N GLY A 22 10.50 -4.14 -13.08
CA GLY A 22 10.75 -2.97 -12.23
C GLY A 22 11.63 -1.91 -12.90
N SER A 23 11.02 -1.12 -13.80
CA SER A 23 11.73 -0.02 -14.45
C SER A 23 12.10 1.08 -13.43
N ALA A 24 11.10 1.65 -12.78
CA ALA A 24 11.32 2.62 -11.72
C ALA A 24 11.30 1.94 -10.34
N GLY A 25 10.10 1.55 -9.88
CA GLY A 25 9.97 0.86 -8.61
C GLY A 25 8.60 1.03 -7.97
N PRO A 26 7.68 0.05 -8.15
CA PRO A 26 6.35 0.10 -7.54
C PRO A 26 6.41 0.03 -6.00
N MET A 27 5.89 1.05 -5.32
CA MET A 27 5.96 1.14 -3.86
C MET A 27 4.64 0.67 -3.23
N ARG A 28 4.73 -0.25 -2.26
CA ARG A 28 3.54 -0.87 -1.67
C ARG A 28 3.33 -0.39 -0.23
N LEU A 29 2.12 0.07 0.07
CA LEU A 29 1.76 0.53 1.42
C LEU A 29 0.99 -0.54 2.20
N TYR A 30 1.24 -0.60 3.50
CA TYR A 30 0.57 -1.55 4.40
C TYR A 30 -0.44 -0.84 5.31
N VAL A 31 -1.72 -1.02 5.02
CA VAL A 31 -2.80 -0.46 5.84
C VAL A 31 -3.38 -1.53 6.78
N GLY A 32 -2.94 -1.54 8.03
CA GLY A 32 -3.37 -2.59 8.96
C GLY A 32 -4.16 -2.05 10.15
N SER A 33 -5.48 -1.94 9.99
CA SER A 33 -6.39 -1.51 11.07
C SER A 33 -7.85 -1.57 10.63
N LEU A 34 -8.15 -2.50 9.72
CA LEU A 34 -9.49 -2.61 9.11
C LEU A 34 -10.42 -3.50 9.96
N HIS A 35 -11.64 -3.01 10.26
CA HIS A 35 -12.56 -3.72 11.16
C HIS A 35 -13.36 -4.81 10.42
N PHE A 36 -12.64 -5.82 9.90
CA PHE A 36 -13.26 -6.97 9.22
C PHE A 36 -14.18 -6.59 8.04
N ASN A 37 -14.20 -5.31 7.65
CA ASN A 37 -15.07 -4.87 6.55
C ASN A 37 -14.65 -3.49 6.00
N ILE A 38 -13.50 -3.44 5.34
CA ILE A 38 -13.07 -2.27 4.57
C ILE A 38 -12.63 -2.70 3.17
N THR A 39 -13.32 -2.21 2.15
CA THR A 39 -13.10 -2.67 0.76
C THR A 39 -12.04 -1.84 0.03
N GLU A 40 -11.54 -2.40 -1.07
CA GLU A 40 -10.54 -1.73 -1.91
C GLU A 40 -11.10 -0.41 -2.48
N ASP A 41 -12.41 -0.36 -2.71
CA ASP A 41 -13.05 0.82 -3.30
C ASP A 41 -12.97 2.04 -2.37
N MET A 42 -13.31 1.84 -1.09
CA MET A 42 -13.21 2.91 -0.10
C MET A 42 -11.77 3.40 0.05
N LEU A 43 -10.86 2.43 0.21
CA LEU A 43 -9.42 2.73 0.30
C LEU A 43 -8.93 3.55 -0.90
N ARG A 44 -9.26 3.08 -2.10
CA ARG A 44 -8.89 3.79 -3.33
C ARG A 44 -9.34 5.25 -3.28
N GLY A 45 -10.62 5.46 -2.99
CA GLY A 45 -11.17 6.81 -2.91
C GLY A 45 -10.42 7.73 -1.94
N ILE A 46 -9.86 7.16 -0.88
CA ILE A 46 -9.07 7.92 0.10
C ILE A 46 -7.64 8.20 -0.40
N PHE A 47 -7.02 7.21 -1.02
CA PHE A 47 -5.61 7.30 -1.45
C PHE A 47 -5.44 8.01 -2.81
N GLU A 48 -6.47 7.97 -3.67
CA GLU A 48 -6.38 8.60 -5.00
C GLU A 48 -5.99 10.09 -4.96
N PRO A 49 -6.63 10.93 -4.10
CA PRO A 49 -6.29 12.38 -3.99
C PRO A 49 -4.78 12.69 -3.86
N PHE A 50 -3.99 11.71 -3.44
CA PHE A 50 -2.54 11.90 -3.30
C PHE A 50 -1.82 11.72 -4.65
N GLY A 51 -2.29 10.76 -5.44
CA GLY A 51 -1.73 10.53 -6.77
C GLY A 51 -2.68 9.69 -7.63
N ARG A 52 -2.37 8.41 -7.73
CA ARG A 52 -3.29 7.45 -8.36
C ARG A 52 -2.90 6.02 -7.97
N ILE A 53 -3.87 5.11 -7.98
CA ILE A 53 -3.63 3.71 -7.61
C ILE A 53 -3.09 2.88 -8.80
N GLU A 54 -2.12 2.01 -8.51
CA GLU A 54 -1.60 1.07 -9.51
C GLU A 54 -2.31 -0.29 -9.38
N SER A 55 -2.19 -0.91 -8.20
CA SER A 55 -2.90 -2.16 -7.89
C SER A 55 -3.21 -2.28 -6.39
N ILE A 56 -4.48 -2.52 -6.04
CA ILE A 56 -4.88 -2.67 -4.63
C ILE A 56 -5.04 -4.16 -4.26
N GLN A 57 -4.79 -4.47 -2.99
CA GLN A 57 -4.97 -5.84 -2.49
C GLN A 57 -5.37 -5.82 -1.01
N LEU A 58 -6.36 -6.63 -0.64
CA LEU A 58 -6.72 -6.79 0.77
C LEU A 58 -6.08 -8.05 1.36
N MET A 59 -5.66 -7.98 2.61
CA MET A 59 -5.03 -9.11 3.28
C MET A 59 -6.10 -9.90 4.05
N MET A 60 -6.67 -10.91 3.39
CA MET A 60 -7.77 -11.69 3.96
C MET A 60 -7.36 -13.13 4.26
N ASP A 61 -8.28 -13.89 4.84
CA ASP A 61 -8.01 -15.28 5.18
C ASP A 61 -8.38 -16.23 4.03
N SER A 62 -7.59 -17.28 3.83
CA SER A 62 -7.81 -18.24 2.75
C SER A 62 -8.92 -19.26 3.10
N GLU A 63 -9.53 -19.10 4.28
CA GLU A 63 -10.56 -20.03 4.74
C GLU A 63 -11.96 -19.58 4.30
N THR A 64 -12.41 -18.45 4.84
CA THR A 64 -13.72 -17.88 4.51
C THR A 64 -13.61 -16.71 3.54
N GLY A 65 -12.38 -16.23 3.32
CA GLY A 65 -12.15 -15.13 2.39
C GLY A 65 -12.74 -13.81 2.85
N ARG A 66 -12.47 -13.43 4.10
CA ARG A 66 -13.04 -12.20 4.67
C ARG A 66 -11.98 -11.10 4.84
N SER A 67 -11.18 -11.20 5.91
CA SER A 67 -10.14 -10.20 6.19
C SER A 67 -9.36 -10.50 7.47
N LYS A 68 -8.05 -10.27 7.42
CA LYS A 68 -7.21 -10.29 8.62
C LYS A 68 -7.12 -8.89 9.25
N GLY A 69 -7.76 -7.92 8.60
CA GLY A 69 -7.74 -6.53 9.09
C GLY A 69 -6.65 -5.67 8.46
N TYR A 70 -6.07 -6.14 7.36
CA TYR A 70 -4.97 -5.41 6.70
C TYR A 70 -5.21 -5.28 5.19
N GLY A 71 -4.53 -4.33 4.55
CA GLY A 71 -4.63 -4.15 3.11
C GLY A 71 -3.34 -3.59 2.49
N PHE A 72 -2.91 -4.15 1.37
CA PHE A 72 -1.71 -3.70 0.66
C PHE A 72 -2.04 -2.93 -0.63
N ILE A 73 -1.72 -1.64 -0.67
CA ILE A 73 -1.99 -0.81 -1.85
C ILE A 73 -0.69 -0.41 -2.56
N THR A 74 -0.60 -0.73 -3.85
CA THR A 74 0.61 -0.46 -4.65
C THR A 74 0.47 0.80 -5.50
N PHE A 75 1.48 1.67 -5.44
CA PHE A 75 1.54 2.92 -6.24
C PHE A 75 2.73 2.90 -7.21
N SER A 76 2.60 3.60 -8.35
CA SER A 76 3.68 3.69 -9.33
C SER A 76 4.80 4.62 -8.83
N ASP A 77 4.40 5.66 -8.11
CA ASP A 77 5.37 6.63 -7.57
C ASP A 77 5.67 6.37 -6.09
N SER A 78 6.95 6.22 -5.78
CA SER A 78 7.39 6.04 -4.39
C SER A 78 7.01 7.24 -3.52
N GLU A 79 7.08 8.45 -4.10
CA GLU A 79 6.80 9.67 -3.36
C GLU A 79 5.30 9.82 -3.03
N CYS A 80 4.44 9.67 -4.05
CA CYS A 80 2.98 9.69 -3.83
C CYS A 80 2.56 8.67 -2.77
N ALA A 81 3.16 7.48 -2.82
CA ALA A 81 2.92 6.45 -1.82
C ALA A 81 3.36 6.92 -0.41
N LYS A 82 4.56 7.50 -0.33
CA LYS A 82 5.08 8.01 0.95
C LYS A 82 4.22 9.17 1.48
N LYS A 83 3.65 9.97 0.57
CA LYS A 83 2.75 11.06 0.97
C LYS A 83 1.44 10.51 1.54
N ALA A 84 0.83 9.55 0.83
CA ALA A 84 -0.37 8.87 1.33
C ALA A 84 -0.12 8.30 2.73
N LEU A 85 1.02 7.63 2.89
CA LEU A 85 1.46 7.14 4.20
C LEU A 85 1.59 8.29 5.20
N GLU A 86 2.36 9.30 4.83
CA GLU A 86 2.69 10.42 5.72
C GLU A 86 1.42 11.15 6.24
N GLN A 87 0.38 11.18 5.43
CA GLN A 87 -0.87 11.87 5.80
C GLN A 87 -1.87 10.92 6.49
N LEU A 88 -2.03 9.73 5.95
CA LEU A 88 -3.09 8.81 6.40
C LEU A 88 -2.68 7.98 7.63
N ASN A 89 -1.37 7.81 7.84
CA ASN A 89 -0.89 7.09 9.03
C ASN A 89 -1.31 7.83 10.31
N GLY A 90 -2.32 7.31 10.98
CA GLY A 90 -2.85 7.94 12.19
C GLY A 90 -4.24 8.54 11.99
N PHE A 91 -4.68 8.63 10.73
CA PHE A 91 -5.99 9.20 10.40
C PHE A 91 -7.15 8.34 10.94
N GLU A 92 -8.06 8.97 11.68
CA GLU A 92 -9.21 8.26 12.25
C GLU A 92 -10.39 8.24 11.28
N LEU A 93 -10.58 7.12 10.59
CA LEU A 93 -11.65 6.98 9.59
C LEU A 93 -12.98 6.55 10.23
N ALA A 94 -13.12 5.25 10.47
CA ALA A 94 -14.34 4.71 11.09
C ALA A 94 -14.25 4.74 12.61
N GLY A 95 -13.93 5.91 13.16
CA GLY A 95 -13.69 6.04 14.60
C GLY A 95 -12.49 5.24 15.07
N ARG A 96 -11.66 4.84 14.11
CA ARG A 96 -10.46 4.07 14.37
C ARG A 96 -9.28 4.60 13.54
N PRO A 97 -8.08 4.65 14.15
CA PRO A 97 -6.85 5.09 13.44
C PRO A 97 -6.50 4.22 12.23
N MET A 98 -5.96 4.84 11.19
CA MET A 98 -5.50 4.12 10.00
C MET A 98 -3.98 3.90 10.06
N LYS A 99 -3.55 2.66 10.28
CA LYS A 99 -2.13 2.34 10.41
C LYS A 99 -1.50 2.03 9.05
N VAL A 100 -0.93 3.06 8.41
CA VAL A 100 -0.28 2.90 7.10
C VAL A 100 1.25 2.94 7.22
N GLY A 101 1.88 1.77 7.07
CA GLY A 101 3.35 1.70 7.09
C GLY A 101 3.91 1.23 5.75
N HIS A 102 5.16 1.59 5.44
CA HIS A 102 5.77 1.17 4.16
C HIS A 102 6.29 -0.28 4.22
N VAL A 103 5.38 -1.21 4.54
CA VAL A 103 5.72 -2.64 4.71
C VAL A 103 6.95 -2.83 5.62
N THR A 104 6.70 -2.94 6.93
CA THR A 104 7.77 -3.15 7.91
C THR A 104 7.25 -3.95 9.10
N GLU A 105 7.32 -5.27 8.96
CA GLU A 105 6.79 -6.21 9.96
C GLU A 105 7.56 -7.52 9.92
N ARG A 106 8.68 -7.53 9.21
CA ARG A 106 9.36 -8.78 8.85
C ARG A 106 10.77 -8.49 8.27
N THR A 107 11.27 -7.28 8.51
CA THR A 107 12.55 -6.83 7.93
C THR A 107 13.69 -6.87 8.95
N ASP A 108 13.41 -6.44 10.18
CA ASP A 108 14.42 -6.43 11.24
C ASP A 108 13.80 -6.76 12.61
N MET A 1 37.59 7.69 -27.38
CA MET A 1 36.22 7.50 -26.82
C MET A 1 36.25 7.50 -25.28
N GLY A 2 35.74 8.57 -24.68
CA GLY A 2 35.72 8.68 -23.22
C GLY A 2 34.31 8.63 -22.65
N HIS A 3 34.16 8.88 -21.35
CA HIS A 3 32.84 8.87 -20.71
C HIS A 3 32.04 10.14 -21.05
N HIS A 4 31.54 10.21 -22.28
CA HIS A 4 30.77 11.38 -22.74
C HIS A 4 29.34 10.99 -23.15
N HIS A 5 28.47 10.85 -22.16
CA HIS A 5 27.03 10.65 -22.40
C HIS A 5 26.24 11.88 -21.91
N HIS A 6 26.97 12.84 -21.34
CA HIS A 6 26.41 14.13 -20.94
C HIS A 6 27.53 15.17 -20.74
N HIS A 7 27.36 16.36 -21.32
CA HIS A 7 28.39 17.42 -21.22
C HIS A 7 27.86 18.67 -20.50
N HIS A 8 26.70 18.54 -19.87
CA HIS A 8 26.14 19.58 -18.97
C HIS A 8 25.31 18.91 -17.87
N SER A 9 25.21 19.55 -16.72
CA SER A 9 24.42 19.02 -15.60
C SER A 9 23.96 20.11 -14.63
N HIS A 10 22.69 20.02 -14.21
CA HIS A 10 22.13 20.89 -13.17
C HIS A 10 21.36 20.06 -12.14
N MET A 11 21.65 18.76 -12.14
CA MET A 11 20.92 17.77 -11.33
C MET A 11 21.41 17.72 -9.87
N ALA A 12 21.91 18.85 -9.35
CA ALA A 12 22.45 18.92 -7.99
C ALA A 12 21.78 20.02 -7.15
N ALA A 13 20.57 20.43 -7.54
CA ALA A 13 19.83 21.44 -6.79
C ALA A 13 19.18 20.83 -5.53
N ALA A 14 18.48 19.71 -5.71
CA ALA A 14 17.83 19.02 -4.59
C ALA A 14 18.80 18.05 -3.89
N MET A 15 19.41 18.51 -2.80
CA MET A 15 20.36 17.68 -2.05
C MET A 15 19.63 16.78 -1.04
N ALA A 16 19.55 15.49 -1.34
CA ALA A 16 18.95 14.51 -0.43
C ALA A 16 19.82 13.25 -0.38
N ASN A 17 19.94 12.57 -1.53
CA ASN A 17 20.80 11.38 -1.67
C ASN A 17 20.34 10.16 -0.84
N ASN A 18 19.43 10.36 0.13
CA ASN A 18 18.85 9.26 0.89
C ASN A 18 18.19 8.24 -0.06
N LEU A 19 18.85 7.10 -0.26
CA LEU A 19 18.48 6.16 -1.32
C LEU A 19 18.61 6.83 -2.70
N GLN A 20 19.87 6.94 -3.15
CA GLN A 20 20.20 7.71 -4.36
C GLN A 20 19.67 7.04 -5.64
N LYS A 21 19.38 5.74 -5.57
CA LYS A 21 18.77 5.01 -6.69
C LYS A 21 17.40 4.48 -6.29
N GLY A 22 16.36 5.23 -6.60
CA GLY A 22 15.00 4.85 -6.24
C GLY A 22 14.02 6.01 -6.29
N SER A 23 13.02 5.98 -5.39
CA SER A 23 11.97 7.01 -5.31
C SER A 23 11.04 6.98 -6.54
N ALA A 24 11.58 7.28 -7.71
CA ALA A 24 10.81 7.26 -8.96
C ALA A 24 10.50 5.81 -9.39
N GLY A 25 9.61 5.15 -8.65
CA GLY A 25 9.25 3.77 -8.92
C GLY A 25 8.08 3.29 -8.08
N PRO A 26 7.51 2.10 -8.39
CA PRO A 26 6.31 1.58 -7.71
C PRO A 26 6.58 1.13 -6.27
N MET A 27 5.80 1.66 -5.33
CA MET A 27 5.98 1.35 -3.90
C MET A 27 4.66 0.87 -3.26
N ARG A 28 4.70 -0.30 -2.64
CA ARG A 28 3.52 -0.89 -1.99
C ARG A 28 3.55 -0.63 -0.46
N LEU A 29 2.38 -0.28 0.09
CA LEU A 29 2.27 0.14 1.49
C LEU A 29 1.40 -0.82 2.33
N TYR A 30 1.74 -0.97 3.60
CA TYR A 30 0.94 -1.77 4.54
C TYR A 30 -0.12 -0.89 5.25
N VAL A 31 -1.39 -1.18 5.01
CA VAL A 31 -2.50 -0.45 5.64
C VAL A 31 -3.25 -1.36 6.64
N GLY A 32 -2.93 -1.23 7.93
CA GLY A 32 -3.53 -2.08 8.95
C GLY A 32 -4.58 -1.36 9.81
N SER A 33 -5.86 -1.50 9.44
CA SER A 33 -6.97 -0.99 10.26
C SER A 33 -8.36 -1.40 9.70
N LEU A 34 -8.37 -2.30 8.71
CA LEU A 34 -9.61 -2.64 8.00
C LEU A 34 -10.58 -3.41 8.91
N HIS A 35 -11.49 -2.69 9.57
CA HIS A 35 -12.41 -3.31 10.54
C HIS A 35 -13.57 -4.09 9.86
N PHE A 36 -13.22 -5.21 9.22
CA PHE A 36 -14.21 -6.15 8.65
C PHE A 36 -15.22 -5.45 7.71
N ASN A 37 -14.75 -4.50 6.89
CA ASN A 37 -15.64 -3.83 5.91
C ASN A 37 -14.87 -2.94 4.92
N ILE A 38 -13.77 -2.34 5.36
CA ILE A 38 -13.00 -1.43 4.49
C ILE A 38 -12.40 -2.19 3.29
N THR A 39 -13.10 -2.14 2.16
CA THR A 39 -12.71 -2.85 0.94
C THR A 39 -11.86 -1.98 0.00
N GLU A 40 -11.48 -2.55 -1.15
CA GLU A 40 -10.68 -1.84 -2.16
C GLU A 40 -11.33 -0.50 -2.53
N ASP A 41 -12.65 -0.51 -2.64
CA ASP A 41 -13.43 0.69 -2.97
C ASP A 41 -13.13 1.84 -1.98
N MET A 42 -13.24 1.54 -0.69
CA MET A 42 -13.04 2.54 0.37
C MET A 42 -11.60 3.09 0.33
N LEU A 43 -10.64 2.17 0.36
CA LEU A 43 -9.23 2.51 0.31
C LEU A 43 -8.90 3.37 -0.91
N ARG A 44 -9.33 2.94 -2.09
CA ARG A 44 -9.08 3.67 -3.33
C ARG A 44 -9.62 5.11 -3.25
N GLY A 45 -10.88 5.25 -2.85
CA GLY A 45 -11.51 6.57 -2.75
C GLY A 45 -10.78 7.54 -1.83
N ILE A 46 -10.12 7.01 -0.80
CA ILE A 46 -9.36 7.84 0.15
C ILE A 46 -7.93 8.12 -0.34
N PHE A 47 -7.30 7.14 -0.97
CA PHE A 47 -5.88 7.24 -1.37
C PHE A 47 -5.67 7.96 -2.72
N GLU A 48 -6.62 7.82 -3.67
CA GLU A 48 -6.48 8.46 -4.98
C GLU A 48 -6.36 9.99 -4.92
N PRO A 49 -7.06 10.70 -4.00
CA PRO A 49 -6.85 12.15 -3.77
C PRO A 49 -5.36 12.54 -3.64
N PHE A 50 -4.49 11.56 -3.34
CA PHE A 50 -3.04 11.78 -3.30
C PHE A 50 -2.39 11.50 -4.68
N GLY A 51 -2.92 10.50 -5.39
CA GLY A 51 -2.38 10.13 -6.70
C GLY A 51 -3.24 9.08 -7.41
N ARG A 52 -2.64 7.94 -7.77
CA ARG A 52 -3.38 6.85 -8.41
C ARG A 52 -2.77 5.49 -8.05
N ILE A 53 -3.60 4.57 -7.58
CA ILE A 53 -3.14 3.25 -7.14
C ILE A 53 -3.08 2.24 -8.30
N GLU A 54 -2.02 1.43 -8.33
CA GLU A 54 -1.88 0.38 -9.33
C GLU A 54 -2.69 -0.87 -8.95
N SER A 55 -2.53 -1.31 -7.70
CA SER A 55 -3.22 -2.51 -7.20
C SER A 55 -3.52 -2.41 -5.70
N ILE A 56 -4.68 -2.93 -5.27
CA ILE A 56 -5.06 -2.94 -3.87
C ILE A 56 -5.29 -4.37 -3.37
N GLN A 57 -4.34 -4.90 -2.59
CA GLN A 57 -4.41 -6.29 -2.14
C GLN A 57 -4.86 -6.39 -0.67
N LEU A 58 -6.05 -6.93 -0.42
CA LEU A 58 -6.54 -7.11 0.96
C LEU A 58 -6.32 -8.54 1.43
N MET A 59 -5.91 -8.70 2.69
CA MET A 59 -5.62 -10.01 3.25
C MET A 59 -6.83 -10.58 3.98
N MET A 60 -7.55 -11.49 3.31
CA MET A 60 -8.74 -12.11 3.88
C MET A 60 -8.93 -13.54 3.35
N ASP A 61 -8.78 -14.51 4.25
CA ASP A 61 -8.97 -15.92 3.88
C ASP A 61 -10.47 -16.29 3.85
N SER A 62 -11.13 -15.88 2.76
CA SER A 62 -12.59 -15.94 2.62
C SER A 62 -13.19 -17.30 3.03
N GLU A 63 -12.43 -18.37 2.89
CA GLU A 63 -12.91 -19.71 3.28
C GLU A 63 -13.34 -19.75 4.76
N THR A 64 -12.52 -19.20 5.64
CA THR A 64 -12.78 -19.25 7.09
C THR A 64 -11.88 -18.31 7.91
N GLY A 65 -10.72 -17.94 7.36
CA GLY A 65 -9.82 -17.04 8.06
C GLY A 65 -10.34 -15.62 8.08
N ARG A 66 -11.10 -15.27 7.04
CA ARG A 66 -11.83 -14.00 6.96
C ARG A 66 -10.88 -12.79 6.94
N SER A 67 -11.45 -11.59 7.06
CA SER A 67 -10.66 -10.34 7.06
C SER A 67 -9.60 -10.33 8.18
N LYS A 68 -8.32 -10.33 7.78
CA LYS A 68 -7.21 -10.26 8.73
C LYS A 68 -7.01 -8.83 9.26
N GLY A 69 -7.70 -7.86 8.65
CA GLY A 69 -7.70 -6.49 9.17
C GLY A 69 -6.69 -5.55 8.51
N TYR A 70 -5.94 -6.03 7.51
CA TYR A 70 -4.95 -5.19 6.83
C TYR A 70 -4.86 -5.46 5.32
N GLY A 71 -4.53 -4.42 4.56
CA GLY A 71 -4.38 -4.54 3.12
C GLY A 71 -3.18 -3.76 2.58
N PHE A 72 -2.56 -4.29 1.53
CA PHE A 72 -1.39 -3.65 0.92
C PHE A 72 -1.78 -2.87 -0.35
N ILE A 73 -1.48 -1.56 -0.35
CA ILE A 73 -1.83 -0.69 -1.49
C ILE A 73 -0.58 -0.23 -2.26
N THR A 74 -0.56 -0.48 -3.57
CA THR A 74 0.62 -0.18 -4.40
C THR A 74 0.46 1.12 -5.21
N PHE A 75 1.37 2.07 -4.97
CA PHE A 75 1.43 3.31 -5.76
C PHE A 75 2.53 3.24 -6.83
N SER A 76 2.34 3.98 -7.93
CA SER A 76 3.29 3.96 -9.05
C SER A 76 4.58 4.75 -8.74
N ASP A 77 4.52 5.55 -7.68
CA ASP A 77 5.67 6.38 -7.27
C ASP A 77 5.88 6.34 -5.75
N SER A 78 7.14 6.25 -5.33
CA SER A 78 7.48 6.16 -3.89
C SER A 78 7.21 7.46 -3.14
N GLU A 79 7.26 8.60 -3.83
CA GLU A 79 7.01 9.88 -3.18
C GLU A 79 5.50 10.13 -3.03
N CYS A 80 4.73 9.79 -4.07
CA CYS A 80 3.27 9.77 -3.98
C CYS A 80 2.82 8.76 -2.93
N ALA A 81 3.49 7.61 -2.88
CA ALA A 81 3.25 6.60 -1.86
C ALA A 81 3.50 7.16 -0.45
N LYS A 82 4.65 7.82 -0.26
CA LYS A 82 4.98 8.43 1.04
C LYS A 82 4.06 9.62 1.33
N LYS A 83 3.51 10.25 0.29
CA LYS A 83 2.55 11.33 0.46
C LYS A 83 1.28 10.80 1.15
N ALA A 84 0.69 9.77 0.55
CA ALA A 84 -0.46 9.09 1.15
C ALA A 84 -0.10 8.49 2.51
N LEU A 85 0.98 7.71 2.52
CA LEU A 85 1.50 7.06 3.74
C LEU A 85 1.62 8.07 4.90
N GLU A 86 2.49 9.05 4.72
CA GLU A 86 2.85 10.00 5.78
C GLU A 86 1.68 10.91 6.21
N GLN A 87 0.67 11.08 5.35
CA GLN A 87 -0.51 11.86 5.73
C GLN A 87 -1.66 10.98 6.26
N LEU A 88 -1.59 9.67 6.06
CA LEU A 88 -2.67 8.76 6.47
C LEU A 88 -2.30 7.85 7.65
N ASN A 89 -1.01 7.74 7.99
CA ASN A 89 -0.61 6.93 9.15
C ASN A 89 -1.05 7.60 10.46
N GLY A 90 -2.18 7.16 10.98
CA GLY A 90 -2.78 7.78 12.16
C GLY A 90 -4.13 8.42 11.85
N PHE A 91 -4.52 8.37 10.58
CA PHE A 91 -5.82 8.92 10.12
C PHE A 91 -6.99 8.15 10.74
N GLU A 92 -7.91 8.87 11.37
CA GLU A 92 -9.08 8.25 11.99
C GLU A 92 -10.12 7.85 10.94
N LEU A 93 -10.08 6.59 10.53
CA LEU A 93 -11.02 6.04 9.55
C LEU A 93 -12.17 5.28 10.23
N ALA A 94 -13.41 5.74 9.99
CA ALA A 94 -14.61 5.10 10.56
C ALA A 94 -14.57 5.07 12.10
N GLY A 95 -13.75 5.93 12.68
CA GLY A 95 -13.61 6.00 14.14
C GLY A 95 -12.42 5.19 14.67
N ARG A 96 -11.58 4.69 13.75
CA ARG A 96 -10.40 3.89 14.13
C ARG A 96 -9.15 4.41 13.41
N PRO A 97 -8.03 4.61 14.15
CA PRO A 97 -6.75 5.05 13.53
C PRO A 97 -6.23 4.07 12.46
N MET A 98 -5.82 4.60 11.31
CA MET A 98 -5.36 3.78 10.19
C MET A 98 -3.82 3.72 10.13
N LYS A 99 -3.28 2.53 10.30
CA LYS A 99 -1.82 2.34 10.37
C LYS A 99 -1.21 2.08 8.97
N VAL A 100 -0.56 3.10 8.40
CA VAL A 100 0.06 2.99 7.07
C VAL A 100 1.59 3.10 7.16
N GLY A 101 2.33 2.01 6.87
CA GLY A 101 3.79 2.08 6.92
C GLY A 101 4.51 1.11 5.97
N HIS A 102 4.58 1.47 4.67
CA HIS A 102 5.34 0.71 3.64
C HIS A 102 5.25 -0.83 3.79
N VAL A 103 6.16 -1.56 3.17
CA VAL A 103 6.28 -3.01 3.42
C VAL A 103 7.07 -3.23 4.72
N THR A 104 6.41 -3.80 5.71
CA THR A 104 6.91 -3.83 7.10
C THR A 104 8.37 -4.32 7.26
N GLU A 105 8.55 -5.63 7.39
CA GLU A 105 9.83 -6.18 7.83
C GLU A 105 10.90 -6.23 6.72
N ARG A 106 12.17 -6.24 7.14
CA ARG A 106 13.32 -6.25 6.21
C ARG A 106 14.41 -7.22 6.72
N THR A 107 15.61 -7.13 6.16
CA THR A 107 16.74 -7.97 6.61
C THR A 107 17.34 -7.44 7.92
N ASP A 108 16.79 -7.88 9.05
CA ASP A 108 17.30 -7.55 10.39
C ASP A 108 17.41 -6.02 10.64
N MET A 1 36.24 -20.45 -4.47
CA MET A 1 35.26 -19.63 -5.23
C MET A 1 34.68 -18.51 -4.36
N GLY A 2 33.91 -17.62 -4.97
CA GLY A 2 33.17 -16.61 -4.20
C GLY A 2 32.02 -17.23 -3.43
N HIS A 3 32.33 -17.82 -2.27
CA HIS A 3 31.33 -18.52 -1.46
C HIS A 3 30.21 -17.59 -0.95
N HIS A 4 29.16 -17.41 -1.75
CA HIS A 4 27.99 -16.61 -1.36
C HIS A 4 26.89 -17.52 -0.79
N HIS A 5 26.41 -18.47 -1.60
CA HIS A 5 25.41 -19.46 -1.17
C HIS A 5 24.04 -18.84 -0.80
N HIS A 6 23.98 -17.51 -0.63
CA HIS A 6 22.78 -16.84 -0.11
C HIS A 6 21.75 -16.58 -1.23
N HIS A 7 21.24 -17.66 -1.82
CA HIS A 7 20.22 -17.57 -2.88
C HIS A 7 18.82 -17.86 -2.32
N HIS A 8 17.89 -16.92 -2.49
CA HIS A 8 16.53 -17.09 -1.98
C HIS A 8 15.67 -17.93 -2.94
N SER A 9 15.65 -19.24 -2.72
CA SER A 9 14.84 -20.15 -3.55
C SER A 9 13.34 -19.90 -3.36
N HIS A 10 12.81 -18.96 -4.13
CA HIS A 10 11.40 -18.59 -4.09
C HIS A 10 10.96 -17.98 -5.43
N MET A 11 9.67 -18.13 -5.77
CA MET A 11 9.13 -17.63 -7.06
C MET A 11 9.51 -16.17 -7.32
N ALA A 12 9.53 -15.36 -6.26
CA ALA A 12 9.94 -13.95 -6.36
C ALA A 12 11.47 -13.83 -6.50
N ALA A 13 11.97 -13.98 -7.73
CA ALA A 13 13.40 -13.82 -8.00
C ALA A 13 13.64 -12.84 -9.17
N ALA A 14 13.60 -11.54 -8.85
CA ALA A 14 13.75 -10.47 -9.84
C ALA A 14 13.72 -9.09 -9.19
N MET A 15 12.88 -8.95 -8.15
CA MET A 15 12.72 -7.68 -7.41
C MET A 15 12.07 -6.59 -8.27
N ALA A 16 12.83 -6.05 -9.23
CA ALA A 16 12.35 -4.98 -10.11
C ALA A 16 11.84 -5.54 -11.45
N ASN A 17 11.10 -6.65 -11.38
CA ASN A 17 10.59 -7.35 -12.58
C ASN A 17 11.74 -7.81 -13.49
N ASN A 18 11.40 -8.28 -14.69
CA ASN A 18 12.39 -8.82 -15.62
C ASN A 18 12.71 -7.83 -16.77
N LEU A 19 11.77 -6.96 -17.12
CA LEU A 19 11.98 -5.99 -18.21
C LEU A 19 11.57 -4.56 -17.83
N GLN A 20 11.31 -4.32 -16.56
CA GLN A 20 10.94 -2.97 -16.09
C GLN A 20 12.18 -2.05 -16.01
N LYS A 21 12.17 -0.98 -16.81
CA LYS A 21 13.28 -0.02 -16.82
C LYS A 21 13.10 1.06 -15.75
N GLY A 22 14.06 1.16 -14.83
CA GLY A 22 14.00 2.15 -13.77
C GLY A 22 14.71 1.71 -12.49
N SER A 23 14.87 2.64 -11.55
CA SER A 23 15.52 2.35 -10.26
C SER A 23 14.52 2.37 -9.10
N ALA A 24 13.41 3.08 -9.30
CA ALA A 24 12.36 3.17 -8.28
C ALA A 24 11.03 3.67 -8.88
N GLY A 25 9.94 3.00 -8.55
CA GLY A 25 8.63 3.38 -9.05
C GLY A 25 7.48 2.77 -8.26
N PRO A 26 7.16 1.47 -8.49
CA PRO A 26 6.06 0.79 -7.78
C PRO A 26 6.31 0.67 -6.26
N MET A 27 5.67 1.54 -5.50
CA MET A 27 5.82 1.57 -4.03
C MET A 27 4.64 0.86 -3.35
N ARG A 28 4.89 0.14 -2.26
CA ARG A 28 3.86 -0.66 -1.59
C ARG A 28 3.62 -0.20 -0.14
N LEU A 29 2.40 0.28 0.12
CA LEU A 29 2.02 0.72 1.48
C LEU A 29 1.21 -0.35 2.22
N TYR A 30 1.63 -0.69 3.43
CA TYR A 30 0.91 -1.62 4.29
C TYR A 30 -0.09 -0.88 5.20
N VAL A 31 -1.38 -1.14 4.99
CA VAL A 31 -2.45 -0.53 5.77
C VAL A 31 -3.09 -1.55 6.75
N GLY A 32 -2.80 -1.41 8.04
CA GLY A 32 -3.34 -2.33 9.04
C GLY A 32 -4.37 -1.69 9.97
N SER A 33 -5.64 -1.74 9.58
CA SER A 33 -6.75 -1.24 10.42
C SER A 33 -8.13 -1.53 9.79
N LEU A 34 -8.18 -2.45 8.83
CA LEU A 34 -9.40 -2.71 8.08
C LEU A 34 -10.35 -3.65 8.83
N HIS A 35 -11.12 -3.12 9.77
CA HIS A 35 -11.97 -3.96 10.63
C HIS A 35 -13.27 -4.41 9.90
N PHE A 36 -13.10 -5.38 8.99
CA PHE A 36 -14.20 -6.02 8.22
C PHE A 36 -15.33 -5.08 7.77
N ASN A 37 -15.02 -3.80 7.57
CA ASN A 37 -16.00 -2.82 7.03
C ASN A 37 -15.33 -1.86 6.05
N ILE A 38 -14.07 -2.13 5.70
CA ILE A 38 -13.30 -1.25 4.80
C ILE A 38 -12.90 -2.01 3.51
N THR A 39 -13.28 -1.46 2.36
CA THR A 39 -13.04 -2.12 1.06
C THR A 39 -11.90 -1.46 0.27
N GLU A 40 -11.57 -2.06 -0.88
CA GLU A 40 -10.55 -1.50 -1.79
C GLU A 40 -10.88 -0.06 -2.17
N ASP A 41 -12.12 0.18 -2.59
CA ASP A 41 -12.52 1.49 -3.11
C ASP A 41 -12.66 2.54 -2.00
N MET A 42 -12.79 2.10 -0.75
CA MET A 42 -12.77 3.02 0.39
C MET A 42 -11.34 3.58 0.57
N LEU A 43 -10.39 2.67 0.70
CA LEU A 43 -8.97 3.03 0.78
C LEU A 43 -8.53 3.80 -0.47
N ARG A 44 -8.74 3.18 -1.63
CA ARG A 44 -8.42 3.80 -2.93
C ARG A 44 -9.09 5.17 -3.08
N GLY A 45 -10.29 5.31 -2.52
CA GLY A 45 -10.99 6.59 -2.56
C GLY A 45 -10.28 7.68 -1.77
N ILE A 46 -9.64 7.31 -0.65
CA ILE A 46 -8.89 8.26 0.16
C ILE A 46 -7.42 8.42 -0.33
N PHE A 47 -6.82 7.31 -0.77
CA PHE A 47 -5.40 7.27 -1.13
C PHE A 47 -5.11 7.83 -2.54
N GLU A 48 -5.92 7.46 -3.54
CA GLU A 48 -5.62 7.83 -4.93
C GLU A 48 -5.67 9.35 -5.21
N PRO A 49 -6.52 10.14 -4.51
CA PRO A 49 -6.45 11.62 -4.57
C PRO A 49 -5.03 12.18 -4.36
N PHE A 50 -4.16 11.40 -3.72
CA PHE A 50 -2.75 11.79 -3.53
C PHE A 50 -1.93 11.60 -4.82
N GLY A 51 -2.39 10.70 -5.70
CA GLY A 51 -1.74 10.52 -6.99
C GLY A 51 -2.43 9.50 -7.88
N ARG A 52 -1.90 8.28 -7.92
CA ARG A 52 -2.43 7.22 -8.79
C ARG A 52 -2.02 5.82 -8.29
N ILE A 53 -3.01 4.93 -8.19
CA ILE A 53 -2.79 3.59 -7.62
C ILE A 53 -2.92 2.49 -8.70
N GLU A 54 -2.05 1.48 -8.61
CA GLU A 54 -2.05 0.37 -9.58
C GLU A 54 -2.96 -0.78 -9.12
N SER A 55 -2.63 -1.39 -7.98
CA SER A 55 -3.40 -2.54 -7.47
C SER A 55 -3.45 -2.55 -5.94
N ILE A 56 -4.56 -3.04 -5.39
CA ILE A 56 -4.74 -3.16 -3.94
C ILE A 56 -5.05 -4.61 -3.54
N GLN A 57 -4.26 -5.15 -2.62
CA GLN A 57 -4.46 -6.51 -2.15
C GLN A 57 -4.98 -6.53 -0.71
N LEU A 58 -6.18 -7.06 -0.51
CA LEU A 58 -6.79 -7.16 0.83
C LEU A 58 -6.58 -8.56 1.42
N MET A 59 -6.22 -8.61 2.70
CA MET A 59 -5.91 -9.90 3.35
C MET A 59 -7.13 -10.50 4.04
N MET A 60 -7.48 -11.70 3.61
CA MET A 60 -8.63 -12.43 4.14
C MET A 60 -8.20 -13.78 4.73
N ASP A 61 -9.16 -14.50 5.29
CA ASP A 61 -8.92 -15.81 5.90
C ASP A 61 -8.91 -16.92 4.84
N SER A 62 -7.96 -17.85 4.94
CA SER A 62 -7.76 -18.89 3.93
C SER A 62 -8.60 -20.15 4.18
N GLU A 63 -9.34 -20.17 5.28
CA GLU A 63 -10.15 -21.34 5.65
C GLU A 63 -11.64 -21.12 5.31
N THR A 64 -12.31 -20.32 6.14
CA THR A 64 -13.75 -20.06 5.97
C THR A 64 -14.02 -18.79 5.13
N GLY A 65 -12.98 -17.96 4.96
CA GLY A 65 -13.08 -16.82 4.06
C GLY A 65 -13.46 -15.50 4.75
N ARG A 66 -13.15 -15.38 6.04
CA ARG A 66 -13.39 -14.13 6.79
C ARG A 66 -12.35 -13.06 6.44
N SER A 67 -12.26 -11.99 7.23
CA SER A 67 -11.27 -10.93 7.01
C SER A 67 -10.13 -11.00 8.03
N LYS A 68 -8.95 -10.53 7.66
CA LYS A 68 -7.80 -10.46 8.57
C LYS A 68 -7.67 -9.06 9.22
N GLY A 69 -7.95 -8.01 8.44
CA GLY A 69 -7.93 -6.65 8.98
C GLY A 69 -6.80 -5.78 8.47
N TYR A 70 -6.10 -6.21 7.42
CA TYR A 70 -5.02 -5.41 6.83
C TYR A 70 -4.87 -5.67 5.33
N GLY A 71 -4.30 -4.70 4.61
CA GLY A 71 -4.12 -4.83 3.16
C GLY A 71 -2.91 -4.06 2.65
N PHE A 72 -2.43 -4.42 1.45
CA PHE A 72 -1.28 -3.77 0.83
C PHE A 72 -1.70 -2.98 -0.44
N ILE A 73 -1.44 -1.68 -0.46
CA ILE A 73 -1.77 -0.83 -1.61
C ILE A 73 -0.51 -0.49 -2.42
N THR A 74 -0.60 -0.61 -3.74
CA THR A 74 0.56 -0.37 -4.62
C THR A 74 0.40 0.92 -5.46
N PHE A 75 1.30 1.87 -5.26
CA PHE A 75 1.33 3.11 -6.06
C PHE A 75 2.40 3.03 -7.17
N SER A 76 2.15 3.74 -8.27
CA SER A 76 3.10 3.77 -9.39
C SER A 76 4.23 4.80 -9.15
N ASP A 77 4.21 5.46 -7.99
CA ASP A 77 5.22 6.45 -7.65
C ASP A 77 5.58 6.38 -6.14
N SER A 78 6.88 6.43 -5.85
CA SER A 78 7.39 6.34 -4.47
C SER A 78 6.95 7.54 -3.61
N GLU A 79 7.13 8.76 -4.13
CA GLU A 79 6.83 9.96 -3.35
C GLU A 79 5.32 10.16 -3.18
N CYS A 80 4.55 9.79 -4.20
CA CYS A 80 3.08 9.79 -4.11
C CYS A 80 2.60 8.86 -2.98
N ALA A 81 3.19 7.67 -2.90
CA ALA A 81 2.88 6.72 -1.84
C ALA A 81 3.30 7.25 -0.46
N LYS A 82 4.53 7.75 -0.37
CA LYS A 82 5.05 8.30 0.89
C LYS A 82 4.21 9.48 1.38
N LYS A 83 3.68 10.27 0.44
CA LYS A 83 2.79 11.39 0.76
C LYS A 83 1.46 10.88 1.36
N ALA A 84 0.85 9.91 0.68
CA ALA A 84 -0.39 9.29 1.19
C ALA A 84 -0.17 8.66 2.56
N LEU A 85 0.95 7.96 2.72
CA LEU A 85 1.33 7.35 4.01
C LEU A 85 1.40 8.42 5.12
N GLU A 86 2.27 9.41 4.92
CA GLU A 86 2.54 10.42 5.94
C GLU A 86 1.30 11.24 6.32
N GLN A 87 0.33 11.34 5.41
CA GLN A 87 -0.90 12.11 5.67
C GLN A 87 -1.99 11.25 6.32
N LEU A 88 -2.01 9.95 5.98
CA LEU A 88 -3.07 9.05 6.47
C LEU A 88 -2.59 8.15 7.61
N ASN A 89 -1.30 8.20 7.92
CA ASN A 89 -0.74 7.45 9.05
C ASN A 89 -1.30 7.98 10.39
N GLY A 90 -2.39 7.39 10.86
CA GLY A 90 -3.06 7.85 12.07
C GLY A 90 -4.47 8.39 11.79
N PHE A 91 -4.92 8.29 10.54
CA PHE A 91 -6.25 8.74 10.14
C PHE A 91 -7.36 7.92 10.82
N GLU A 92 -8.40 8.59 11.32
CA GLU A 92 -9.52 7.90 11.97
C GLU A 92 -10.37 7.12 10.95
N LEU A 93 -9.90 5.94 10.56
CA LEU A 93 -10.58 5.11 9.56
C LEU A 93 -11.70 4.26 10.20
N ALA A 94 -12.94 4.50 9.77
CA ALA A 94 -14.08 3.71 10.24
C ALA A 94 -14.25 3.76 11.77
N GLY A 95 -13.77 4.84 12.36
CA GLY A 95 -13.87 5.02 13.81
C GLY A 95 -12.65 4.51 14.58
N ARG A 96 -11.58 4.19 13.86
CA ARG A 96 -10.33 3.70 14.46
C ARG A 96 -9.11 4.19 13.67
N PRO A 97 -8.01 4.58 14.37
CA PRO A 97 -6.79 5.08 13.71
C PRO A 97 -6.22 4.09 12.68
N MET A 98 -5.81 4.61 11.53
CA MET A 98 -5.32 3.77 10.42
C MET A 98 -3.79 3.73 10.39
N LYS A 99 -3.24 2.52 10.56
CA LYS A 99 -1.79 2.32 10.57
C LYS A 99 -1.25 2.07 9.16
N VAL A 100 -0.75 3.14 8.52
CA VAL A 100 -0.19 3.04 7.18
C VAL A 100 1.35 3.10 7.21
N GLY A 101 2.00 1.97 6.99
CA GLY A 101 3.46 1.93 7.01
C GLY A 101 4.03 1.17 5.82
N HIS A 102 5.25 1.53 5.39
CA HIS A 102 5.90 0.81 4.28
C HIS A 102 6.31 -0.61 4.70
N VAL A 103 6.78 -1.41 3.76
CA VAL A 103 7.22 -2.77 4.05
C VAL A 103 8.42 -2.76 5.00
N THR A 104 8.41 -3.65 5.99
CA THR A 104 9.43 -3.64 7.06
C THR A 104 10.85 -4.02 6.58
N GLU A 105 11.01 -4.31 5.29
CA GLU A 105 12.34 -4.63 4.74
C GLU A 105 13.21 -3.37 4.64
N ARG A 106 14.23 -3.30 5.49
CA ARG A 106 15.14 -2.14 5.53
C ARG A 106 16.61 -2.58 5.63
N THR A 107 17.46 -2.02 4.78
CA THR A 107 18.91 -2.25 4.88
C THR A 107 19.66 -0.91 5.03
N ASP A 108 19.83 -0.48 6.28
CA ASP A 108 20.50 0.80 6.58
C ASP A 108 21.89 0.55 7.19
N MET A 1 21.84 7.77 16.46
CA MET A 1 20.49 7.70 17.11
C MET A 1 20.56 8.09 18.61
N GLY A 2 21.77 8.11 19.16
CA GLY A 2 21.95 8.38 20.59
C GLY A 2 21.80 9.86 20.95
N HIS A 3 20.56 10.35 20.94
CA HIS A 3 20.25 11.73 21.36
C HIS A 3 18.82 11.82 21.92
N HIS A 4 18.39 13.02 22.27
CA HIS A 4 17.07 13.23 22.88
C HIS A 4 15.92 13.15 21.85
N HIS A 5 15.64 11.93 21.38
CA HIS A 5 14.47 11.64 20.53
C HIS A 5 14.44 12.45 19.22
N HIS A 6 14.01 13.71 19.29
CA HIS A 6 13.86 14.55 18.10
C HIS A 6 15.22 14.94 17.50
N HIS A 7 15.72 14.09 16.62
CA HIS A 7 17.01 14.32 15.95
C HIS A 7 16.91 15.43 14.90
N HIS A 8 17.33 16.63 15.26
CA HIS A 8 17.38 17.76 14.32
C HIS A 8 18.71 17.76 13.54
N SER A 9 18.62 17.54 12.23
CA SER A 9 19.82 17.46 11.38
C SER A 9 20.36 18.86 11.01
N HIS A 10 21.40 18.89 10.19
CA HIS A 10 22.04 20.16 9.81
C HIS A 10 22.59 20.10 8.38
N MET A 11 22.99 21.26 7.86
CA MET A 11 23.58 21.35 6.51
C MET A 11 24.86 20.51 6.43
N ALA A 12 24.94 19.63 5.44
CA ALA A 12 26.07 18.70 5.31
C ALA A 12 26.81 18.87 3.98
N ALA A 13 26.71 20.06 3.39
CA ALA A 13 27.33 20.37 2.08
C ALA A 13 26.73 19.51 0.96
N ALA A 14 25.40 19.54 0.85
CA ALA A 14 24.64 18.78 -0.16
C ALA A 14 24.70 17.27 0.07
N MET A 15 23.54 16.67 0.36
CA MET A 15 23.44 15.23 0.63
C MET A 15 23.50 14.41 -0.68
N ALA A 16 24.13 13.23 -0.61
CA ALA A 16 24.26 12.36 -1.77
C ALA A 16 23.08 11.39 -1.88
N ASN A 17 22.19 11.65 -2.83
CA ASN A 17 21.05 10.75 -3.10
C ASN A 17 21.47 9.63 -4.08
N ASN A 18 20.71 8.53 -4.06
CA ASN A 18 20.97 7.38 -4.93
C ASN A 18 22.41 6.85 -4.74
N LEU A 19 22.72 6.46 -3.52
CA LEU A 19 24.05 5.93 -3.18
C LEU A 19 24.14 4.43 -3.50
N GLN A 20 23.02 3.74 -3.33
CA GLN A 20 22.93 2.31 -3.65
C GLN A 20 22.25 2.08 -5.02
N LYS A 21 21.75 0.87 -5.26
CA LYS A 21 21.04 0.56 -6.50
C LYS A 21 19.68 1.28 -6.57
N GLY A 22 19.61 2.36 -7.35
CA GLY A 22 18.36 3.10 -7.52
C GLY A 22 17.22 2.24 -8.05
N SER A 23 16.46 1.66 -7.13
CA SER A 23 15.34 0.76 -7.50
C SER A 23 14.12 1.00 -6.61
N ALA A 24 13.06 1.58 -7.19
CA ALA A 24 11.82 1.85 -6.45
C ALA A 24 10.61 1.91 -7.42
N GLY A 25 10.49 3.02 -8.15
CA GLY A 25 9.38 3.22 -9.08
C GLY A 25 8.02 3.18 -8.39
N PRO A 26 7.17 2.18 -8.68
CA PRO A 26 5.87 2.02 -8.03
C PRO A 26 6.02 1.55 -6.58
N MET A 27 5.39 2.27 -5.64
CA MET A 27 5.59 2.02 -4.21
C MET A 27 4.41 1.27 -3.59
N ARG A 28 4.71 0.21 -2.84
CA ARG A 28 3.67 -0.58 -2.15
C ARG A 28 3.61 -0.23 -0.66
N LEU A 29 2.46 0.28 -0.21
CA LEU A 29 2.28 0.66 1.20
C LEU A 29 1.47 -0.39 1.97
N TYR A 30 1.73 -0.50 3.26
CA TYR A 30 1.01 -1.41 4.15
C TYR A 30 0.02 -0.67 5.05
N VAL A 31 -1.21 -1.16 5.12
CA VAL A 31 -2.25 -0.58 5.98
C VAL A 31 -2.86 -1.67 6.90
N GLY A 32 -2.51 -1.65 8.19
CA GLY A 32 -2.97 -2.69 9.10
C GLY A 32 -3.70 -2.13 10.34
N SER A 33 -5.01 -1.95 10.21
CA SER A 33 -5.84 -1.47 11.33
C SER A 33 -7.34 -1.44 10.95
N LEU A 34 -7.71 -2.25 9.97
CA LEU A 34 -9.09 -2.27 9.44
C LEU A 34 -10.00 -3.17 10.31
N HIS A 35 -11.33 -3.07 10.11
CA HIS A 35 -12.26 -3.89 10.91
C HIS A 35 -13.47 -4.41 10.09
N PHE A 36 -13.24 -5.48 9.32
CA PHE A 36 -14.30 -6.26 8.64
C PHE A 36 -15.30 -5.41 7.80
N ASN A 37 -15.03 -4.12 7.62
CA ASN A 37 -15.94 -3.26 6.85
C ASN A 37 -15.16 -2.23 6.03
N ILE A 38 -14.20 -2.72 5.25
CA ILE A 38 -13.34 -1.87 4.41
C ILE A 38 -13.24 -2.43 2.98
N THR A 39 -13.58 -1.62 1.98
CA THR A 39 -13.53 -2.07 0.58
C THR A 39 -12.36 -1.41 -0.19
N GLU A 40 -11.95 -2.04 -1.30
CA GLU A 40 -10.95 -1.45 -2.21
C GLU A 40 -11.42 -0.05 -2.66
N ASP A 41 -12.73 0.12 -2.77
CA ASP A 41 -13.33 1.39 -3.17
C ASP A 41 -13.01 2.51 -2.18
N MET A 42 -13.10 2.18 -0.88
CA MET A 42 -12.81 3.15 0.20
C MET A 42 -11.34 3.59 0.15
N LEU A 43 -10.46 2.59 0.20
CA LEU A 43 -9.02 2.82 0.16
C LEU A 43 -8.61 3.60 -1.11
N ARG A 44 -9.00 3.06 -2.26
CA ARG A 44 -8.66 3.67 -3.56
C ARG A 44 -9.07 5.15 -3.61
N GLY A 45 -10.31 5.44 -3.20
CA GLY A 45 -10.82 6.82 -3.20
C GLY A 45 -10.03 7.76 -2.28
N ILE A 46 -9.47 7.23 -1.19
CA ILE A 46 -8.68 8.03 -0.26
C ILE A 46 -7.21 8.20 -0.72
N PHE A 47 -6.63 7.13 -1.26
CA PHE A 47 -5.21 7.11 -1.63
C PHE A 47 -4.92 7.67 -3.05
N GLU A 48 -5.86 7.53 -3.99
CA GLU A 48 -5.65 8.03 -5.37
C GLU A 48 -5.31 9.53 -5.42
N PRO A 49 -5.97 10.41 -4.61
CA PRO A 49 -5.58 11.82 -4.48
C PRO A 49 -4.05 12.02 -4.42
N PHE A 50 -3.36 11.13 -3.72
CA PHE A 50 -1.89 11.14 -3.65
C PHE A 50 -1.29 10.57 -4.95
N GLY A 51 -1.66 9.33 -5.27
CA GLY A 51 -1.09 8.64 -6.41
C GLY A 51 -1.99 7.52 -6.90
N ARG A 52 -2.17 7.45 -8.21
CA ARG A 52 -3.06 6.44 -8.84
C ARG A 52 -2.66 5.01 -8.43
N ILE A 53 -3.60 4.27 -7.84
CA ILE A 53 -3.35 2.89 -7.40
C ILE A 53 -3.44 1.90 -8.57
N GLU A 54 -2.47 0.98 -8.63
CA GLU A 54 -2.46 -0.07 -9.65
C GLU A 54 -3.26 -1.30 -9.19
N SER A 55 -2.97 -1.78 -7.98
CA SER A 55 -3.66 -2.96 -7.42
C SER A 55 -3.71 -2.91 -5.88
N ILE A 56 -4.85 -3.32 -5.32
CA ILE A 56 -5.04 -3.39 -3.86
C ILE A 56 -5.28 -4.84 -3.40
N GLN A 57 -4.70 -5.21 -2.26
CA GLN A 57 -4.85 -6.57 -1.72
C GLN A 57 -5.10 -6.56 -0.20
N LEU A 58 -6.31 -6.92 0.21
CA LEU A 58 -6.65 -7.05 1.63
C LEU A 58 -6.59 -8.52 2.07
N MET A 59 -6.27 -8.77 3.33
CA MET A 59 -6.14 -10.13 3.84
C MET A 59 -7.43 -10.65 4.49
N MET A 60 -7.92 -11.75 3.95
CA MET A 60 -9.17 -12.38 4.41
C MET A 60 -9.16 -13.90 4.14
N ASP A 61 -9.77 -14.66 5.04
CA ASP A 61 -9.91 -16.11 4.86
C ASP A 61 -11.39 -16.52 4.74
N SER A 62 -11.76 -17.10 3.60
CA SER A 62 -13.15 -17.43 3.31
C SER A 62 -13.66 -18.65 4.11
N GLU A 63 -12.75 -19.43 4.68
CA GLU A 63 -13.15 -20.61 5.48
C GLU A 63 -13.73 -20.17 6.83
N THR A 64 -12.86 -19.65 7.70
CA THR A 64 -13.29 -19.16 9.02
C THR A 64 -12.27 -18.19 9.63
N GLY A 65 -11.38 -17.67 8.80
CA GLY A 65 -10.42 -16.68 9.26
C GLY A 65 -10.98 -15.27 9.10
N ARG A 66 -11.81 -15.09 8.07
CA ARG A 66 -12.51 -13.83 7.81
C ARG A 66 -11.52 -12.68 7.55
N SER A 67 -12.01 -11.45 7.51
CA SER A 67 -11.15 -10.29 7.25
C SER A 67 -10.19 -10.02 8.42
N LYS A 68 -8.91 -10.36 8.22
CA LYS A 68 -7.88 -10.19 9.27
C LYS A 68 -7.71 -8.72 9.69
N GLY A 69 -7.77 -7.80 8.73
CA GLY A 69 -7.73 -6.38 9.05
C GLY A 69 -6.50 -5.64 8.51
N TYR A 70 -5.67 -6.29 7.70
CA TYR A 70 -4.52 -5.62 7.10
C TYR A 70 -4.44 -5.87 5.58
N GLY A 71 -3.94 -4.87 4.84
CA GLY A 71 -3.85 -4.96 3.40
C GLY A 71 -2.66 -4.19 2.81
N PHE A 72 -2.28 -4.53 1.58
CA PHE A 72 -1.21 -3.84 0.86
C PHE A 72 -1.75 -3.10 -0.38
N ILE A 73 -1.25 -1.89 -0.61
CA ILE A 73 -1.69 -1.07 -1.75
C ILE A 73 -0.50 -0.65 -2.63
N THR A 74 -0.59 -0.95 -3.92
CA THR A 74 0.49 -0.63 -4.88
C THR A 74 0.17 0.65 -5.66
N PHE A 75 1.03 1.65 -5.51
CA PHE A 75 0.86 2.94 -6.21
C PHE A 75 1.76 3.02 -7.44
N SER A 76 1.33 3.76 -8.45
CA SER A 76 2.16 4.03 -9.63
C SER A 76 3.24 5.09 -9.31
N ASP A 77 3.03 5.84 -8.23
CA ASP A 77 3.97 6.89 -7.82
C ASP A 77 4.69 6.50 -6.51
N SER A 78 5.90 7.03 -6.32
CA SER A 78 6.72 6.72 -5.12
C SER A 78 6.63 7.83 -4.06
N GLU A 79 7.05 9.04 -4.44
CA GLU A 79 7.12 10.17 -3.48
C GLU A 79 5.74 10.59 -2.97
N CYS A 80 4.74 10.60 -3.85
CA CYS A 80 3.35 10.89 -3.44
C CYS A 80 2.87 9.83 -2.44
N ALA A 81 3.37 8.61 -2.58
CA ALA A 81 3.08 7.53 -1.65
C ALA A 81 3.77 7.74 -0.31
N LYS A 82 4.98 8.33 -0.34
CA LYS A 82 5.66 8.76 0.89
C LYS A 82 4.75 9.67 1.72
N LYS A 83 4.19 10.69 1.07
CA LYS A 83 3.27 11.61 1.74
C LYS A 83 2.00 10.87 2.18
N ALA A 84 1.48 9.98 1.32
CA ALA A 84 0.30 9.18 1.66
C ALA A 84 0.53 8.41 2.96
N LEU A 85 1.73 7.88 3.13
CA LEU A 85 2.11 7.16 4.34
C LEU A 85 2.11 8.09 5.55
N GLU A 86 2.97 9.10 5.51
CA GLU A 86 3.17 10.02 6.64
C GLU A 86 1.93 10.87 6.94
N GLN A 87 1.01 10.98 5.98
CA GLN A 87 -0.19 11.80 6.14
C GLN A 87 -1.32 11.00 6.82
N LEU A 88 -1.47 9.74 6.43
CA LEU A 88 -2.65 8.95 6.81
C LEU A 88 -2.42 8.03 8.02
N ASN A 89 -1.17 7.82 8.44
CA ASN A 89 -0.90 6.99 9.62
C ASN A 89 -1.46 7.61 10.91
N GLY A 90 -2.76 7.42 11.13
CA GLY A 90 -3.46 8.02 12.26
C GLY A 90 -4.88 8.48 11.90
N PHE A 91 -5.16 8.55 10.60
CA PHE A 91 -6.48 8.93 10.08
C PHE A 91 -7.54 7.87 10.44
N GLU A 92 -8.70 8.32 10.91
CA GLU A 92 -9.76 7.40 11.32
C GLU A 92 -10.59 6.90 10.13
N LEU A 93 -10.37 5.64 9.73
CA LEU A 93 -11.16 5.00 8.68
C LEU A 93 -12.20 4.05 9.31
N ALA A 94 -13.46 4.21 8.91
CA ALA A 94 -14.56 3.39 9.46
C ALA A 94 -14.70 3.60 10.98
N GLY A 95 -14.21 4.74 11.46
CA GLY A 95 -14.27 5.04 12.90
C GLY A 95 -13.10 4.47 13.69
N ARG A 96 -12.07 3.99 12.98
CA ARG A 96 -10.89 3.38 13.61
C ARG A 96 -9.60 3.92 12.96
N PRO A 97 -8.58 4.30 13.78
CA PRO A 97 -7.32 4.86 13.27
C PRO A 97 -6.63 3.97 12.22
N MET A 98 -6.03 4.60 11.21
CA MET A 98 -5.37 3.88 10.11
C MET A 98 -3.85 3.81 10.32
N LYS A 99 -3.33 2.61 10.52
CA LYS A 99 -1.88 2.41 10.66
C LYS A 99 -1.21 2.17 9.31
N VAL A 100 -0.65 3.22 8.74
CA VAL A 100 0.02 3.14 7.43
C VAL A 100 1.55 3.14 7.58
N GLY A 101 2.19 2.15 6.97
CA GLY A 101 3.65 2.08 6.94
C GLY A 101 4.18 1.39 5.69
N HIS A 102 5.45 1.64 5.36
CA HIS A 102 6.07 0.98 4.20
C HIS A 102 6.35 -0.50 4.50
N VAL A 103 6.43 -1.32 3.45
CA VAL A 103 6.70 -2.75 3.61
C VAL A 103 8.04 -2.99 4.34
N THR A 104 7.97 -3.18 5.66
CA THR A 104 9.16 -3.35 6.50
C THR A 104 9.69 -4.79 6.51
N GLU A 105 10.67 -5.03 7.36
CA GLU A 105 11.29 -6.35 7.51
C GLU A 105 10.79 -7.05 8.78
N ARG A 106 11.11 -8.35 8.90
CA ARG A 106 10.76 -9.14 10.09
C ARG A 106 9.23 -9.30 10.27
N THR A 107 8.73 -10.50 9.98
CA THR A 107 7.35 -10.86 10.33
C THR A 107 7.32 -11.49 11.73
N ASP A 108 6.75 -10.75 12.69
CA ASP A 108 6.80 -11.12 14.11
C ASP A 108 6.27 -12.56 14.37
N MET A 1 2.98 35.28 7.89
CA MET A 1 3.87 34.23 7.31
C MET A 1 3.78 32.92 8.12
N GLY A 2 3.93 33.01 9.43
CA GLY A 2 3.90 31.81 10.28
C GLY A 2 5.20 31.00 10.21
N HIS A 3 5.49 30.45 9.04
CA HIS A 3 6.73 29.68 8.83
C HIS A 3 7.72 30.49 7.97
N HIS A 4 8.84 30.89 8.58
CA HIS A 4 9.87 31.66 7.88
C HIS A 4 11.05 30.76 7.44
N HIS A 5 11.09 29.54 7.99
CA HIS A 5 12.12 28.55 7.65
C HIS A 5 11.48 27.15 7.52
N HIS A 6 12.11 26.26 6.75
CA HIS A 6 11.56 24.91 6.55
C HIS A 6 12.59 23.93 5.95
N HIS A 7 13.49 24.42 5.11
CA HIS A 7 14.45 23.54 4.41
C HIS A 7 15.47 22.91 5.37
N HIS A 8 15.66 23.51 6.55
CA HIS A 8 16.64 23.05 7.55
C HIS A 8 18.10 23.23 7.05
N SER A 9 18.50 22.42 6.09
CA SER A 9 19.85 22.47 5.54
C SER A 9 19.84 22.37 4.00
N HIS A 10 21.02 22.27 3.39
CA HIS A 10 21.11 22.07 1.94
C HIS A 10 20.57 20.69 1.53
N MET A 11 20.62 19.74 2.46
CA MET A 11 20.01 18.42 2.25
C MET A 11 18.47 18.56 2.28
N ALA A 12 17.90 18.85 1.11
CA ALA A 12 16.46 19.08 0.96
C ALA A 12 16.14 19.36 -0.51
N ALA A 13 16.97 20.17 -1.14
CA ALA A 13 16.90 20.44 -2.57
C ALA A 13 18.18 19.94 -3.27
N ALA A 14 18.03 19.36 -4.48
CA ALA A 14 19.14 18.77 -5.22
C ALA A 14 19.62 17.44 -4.61
N MET A 15 19.96 17.46 -3.32
CA MET A 15 20.40 16.25 -2.61
C MET A 15 19.19 15.40 -2.18
N ALA A 16 19.02 14.23 -2.80
CA ALA A 16 17.91 13.33 -2.47
C ALA A 16 18.20 11.88 -2.88
N ASN A 17 17.38 10.95 -2.40
CA ASN A 17 17.51 9.53 -2.72
C ASN A 17 16.67 9.15 -3.96
N ASN A 18 17.31 9.03 -5.12
CA ASN A 18 16.61 8.69 -6.37
C ASN A 18 17.25 7.50 -7.09
N LEU A 19 18.53 7.60 -7.40
CA LEU A 19 19.24 6.52 -8.09
C LEU A 19 19.94 5.60 -7.07
N GLN A 20 19.26 4.53 -6.70
CA GLN A 20 19.78 3.58 -5.69
C GLN A 20 20.45 2.36 -6.36
N LYS A 21 19.67 1.61 -7.14
CA LYS A 21 20.18 0.41 -7.81
C LYS A 21 19.54 0.25 -9.20
N GLY A 22 20.23 0.75 -10.23
CA GLY A 22 19.74 0.65 -11.60
C GLY A 22 18.44 1.42 -11.85
N SER A 23 17.30 0.81 -11.54
CA SER A 23 15.99 1.44 -11.73
C SER A 23 14.98 1.00 -10.67
N ALA A 24 13.96 1.83 -10.45
CA ALA A 24 12.89 1.53 -9.49
C ALA A 24 11.53 1.98 -10.03
N GLY A 25 10.44 1.52 -9.42
CA GLY A 25 9.10 1.88 -9.89
C GLY A 25 8.02 1.78 -8.82
N PRO A 26 7.03 0.88 -9.02
CA PRO A 26 5.86 0.77 -8.12
C PRO A 26 6.21 0.59 -6.64
N MET A 27 5.73 1.50 -5.80
CA MET A 27 5.92 1.43 -4.34
C MET A 27 4.64 0.89 -3.66
N ARG A 28 4.82 -0.05 -2.74
CA ARG A 28 3.67 -0.72 -2.11
C ARG A 28 3.53 -0.34 -0.63
N LEU A 29 2.32 0.06 -0.23
CA LEU A 29 2.04 0.46 1.15
C LEU A 29 1.27 -0.63 1.91
N TYR A 30 1.61 -0.78 3.19
CA TYR A 30 0.92 -1.69 4.11
C TYR A 30 -0.07 -0.91 4.99
N VAL A 31 -1.37 -1.18 4.81
CA VAL A 31 -2.42 -0.43 5.50
C VAL A 31 -3.25 -1.33 6.43
N GLY A 32 -3.17 -1.07 7.73
CA GLY A 32 -3.91 -1.87 8.72
C GLY A 32 -5.00 -1.07 9.46
N SER A 33 -6.26 -1.31 9.08
CA SER A 33 -7.42 -0.68 9.77
C SER A 33 -8.74 -1.22 9.21
N LEU A 34 -8.70 -2.39 8.58
CA LEU A 34 -9.86 -2.95 7.89
C LEU A 34 -10.63 -3.89 8.82
N HIS A 35 -11.63 -3.36 9.53
CA HIS A 35 -12.36 -4.15 10.54
C HIS A 35 -13.44 -5.06 9.91
N PHE A 36 -12.99 -5.99 9.05
CA PHE A 36 -13.89 -6.94 8.37
C PHE A 36 -15.07 -6.20 7.70
N ASN A 37 -14.76 -5.06 7.09
CA ASN A 37 -15.79 -4.15 6.56
C ASN A 37 -15.29 -3.37 5.33
N ILE A 38 -14.12 -2.77 5.47
CA ILE A 38 -13.58 -1.86 4.46
C ILE A 38 -12.94 -2.62 3.28
N THR A 39 -13.27 -2.19 2.06
CA THR A 39 -12.78 -2.86 0.82
C THR A 39 -11.83 -1.95 0.02
N GLU A 40 -11.32 -2.50 -1.09
CA GLU A 40 -10.40 -1.78 -1.98
C GLU A 40 -10.93 -0.39 -2.37
N ASP A 41 -12.21 -0.36 -2.73
CA ASP A 41 -12.86 0.86 -3.22
C ASP A 41 -12.73 2.04 -2.25
N MET A 42 -12.96 1.78 -0.96
CA MET A 42 -12.91 2.83 0.05
C MET A 42 -11.48 3.37 0.19
N LEU A 43 -10.52 2.45 0.35
CA LEU A 43 -9.10 2.79 0.44
C LEU A 43 -8.66 3.63 -0.78
N ARG A 44 -8.94 3.12 -1.97
CA ARG A 44 -8.65 3.83 -3.22
C ARG A 44 -9.22 5.26 -3.20
N GLY A 45 -10.46 5.39 -2.70
CA GLY A 45 -11.08 6.71 -2.61
C GLY A 45 -10.34 7.67 -1.66
N ILE A 46 -9.65 7.11 -0.67
CA ILE A 46 -8.87 7.91 0.29
C ILE A 46 -7.46 8.22 -0.24
N PHE A 47 -6.85 7.26 -0.92
CA PHE A 47 -5.46 7.37 -1.38
C PHE A 47 -5.31 8.10 -2.75
N GLU A 48 -6.33 8.03 -3.63
CA GLU A 48 -6.25 8.73 -4.93
C GLU A 48 -6.02 10.25 -4.81
N PRO A 49 -6.62 10.94 -3.81
CA PRO A 49 -6.27 12.35 -3.52
C PRO A 49 -4.75 12.62 -3.42
N PHE A 50 -3.97 11.55 -3.20
CA PHE A 50 -2.50 11.64 -3.18
C PHE A 50 -1.89 11.31 -4.55
N GLY A 51 -2.35 10.21 -5.15
CA GLY A 51 -1.86 9.82 -6.46
C GLY A 51 -2.79 8.83 -7.17
N ARG A 52 -2.24 7.77 -7.72
CA ARG A 52 -3.07 6.73 -8.35
C ARG A 52 -2.68 5.33 -7.84
N ILE A 53 -3.69 4.48 -7.69
CA ILE A 53 -3.49 3.10 -7.26
C ILE A 53 -3.38 2.15 -8.45
N GLU A 54 -2.46 1.19 -8.38
CA GLU A 54 -2.33 0.15 -9.40
C GLU A 54 -3.09 -1.12 -9.00
N SER A 55 -2.92 -1.54 -7.74
CA SER A 55 -3.63 -2.72 -7.21
C SER A 55 -3.84 -2.62 -5.69
N ILE A 56 -4.95 -3.17 -5.19
CA ILE A 56 -5.22 -3.22 -3.74
C ILE A 56 -5.62 -4.64 -3.31
N GLN A 57 -4.72 -5.33 -2.63
CA GLN A 57 -4.99 -6.70 -2.15
C GLN A 57 -5.17 -6.74 -0.63
N LEU A 58 -6.34 -7.18 -0.18
CA LEU A 58 -6.65 -7.22 1.27
C LEU A 58 -6.43 -8.63 1.85
N MET A 59 -5.90 -8.68 3.07
CA MET A 59 -5.64 -9.95 3.73
C MET A 59 -6.71 -10.29 4.77
N MET A 60 -7.62 -11.18 4.40
CA MET A 60 -8.56 -11.79 5.34
C MET A 60 -8.35 -13.31 5.35
N ASP A 61 -7.86 -13.81 6.49
CA ASP A 61 -7.32 -15.16 6.65
C ASP A 61 -6.60 -15.72 5.40
N SER A 62 -7.35 -16.14 4.39
CA SER A 62 -6.81 -16.92 3.27
C SER A 62 -5.89 -18.02 3.79
N GLU A 63 -6.28 -18.61 4.93
CA GLU A 63 -5.43 -19.51 5.68
C GLU A 63 -6.26 -20.35 6.67
N THR A 64 -7.10 -19.67 7.45
CA THR A 64 -7.83 -20.32 8.56
C THR A 64 -9.35 -20.09 8.51
N GLY A 65 -9.78 -18.92 8.02
CA GLY A 65 -11.21 -18.58 8.07
C GLY A 65 -11.54 -17.48 9.08
N ARG A 66 -10.54 -16.68 9.45
CA ARG A 66 -10.74 -15.55 10.37
C ARG A 66 -10.36 -14.22 9.69
N SER A 67 -10.41 -13.12 10.43
CA SER A 67 -10.10 -11.79 9.87
C SER A 67 -8.73 -11.27 10.33
N LYS A 68 -7.90 -10.83 9.38
CA LYS A 68 -6.62 -10.18 9.70
C LYS A 68 -6.80 -8.65 9.86
N GLY A 69 -7.29 -7.99 8.80
CA GLY A 69 -7.66 -6.59 8.90
C GLY A 69 -6.66 -5.60 8.29
N TYR A 70 -5.84 -6.08 7.34
CA TYR A 70 -4.89 -5.19 6.66
C TYR A 70 -4.72 -5.56 5.18
N GLY A 71 -4.38 -4.55 4.36
CA GLY A 71 -4.23 -4.75 2.93
C GLY A 71 -2.99 -4.07 2.35
N PHE A 72 -2.52 -4.55 1.20
CA PHE A 72 -1.35 -3.97 0.52
C PHE A 72 -1.76 -3.24 -0.77
N ILE A 73 -1.37 -1.97 -0.86
CA ILE A 73 -1.73 -1.14 -2.02
C ILE A 73 -0.49 -0.76 -2.86
N THR A 74 -0.60 -0.88 -4.17
CA THR A 74 0.51 -0.55 -5.09
C THR A 74 0.34 0.84 -5.71
N PHE A 75 1.41 1.63 -5.72
CA PHE A 75 1.40 2.96 -6.33
C PHE A 75 2.52 3.11 -7.38
N SER A 76 2.25 3.85 -8.45
CA SER A 76 3.27 4.12 -9.48
C SER A 76 4.18 5.29 -9.07
N ASP A 77 3.86 5.93 -7.95
CA ASP A 77 4.64 7.08 -7.46
C ASP A 77 5.13 6.84 -6.03
N SER A 78 6.45 6.77 -5.85
CA SER A 78 7.05 6.48 -4.53
C SER A 78 6.92 7.68 -3.57
N GLU A 79 6.74 8.88 -4.10
CA GLU A 79 6.63 10.08 -3.28
C GLU A 79 5.16 10.37 -2.88
N CYS A 80 4.23 10.10 -3.79
CA CYS A 80 2.80 10.21 -3.47
C CYS A 80 2.39 9.17 -2.43
N ALA A 81 2.93 7.96 -2.56
CA ALA A 81 2.72 6.89 -1.57
C ALA A 81 3.43 7.24 -0.25
N LYS A 82 4.63 7.79 -0.36
CA LYS A 82 5.41 8.22 0.82
C LYS A 82 4.67 9.33 1.59
N LYS A 83 4.09 10.29 0.87
CA LYS A 83 3.25 11.32 1.48
C LYS A 83 2.02 10.68 2.15
N ALA A 84 1.31 9.83 1.41
CA ALA A 84 0.15 9.12 1.95
C ALA A 84 0.49 8.44 3.28
N LEU A 85 1.68 7.85 3.34
CA LEU A 85 2.18 7.25 4.59
C LEU A 85 2.33 8.30 5.70
N GLU A 86 2.95 9.42 5.38
CA GLU A 86 3.21 10.48 6.35
C GLU A 86 1.91 11.17 6.83
N GLN A 87 0.94 11.28 5.93
CA GLN A 87 -0.29 12.03 6.20
C GLN A 87 -1.40 11.14 6.80
N LEU A 88 -1.44 9.87 6.40
CA LEU A 88 -2.54 8.97 6.77
C LEU A 88 -2.20 8.04 7.95
N ASN A 89 -0.94 7.97 8.34
CA ASN A 89 -0.57 7.15 9.51
C ASN A 89 -1.19 7.73 10.79
N GLY A 90 -2.34 7.21 11.16
CA GLY A 90 -3.11 7.75 12.27
C GLY A 90 -4.36 8.50 11.79
N PHE A 91 -4.81 8.18 10.58
CA PHE A 91 -6.00 8.82 10.00
C PHE A 91 -7.30 8.20 10.53
N GLU A 92 -8.31 9.03 10.73
CA GLU A 92 -9.62 8.56 11.21
C GLU A 92 -10.41 7.85 10.10
N LEU A 93 -10.15 6.56 9.92
CA LEU A 93 -10.85 5.76 8.91
C LEU A 93 -11.92 4.86 9.54
N ALA A 94 -13.16 4.97 9.06
CA ALA A 94 -14.29 4.19 9.60
C ALA A 94 -14.53 4.45 11.10
N GLY A 95 -13.95 5.53 11.61
CA GLY A 95 -14.06 5.85 13.02
C GLY A 95 -12.90 5.30 13.86
N ARG A 96 -11.86 4.82 13.19
CA ARG A 96 -10.67 4.27 13.85
C ARG A 96 -9.37 4.80 13.25
N PRO A 97 -8.27 4.81 14.03
CA PRO A 97 -6.93 5.19 13.54
C PRO A 97 -6.37 4.20 12.51
N MET A 98 -5.91 4.70 11.37
CA MET A 98 -5.40 3.83 10.29
C MET A 98 -3.86 3.71 10.33
N LYS A 99 -3.38 2.47 10.37
CA LYS A 99 -1.94 2.20 10.41
C LYS A 99 -1.34 2.09 8.99
N VAL A 100 -0.56 3.09 8.59
CA VAL A 100 0.06 3.07 7.26
C VAL A 100 1.60 3.03 7.34
N GLY A 101 2.20 2.01 6.74
CA GLY A 101 3.65 1.90 6.66
C GLY A 101 4.09 1.24 5.35
N HIS A 102 5.25 1.63 4.81
CA HIS A 102 5.70 1.10 3.52
C HIS A 102 6.25 -0.32 3.68
N VAL A 103 5.98 -1.19 2.71
CA VAL A 103 6.42 -2.59 2.79
C VAL A 103 7.95 -2.69 2.90
N THR A 104 8.42 -3.33 3.97
CA THR A 104 9.86 -3.51 4.21
C THR A 104 10.11 -4.65 5.20
N GLU A 105 9.67 -5.85 4.81
CA GLU A 105 9.84 -7.04 5.65
C GLU A 105 11.27 -7.58 5.57
N ARG A 106 12.18 -6.87 6.25
CA ARG A 106 13.61 -7.19 6.22
C ARG A 106 14.26 -6.97 7.60
N THR A 107 15.53 -7.36 7.70
CA THR A 107 16.28 -7.22 8.96
C THR A 107 17.23 -6.00 8.92
N ASP A 108 17.41 -5.36 10.08
CA ASP A 108 18.33 -4.21 10.18
C ASP A 108 19.78 -4.61 9.80
N MET A 1 -23.48 -16.61 -22.02
CA MET A 1 -22.42 -17.05 -22.99
C MET A 1 -21.40 -17.97 -22.29
N GLY A 2 -21.32 -19.22 -22.74
CA GLY A 2 -20.40 -20.18 -22.12
C GLY A 2 -18.94 -19.74 -22.11
N HIS A 3 -18.51 -19.02 -23.15
CA HIS A 3 -17.13 -18.54 -23.24
C HIS A 3 -16.77 -17.54 -22.13
N HIS A 4 -17.78 -16.80 -21.66
CA HIS A 4 -17.58 -15.79 -20.61
C HIS A 4 -18.39 -16.13 -19.35
N HIS A 5 -17.72 -16.59 -18.31
CA HIS A 5 -18.39 -16.98 -17.07
C HIS A 5 -18.51 -15.79 -16.10
N HIS A 6 -17.40 -15.08 -15.88
CA HIS A 6 -17.41 -13.88 -15.03
C HIS A 6 -16.38 -12.83 -15.54
N HIS A 7 -15.30 -12.61 -14.78
CA HIS A 7 -14.34 -11.52 -15.06
C HIS A 7 -15.02 -10.14 -15.06
N HIS A 8 -14.68 -9.32 -14.08
CA HIS A 8 -15.29 -7.99 -13.94
C HIS A 8 -14.87 -7.06 -15.10
N SER A 9 -15.79 -6.85 -16.04
CA SER A 9 -15.54 -6.02 -17.22
C SER A 9 -15.26 -4.56 -16.83
N HIS A 10 -14.02 -4.10 -17.05
CA HIS A 10 -13.63 -2.71 -16.78
C HIS A 10 -13.31 -1.95 -18.08
N MET A 11 -13.67 -2.54 -19.23
CA MET A 11 -13.52 -1.93 -20.56
C MET A 11 -12.05 -1.92 -21.05
N ALA A 12 -11.15 -1.38 -20.24
CA ALA A 12 -9.75 -1.16 -20.64
C ALA A 12 -8.92 -2.47 -20.79
N ALA A 13 -9.58 -3.60 -21.05
CA ALA A 13 -8.87 -4.87 -21.26
C ALA A 13 -8.50 -5.09 -22.74
N ALA A 14 -9.13 -4.33 -23.64
CA ALA A 14 -8.90 -4.47 -25.08
C ALA A 14 -7.44 -4.15 -25.48
N MET A 15 -6.71 -5.19 -25.89
CA MET A 15 -5.31 -5.04 -26.34
C MET A 15 -4.40 -4.40 -25.26
N ALA A 16 -4.82 -4.48 -24.00
CA ALA A 16 -4.04 -3.91 -22.90
C ALA A 16 -2.81 -4.78 -22.56
N ASN A 17 -1.66 -4.41 -23.12
CA ASN A 17 -0.40 -5.12 -22.84
C ASN A 17 0.35 -4.42 -21.69
N ASN A 18 0.84 -3.20 -21.96
CA ASN A 18 1.53 -2.37 -20.96
C ASN A 18 2.62 -3.10 -20.17
N LEU A 19 3.86 -3.00 -20.62
CA LEU A 19 4.99 -3.58 -19.90
C LEU A 19 5.37 -2.72 -18.70
N GLN A 20 4.58 -2.80 -17.63
CA GLN A 20 4.78 -2.00 -16.43
C GLN A 20 5.81 -2.62 -15.47
N LYS A 21 6.23 -1.82 -14.49
CA LYS A 21 7.18 -2.22 -13.40
C LYS A 21 8.61 -2.58 -13.90
N GLY A 22 8.72 -3.14 -15.10
CA GLY A 22 10.03 -3.60 -15.60
C GLY A 22 11.09 -2.50 -15.66
N SER A 23 10.67 -1.25 -15.82
CA SER A 23 11.59 -0.10 -15.93
C SER A 23 11.23 1.02 -14.94
N ALA A 24 10.34 0.73 -13.99
CA ALA A 24 9.80 1.76 -13.09
C ALA A 24 9.96 1.37 -11.61
N GLY A 25 9.85 2.38 -10.72
CA GLY A 25 9.98 2.13 -9.30
C GLY A 25 8.73 2.55 -8.51
N PRO A 26 7.77 1.63 -8.31
CA PRO A 26 6.55 1.90 -7.52
C PRO A 26 6.74 1.59 -6.02
N MET A 27 5.76 2.00 -5.19
CA MET A 27 5.84 1.76 -3.74
C MET A 27 4.60 1.00 -3.24
N ARG A 28 4.81 0.13 -2.24
CA ARG A 28 3.73 -0.66 -1.65
C ARG A 28 3.52 -0.30 -0.17
N LEU A 29 2.32 0.18 0.16
CA LEU A 29 2.01 0.61 1.53
C LEU A 29 1.23 -0.47 2.31
N TYR A 30 1.61 -0.65 3.59
CA TYR A 30 0.92 -1.57 4.48
C TYR A 30 -0.17 -0.84 5.28
N VAL A 31 -1.43 -1.09 4.94
CA VAL A 31 -2.56 -0.48 5.64
C VAL A 31 -3.19 -1.47 6.63
N GLY A 32 -2.82 -1.34 7.90
CA GLY A 32 -3.37 -2.22 8.93
C GLY A 32 -4.48 -1.54 9.72
N SER A 33 -5.72 -1.67 9.25
CA SER A 33 -6.89 -1.10 9.94
C SER A 33 -8.21 -1.50 9.24
N LEU A 34 -8.19 -2.60 8.50
CA LEU A 34 -9.40 -3.06 7.80
C LEU A 34 -10.41 -3.67 8.79
N HIS A 35 -11.33 -2.83 9.29
CA HIS A 35 -12.26 -3.24 10.34
C HIS A 35 -13.43 -4.09 9.80
N PHE A 36 -13.09 -5.28 9.29
CA PHE A 36 -14.07 -6.31 8.91
C PHE A 36 -15.15 -5.86 7.90
N ASN A 37 -15.01 -4.66 7.33
CA ASN A 37 -15.99 -4.18 6.32
C ASN A 37 -15.37 -3.12 5.37
N ILE A 38 -14.06 -2.93 5.46
CA ILE A 38 -13.38 -1.96 4.59
C ILE A 38 -13.18 -2.54 3.18
N THR A 39 -13.54 -1.76 2.16
CA THR A 39 -13.44 -2.21 0.76
C THR A 39 -12.28 -1.53 0.02
N GLU A 40 -11.86 -2.15 -1.09
CA GLU A 40 -10.82 -1.56 -1.96
C GLU A 40 -11.21 -0.15 -2.39
N ASP A 41 -12.51 0.03 -2.67
CA ASP A 41 -13.04 1.32 -3.08
C ASP A 41 -12.84 2.42 -2.02
N MET A 42 -13.04 2.06 -0.75
CA MET A 42 -12.87 3.02 0.35
C MET A 42 -11.41 3.50 0.42
N LEU A 43 -10.50 2.53 0.53
CA LEU A 43 -9.06 2.81 0.56
C LEU A 43 -8.62 3.64 -0.66
N ARG A 44 -9.08 3.23 -1.84
CA ARG A 44 -8.76 3.95 -3.07
C ARG A 44 -9.28 5.39 -3.03
N GLY A 45 -10.52 5.58 -2.59
CA GLY A 45 -11.10 6.92 -2.51
C GLY A 45 -10.29 7.87 -1.63
N ILE A 46 -9.61 7.31 -0.63
CA ILE A 46 -8.75 8.09 0.27
C ILE A 46 -7.32 8.27 -0.29
N PHE A 47 -6.68 7.15 -0.64
CA PHE A 47 -5.25 7.14 -1.01
C PHE A 47 -4.99 7.59 -2.48
N GLU A 48 -5.89 7.22 -3.40
CA GLU A 48 -5.67 7.47 -4.84
C GLU A 48 -5.40 8.96 -5.16
N PRO A 49 -6.24 9.90 -4.64
CA PRO A 49 -6.04 11.34 -4.87
C PRO A 49 -4.59 11.83 -4.65
N PHE A 50 -3.81 11.07 -3.90
CA PHE A 50 -2.41 11.42 -3.66
C PHE A 50 -1.54 11.24 -4.93
N GLY A 51 -1.62 10.07 -5.57
CA GLY A 51 -0.79 9.83 -6.75
C GLY A 51 -1.07 8.53 -7.48
N ARG A 52 -2.35 8.20 -7.70
CA ARG A 52 -2.75 7.05 -8.53
C ARG A 52 -2.48 5.69 -7.86
N ILE A 53 -3.46 4.78 -7.98
CA ILE A 53 -3.35 3.43 -7.40
C ILE A 53 -3.65 2.34 -8.45
N GLU A 54 -2.79 1.33 -8.49
CA GLU A 54 -2.91 0.26 -9.49
C GLU A 54 -3.39 -1.07 -8.88
N SER A 55 -2.78 -1.48 -7.78
CA SER A 55 -3.11 -2.77 -7.14
C SER A 55 -3.46 -2.63 -5.66
N ILE A 56 -4.66 -3.06 -5.28
CA ILE A 56 -5.12 -3.03 -3.89
C ILE A 56 -5.34 -4.45 -3.35
N GLN A 57 -4.43 -4.92 -2.50
CA GLN A 57 -4.51 -6.28 -1.95
C GLN A 57 -5.11 -6.28 -0.53
N LEU A 58 -6.27 -6.90 -0.38
CA LEU A 58 -6.87 -7.09 0.96
C LEU A 58 -6.56 -8.51 1.46
N MET A 59 -6.08 -8.62 2.69
CA MET A 59 -5.64 -9.91 3.22
C MET A 59 -6.76 -10.61 4.00
N MET A 60 -7.24 -11.73 3.46
CA MET A 60 -8.28 -12.53 4.09
C MET A 60 -7.87 -14.00 4.19
N ASP A 61 -8.42 -14.71 5.16
CA ASP A 61 -8.11 -16.13 5.35
C ASP A 61 -8.75 -16.97 4.22
N SER A 62 -7.92 -17.41 3.27
CA SER A 62 -8.40 -18.21 2.14
C SER A 62 -8.73 -19.65 2.59
N GLU A 63 -9.82 -19.77 3.35
CA GLU A 63 -10.25 -21.05 3.93
C GLU A 63 -11.53 -20.85 4.74
N THR A 64 -11.44 -20.00 5.75
CA THR A 64 -12.59 -19.66 6.60
C THR A 64 -13.32 -18.39 6.11
N GLY A 65 -12.62 -17.58 5.32
CA GLY A 65 -13.21 -16.37 4.76
C GLY A 65 -13.24 -15.20 5.75
N ARG A 66 -12.38 -15.25 6.77
CA ARG A 66 -12.31 -14.20 7.79
C ARG A 66 -11.34 -13.09 7.38
N SER A 67 -11.66 -11.85 7.74
CA SER A 67 -10.81 -10.69 7.41
C SER A 67 -9.66 -10.56 8.40
N LYS A 68 -8.42 -10.50 7.89
CA LYS A 68 -7.23 -10.37 8.74
C LYS A 68 -7.15 -9.00 9.41
N GLY A 69 -7.54 -7.95 8.67
CA GLY A 69 -7.51 -6.59 9.22
C GLY A 69 -6.42 -5.71 8.62
N TYR A 70 -5.69 -6.23 7.63
CA TYR A 70 -4.62 -5.46 6.97
C TYR A 70 -4.57 -5.73 5.45
N GLY A 71 -4.06 -4.75 4.71
CA GLY A 71 -3.95 -4.87 3.26
C GLY A 71 -2.77 -4.08 2.68
N PHE A 72 -2.36 -4.43 1.47
CA PHE A 72 -1.21 -3.76 0.81
C PHE A 72 -1.65 -3.01 -0.47
N ILE A 73 -1.39 -1.71 -0.51
CA ILE A 73 -1.76 -0.88 -1.68
C ILE A 73 -0.51 -0.45 -2.49
N THR A 74 -0.58 -0.61 -3.80
CA THR A 74 0.53 -0.27 -4.70
C THR A 74 0.25 0.98 -5.54
N PHE A 75 1.13 1.98 -5.45
CA PHE A 75 1.00 3.23 -6.20
C PHE A 75 2.00 3.30 -7.36
N SER A 76 1.62 4.00 -8.42
CA SER A 76 2.50 4.19 -9.59
C SER A 76 3.68 5.11 -9.28
N ASP A 77 3.64 5.80 -8.14
CA ASP A 77 4.68 6.74 -7.76
C ASP A 77 5.06 6.59 -6.27
N SER A 78 6.35 6.34 -6.01
CA SER A 78 6.85 6.12 -4.65
C SER A 78 6.73 7.38 -3.78
N GLU A 79 7.06 8.54 -4.37
CA GLU A 79 7.02 9.81 -3.63
C GLU A 79 5.59 10.16 -3.18
N CYS A 80 4.63 10.03 -4.09
CA CYS A 80 3.22 10.27 -3.78
C CYS A 80 2.70 9.26 -2.75
N ALA A 81 3.13 8.00 -2.88
CA ALA A 81 2.77 6.95 -1.92
C ALA A 81 3.34 7.24 -0.52
N LYS A 82 4.59 7.70 -0.48
CA LYS A 82 5.26 8.05 0.77
C LYS A 82 4.51 9.18 1.50
N LYS A 83 4.04 10.17 0.74
CA LYS A 83 3.21 11.25 1.28
C LYS A 83 1.86 10.72 1.79
N ALA A 84 1.22 9.86 0.98
CA ALA A 84 -0.05 9.24 1.37
C ALA A 84 0.09 8.53 2.74
N LEU A 85 1.15 7.74 2.86
CA LEU A 85 1.47 7.06 4.12
C LEU A 85 1.58 8.07 5.28
N GLU A 86 2.45 9.05 5.13
CA GLU A 86 2.73 10.04 6.17
C GLU A 86 1.48 10.86 6.57
N GLN A 87 0.63 11.16 5.58
CA GLN A 87 -0.54 12.02 5.81
C GLN A 87 -1.69 11.21 6.43
N LEU A 88 -1.75 9.93 6.11
CA LEU A 88 -2.85 9.07 6.58
C LEU A 88 -2.41 8.14 7.73
N ASN A 89 -1.13 8.18 8.09
CA ASN A 89 -0.63 7.42 9.23
C ASN A 89 -1.26 7.92 10.54
N GLY A 90 -2.30 7.24 11.01
CA GLY A 90 -2.99 7.65 12.23
C GLY A 90 -4.35 8.29 11.94
N PHE A 91 -4.71 8.38 10.66
CA PHE A 91 -6.00 8.95 10.26
C PHE A 91 -7.16 8.02 10.69
N GLU A 92 -8.12 8.56 11.43
CA GLU A 92 -9.26 7.77 11.88
C GLU A 92 -10.30 7.61 10.75
N LEU A 93 -10.15 6.54 9.98
CA LEU A 93 -10.97 6.31 8.79
C LEU A 93 -12.38 5.80 9.16
N ALA A 94 -12.45 4.56 9.63
CA ALA A 94 -13.73 3.96 10.03
C ALA A 94 -14.03 4.25 11.51
N GLY A 95 -13.85 5.51 11.91
CA GLY A 95 -14.02 5.88 13.33
C GLY A 95 -12.89 5.34 14.21
N ARG A 96 -11.86 4.79 13.58
CA ARG A 96 -10.70 4.22 14.29
C ARG A 96 -9.40 4.52 13.53
N PRO A 97 -8.29 4.77 14.26
CA PRO A 97 -6.98 5.09 13.64
C PRO A 97 -6.53 4.07 12.58
N MET A 98 -6.02 4.58 11.47
CA MET A 98 -5.52 3.74 10.38
C MET A 98 -3.98 3.69 10.37
N LYS A 99 -3.42 2.49 10.50
CA LYS A 99 -1.96 2.32 10.48
C LYS A 99 -1.43 2.11 9.06
N VAL A 100 -0.79 3.15 8.51
CA VAL A 100 -0.14 3.03 7.20
C VAL A 100 1.39 2.98 7.37
N GLY A 101 1.98 1.80 7.20
CA GLY A 101 3.41 1.62 7.40
C GLY A 101 4.17 1.27 6.12
N HIS A 102 5.49 1.45 6.14
CA HIS A 102 6.36 1.14 5.00
C HIS A 102 6.54 -0.39 4.79
N VAL A 103 5.60 -1.18 5.32
CA VAL A 103 5.66 -2.64 5.25
C VAL A 103 6.79 -3.22 6.13
N THR A 104 6.42 -4.07 7.08
CA THR A 104 7.37 -4.78 7.94
C THR A 104 8.48 -5.49 7.14
N GLU A 105 9.59 -5.80 7.80
CA GLU A 105 10.75 -6.43 7.15
C GLU A 105 10.36 -7.68 6.32
N ARG A 106 9.33 -8.39 6.78
CA ARG A 106 8.88 -9.62 6.11
C ARG A 106 7.40 -9.90 6.40
N THR A 107 7.05 -9.85 7.70
CA THR A 107 5.68 -10.11 8.17
C THR A 107 5.64 -10.03 9.71
N ASP A 108 6.63 -9.35 10.28
CA ASP A 108 6.90 -9.39 11.72
C ASP A 108 6.43 -8.10 12.44
N MET A 1 -18.77 -20.83 -3.68
CA MET A 1 -20.12 -20.51 -4.24
C MET A 1 -20.48 -21.44 -5.41
N GLY A 2 -21.36 -22.40 -5.16
CA GLY A 2 -21.81 -23.32 -6.20
C GLY A 2 -20.69 -24.08 -6.89
N HIS A 3 -20.94 -24.49 -8.13
CA HIS A 3 -19.91 -25.14 -8.97
C HIS A 3 -20.08 -24.72 -10.45
N HIS A 4 -20.90 -25.47 -11.20
CA HIS A 4 -21.34 -25.08 -12.55
C HIS A 4 -20.17 -24.67 -13.50
N HIS A 5 -18.94 -25.06 -13.15
CA HIS A 5 -17.74 -24.63 -13.91
C HIS A 5 -17.60 -23.09 -13.88
N HIS A 6 -16.63 -22.59 -13.11
CA HIS A 6 -16.46 -21.13 -12.97
C HIS A 6 -16.04 -20.47 -14.31
N HIS A 7 -15.50 -21.26 -15.22
CA HIS A 7 -15.33 -20.83 -16.64
C HIS A 7 -14.36 -19.63 -16.81
N HIS A 8 -13.76 -19.15 -15.72
CA HIS A 8 -12.89 -17.96 -15.78
C HIS A 8 -11.41 -18.31 -16.03
N SER A 9 -10.88 -17.80 -17.16
CA SER A 9 -9.44 -17.84 -17.44
C SER A 9 -8.86 -16.43 -17.41
N HIS A 10 -7.91 -16.17 -16.51
CA HIS A 10 -7.41 -14.81 -16.28
C HIS A 10 -6.83 -14.15 -17.54
N MET A 11 -6.47 -14.96 -18.55
CA MET A 11 -6.01 -14.44 -19.85
C MET A 11 -4.75 -13.56 -19.72
N ALA A 12 -3.58 -14.15 -19.94
CA ALA A 12 -2.31 -13.42 -19.79
C ALA A 12 -1.28 -13.79 -20.88
N ALA A 13 -1.41 -14.99 -21.44
CA ALA A 13 -0.42 -15.51 -22.42
C ALA A 13 -0.14 -14.53 -23.58
N ALA A 14 1.02 -13.86 -23.51
CA ALA A 14 1.45 -12.92 -24.57
C ALA A 14 2.87 -12.40 -24.34
N MET A 15 3.55 -12.90 -23.29
CA MET A 15 4.89 -12.44 -22.89
C MET A 15 4.86 -10.97 -22.44
N ALA A 16 4.69 -10.04 -23.38
CA ALA A 16 4.58 -8.61 -23.09
C ALA A 16 5.72 -8.08 -22.20
N ASN A 17 6.84 -7.71 -22.83
CA ASN A 17 8.00 -7.20 -22.10
C ASN A 17 8.05 -5.66 -22.14
N ASN A 18 7.13 -5.06 -22.89
CA ASN A 18 7.10 -3.61 -23.09
C ASN A 18 5.87 -2.98 -22.42
N LEU A 19 6.10 -2.02 -21.54
CA LEU A 19 5.01 -1.26 -20.90
C LEU A 19 5.41 0.22 -20.76
N GLN A 20 6.51 0.45 -20.06
CA GLN A 20 7.09 1.79 -19.92
C GLN A 20 8.58 1.67 -19.55
N LYS A 21 9.44 1.77 -20.56
CA LYS A 21 10.90 1.60 -20.37
C LYS A 21 11.43 2.44 -19.19
N GLY A 22 11.82 1.76 -18.12
CA GLY A 22 12.33 2.43 -16.93
C GLY A 22 11.51 2.17 -15.68
N SER A 23 10.21 1.87 -15.87
CA SER A 23 9.26 1.64 -14.76
C SER A 23 9.26 2.79 -13.73
N ALA A 24 8.15 3.54 -13.70
CA ALA A 24 8.03 4.78 -12.90
C ALA A 24 8.62 4.64 -11.48
N GLY A 25 8.17 3.62 -10.74
CA GLY A 25 8.68 3.38 -9.39
C GLY A 25 7.59 2.95 -8.42
N PRO A 26 7.09 1.71 -8.54
CA PRO A 26 5.98 1.22 -7.70
C PRO A 26 6.37 1.03 -6.23
N MET A 27 5.63 1.67 -5.32
CA MET A 27 5.84 1.50 -3.88
C MET A 27 4.56 1.01 -3.19
N ARG A 28 4.70 0.07 -2.26
CA ARG A 28 3.54 -0.57 -1.63
C ARG A 28 3.39 -0.16 -0.15
N LEU A 29 2.16 0.15 0.26
CA LEU A 29 1.87 0.56 1.64
C LEU A 29 1.07 -0.51 2.40
N TYR A 30 1.46 -0.73 3.64
CA TYR A 30 0.72 -1.60 4.57
C TYR A 30 -0.33 -0.79 5.35
N VAL A 31 -1.59 -1.02 5.06
CA VAL A 31 -2.69 -0.36 5.75
C VAL A 31 -3.47 -1.34 6.64
N GLY A 32 -3.21 -1.31 7.95
CA GLY A 32 -3.88 -2.24 8.87
C GLY A 32 -4.82 -1.55 9.85
N SER A 33 -6.08 -1.40 9.45
CA SER A 33 -7.13 -0.83 10.32
C SER A 33 -8.53 -1.08 9.73
N LEU A 34 -8.62 -2.08 8.87
CA LEU A 34 -9.87 -2.40 8.17
C LEU A 34 -10.76 -3.31 9.02
N HIS A 35 -11.77 -2.74 9.70
CA HIS A 35 -12.61 -3.51 10.63
C HIS A 35 -13.53 -4.51 9.88
N PHE A 36 -12.94 -5.61 9.42
CA PHE A 36 -13.69 -6.75 8.84
C PHE A 36 -14.72 -6.36 7.75
N ASN A 37 -14.63 -5.15 7.20
CA ASN A 37 -15.65 -4.68 6.23
C ASN A 37 -15.03 -3.83 5.11
N ILE A 38 -14.13 -2.92 5.47
CA ILE A 38 -13.55 -1.95 4.52
C ILE A 38 -13.03 -2.63 3.23
N THR A 39 -13.43 -2.07 2.09
CA THR A 39 -13.08 -2.64 0.78
C THR A 39 -11.86 -1.95 0.16
N GLU A 40 -11.35 -2.53 -0.93
CA GLU A 40 -10.25 -1.93 -1.68
C GLU A 40 -10.66 -0.57 -2.26
N ASP A 41 -11.92 -0.49 -2.70
CA ASP A 41 -12.45 0.71 -3.35
C ASP A 41 -12.50 1.91 -2.40
N MET A 42 -12.83 1.67 -1.13
CA MET A 42 -12.86 2.74 -0.12
C MET A 42 -11.44 3.32 0.06
N LEU A 43 -10.49 2.42 0.28
CA LEU A 43 -9.07 2.78 0.40
C LEU A 43 -8.59 3.56 -0.84
N ARG A 44 -8.81 2.97 -2.03
CA ARG A 44 -8.48 3.63 -3.29
C ARG A 44 -9.11 5.03 -3.37
N GLY A 45 -10.35 5.17 -2.91
CA GLY A 45 -11.02 6.46 -2.90
C GLY A 45 -10.29 7.51 -2.07
N ILE A 46 -9.64 7.08 -0.99
CA ILE A 46 -8.88 7.99 -0.13
C ILE A 46 -7.43 8.21 -0.64
N PHE A 47 -6.77 7.13 -1.05
CA PHE A 47 -5.34 7.17 -1.43
C PHE A 47 -5.10 7.68 -2.87
N GLU A 48 -6.04 7.42 -3.78
CA GLU A 48 -5.90 7.83 -5.20
C GLU A 48 -5.61 9.35 -5.34
N PRO A 49 -6.36 10.25 -4.64
CA PRO A 49 -6.10 11.70 -4.66
C PRO A 49 -4.64 12.10 -4.34
N PHE A 50 -3.88 11.20 -3.73
CA PHE A 50 -2.47 11.48 -3.42
C PHE A 50 -1.55 11.21 -4.63
N GLY A 51 -1.94 10.27 -5.48
CA GLY A 51 -1.16 9.95 -6.66
C GLY A 51 -1.91 9.03 -7.62
N ARG A 52 -1.60 7.73 -7.57
CA ARG A 52 -2.35 6.72 -8.33
C ARG A 52 -2.03 5.30 -7.85
N ILE A 53 -3.07 4.48 -7.72
CA ILE A 53 -2.90 3.08 -7.32
C ILE A 53 -2.88 2.15 -8.55
N GLU A 54 -1.87 1.28 -8.62
CA GLU A 54 -1.82 0.25 -9.66
C GLU A 54 -2.76 -0.91 -9.31
N SER A 55 -2.55 -1.47 -8.12
CA SER A 55 -3.36 -2.60 -7.63
C SER A 55 -3.46 -2.59 -6.09
N ILE A 56 -4.56 -3.10 -5.56
CA ILE A 56 -4.73 -3.21 -4.11
C ILE A 56 -4.92 -4.68 -3.68
N GLN A 57 -4.11 -5.12 -2.73
CA GLN A 57 -4.26 -6.45 -2.12
C GLN A 57 -4.94 -6.33 -0.75
N LEU A 58 -6.11 -6.94 -0.61
CA LEU A 58 -6.84 -6.92 0.65
C LEU A 58 -6.58 -8.20 1.43
N MET A 59 -6.24 -8.08 2.71
CA MET A 59 -5.79 -9.23 3.48
C MET A 59 -6.96 -9.90 4.21
N MET A 60 -7.52 -10.91 3.55
CA MET A 60 -8.64 -11.68 4.10
C MET A 60 -8.39 -13.20 3.94
N ASP A 61 -9.19 -14.01 4.63
CA ASP A 61 -9.01 -15.46 4.63
C ASP A 61 -10.00 -16.13 3.66
N SER A 62 -9.51 -16.57 2.51
CA SER A 62 -10.37 -17.14 1.45
C SER A 62 -10.72 -18.62 1.71
N GLU A 63 -10.33 -19.15 2.86
CA GLU A 63 -10.67 -20.54 3.22
C GLU A 63 -11.92 -20.58 4.12
N THR A 64 -11.85 -19.84 5.23
CA THR A 64 -12.94 -19.78 6.22
C THR A 64 -13.97 -18.70 5.86
N GLY A 65 -13.56 -17.71 5.08
CA GLY A 65 -14.45 -16.63 4.69
C GLY A 65 -14.46 -15.50 5.72
N ARG A 66 -13.27 -15.08 6.15
CA ARG A 66 -13.11 -14.03 7.16
C ARG A 66 -12.15 -12.93 6.67
N SER A 67 -11.92 -11.91 7.51
CA SER A 67 -11.03 -10.80 7.15
C SER A 67 -9.94 -10.61 8.21
N LYS A 68 -8.71 -10.32 7.78
CA LYS A 68 -7.60 -10.08 8.71
C LYS A 68 -7.57 -8.61 9.16
N GLY A 69 -7.99 -7.70 8.29
CA GLY A 69 -8.08 -6.28 8.65
C GLY A 69 -6.93 -5.43 8.12
N TYR A 70 -6.16 -5.99 7.19
CA TYR A 70 -5.04 -5.25 6.58
C TYR A 70 -5.22 -5.17 5.04
N GLY A 71 -4.52 -4.22 4.42
CA GLY A 71 -4.52 -4.12 2.97
C GLY A 71 -3.22 -3.54 2.42
N PHE A 72 -2.63 -4.20 1.44
CA PHE A 72 -1.39 -3.73 0.81
C PHE A 72 -1.69 -2.99 -0.51
N ILE A 73 -1.54 -1.66 -0.48
CA ILE A 73 -1.86 -0.83 -1.65
C ILE A 73 -0.59 -0.44 -2.44
N THR A 74 -0.61 -0.69 -3.74
CA THR A 74 0.55 -0.40 -4.60
C THR A 74 0.34 0.89 -5.42
N PHE A 75 1.25 1.85 -5.27
CA PHE A 75 1.21 3.11 -6.03
C PHE A 75 2.18 3.07 -7.22
N SER A 76 1.85 3.82 -8.27
CA SER A 76 2.70 3.86 -9.47
C SER A 76 3.93 4.75 -9.25
N ASP A 77 3.99 5.41 -8.09
CA ASP A 77 5.11 6.28 -7.73
C ASP A 77 5.45 6.18 -6.24
N SER A 78 6.73 6.34 -5.92
CA SER A 78 7.22 6.24 -4.54
C SER A 78 6.80 7.44 -3.69
N GLU A 79 6.90 8.64 -4.25
CA GLU A 79 6.58 9.87 -3.51
C GLU A 79 5.09 9.98 -3.23
N CYS A 80 4.25 9.56 -4.19
CA CYS A 80 2.79 9.52 -4.00
C CYS A 80 2.43 8.68 -2.76
N ALA A 81 3.06 7.52 -2.63
CA ALA A 81 2.84 6.63 -1.48
C ALA A 81 3.40 7.24 -0.19
N LYS A 82 4.57 7.86 -0.31
CA LYS A 82 5.22 8.53 0.84
C LYS A 82 4.30 9.62 1.43
N LYS A 83 3.70 10.42 0.55
CA LYS A 83 2.78 11.49 0.95
C LYS A 83 1.52 10.93 1.62
N ALA A 84 0.89 9.95 0.97
CA ALA A 84 -0.32 9.29 1.51
C ALA A 84 -0.07 8.76 2.92
N LEU A 85 1.05 8.06 3.10
CA LEU A 85 1.47 7.57 4.41
C LEU A 85 1.62 8.75 5.40
N GLU A 86 2.36 9.77 4.98
CA GLU A 86 2.69 10.92 5.84
C GLU A 86 1.42 11.57 6.44
N GLN A 87 0.32 11.58 5.68
CA GLN A 87 -0.93 12.18 6.15
C GLN A 87 -1.88 11.17 6.82
N LEU A 88 -2.00 9.99 6.22
CA LEU A 88 -3.03 9.02 6.63
C LEU A 88 -2.58 8.10 7.78
N ASN A 89 -1.27 8.00 8.03
CA ASN A 89 -0.78 7.16 9.12
C ASN A 89 -1.11 7.79 10.48
N GLY A 90 -2.07 7.17 11.18
CA GLY A 90 -2.58 7.73 12.44
C GLY A 90 -3.99 8.28 12.29
N PHE A 91 -4.43 8.45 11.04
CA PHE A 91 -5.77 8.97 10.73
C PHE A 91 -6.88 8.01 11.18
N GLU A 92 -7.91 8.56 11.82
CA GLU A 92 -9.06 7.74 12.25
C GLU A 92 -9.94 7.35 11.05
N LEU A 93 -9.71 6.15 10.51
CA LEU A 93 -10.44 5.67 9.33
C LEU A 93 -11.92 5.42 9.66
N ALA A 94 -12.20 4.30 10.31
CA ALA A 94 -13.57 3.92 10.67
C ALA A 94 -13.81 4.07 12.17
N GLY A 95 -13.38 5.21 12.71
CA GLY A 95 -13.44 5.42 14.16
C GLY A 95 -12.22 4.83 14.88
N ARG A 96 -11.30 4.28 14.09
CA ARG A 96 -10.07 3.67 14.60
C ARG A 96 -8.85 4.25 13.87
N PRO A 97 -7.74 4.50 14.60
CA PRO A 97 -6.48 4.98 14.00
C PRO A 97 -5.96 4.01 12.92
N MET A 98 -5.55 4.55 11.78
CA MET A 98 -5.14 3.74 10.64
C MET A 98 -3.61 3.59 10.58
N LYS A 99 -3.14 2.35 10.61
CA LYS A 99 -1.70 2.06 10.57
C LYS A 99 -1.22 1.94 9.12
N VAL A 100 -0.60 3.00 8.61
CA VAL A 100 -0.07 3.02 7.25
C VAL A 100 1.46 3.05 7.25
N GLY A 101 2.08 1.91 6.99
CA GLY A 101 3.55 1.84 6.95
C GLY A 101 4.07 1.38 5.59
N HIS A 102 5.14 2.00 5.12
CA HIS A 102 5.74 1.65 3.83
C HIS A 102 6.55 0.34 3.90
N VAL A 103 5.91 -0.72 4.41
CA VAL A 103 6.56 -2.01 4.63
C VAL A 103 7.94 -1.85 5.28
N THR A 104 7.94 -1.60 6.58
CA THR A 104 9.18 -1.31 7.31
C THR A 104 10.11 -2.52 7.41
N GLU A 105 11.41 -2.26 7.45
CA GLU A 105 12.42 -3.32 7.57
C GLU A 105 12.15 -4.21 8.79
N ARG A 106 11.63 -3.62 9.87
CA ARG A 106 11.31 -4.37 11.08
C ARG A 106 9.89 -4.95 11.02
N THR A 107 9.07 -4.46 10.10
CA THR A 107 7.68 -4.92 9.89
C THR A 107 6.74 -4.45 11.02
N ASP A 108 7.10 -4.77 12.27
CA ASP A 108 6.37 -4.30 13.46
C ASP A 108 4.96 -4.91 13.59
#